data_8BAG
# 
_entry.id   8BAG 
# 
_audit_conform.dict_name       mmcif_pdbx.dic 
_audit_conform.dict_version    5.380 
_audit_conform.dict_location   http://mmcif.pdb.org/dictionaries/ascii/mmcif_pdbx.dic 
# 
loop_
_database_2.database_id 
_database_2.database_code 
_database_2.pdbx_database_accession 
_database_2.pdbx_DOI 
PDB   8BAG         pdb_00008bag 10.2210/pdb8bag/pdb 
WWPDB D_1292125050 ?            ?                   
# 
_pdbx_database_status.status_code                     REL 
_pdbx_database_status.status_code_sf                  REL 
_pdbx_database_status.status_code_mr                  ? 
_pdbx_database_status.entry_id                        8BAG 
_pdbx_database_status.recvd_initial_deposition_date   2022-10-11 
_pdbx_database_status.SG_entry                        N 
_pdbx_database_status.deposit_site                    PDBE 
_pdbx_database_status.process_site                    PDBE 
_pdbx_database_status.status_code_cs                  ? 
_pdbx_database_status.status_code_nmr_data            ? 
_pdbx_database_status.methods_development_category    ? 
_pdbx_database_status.pdb_format_compatible           Y 
# 
loop_
_audit_author.name 
_audit_author.pdbx_ordinal 
_audit_author.identifier_ORCID 
'Lambert, M.C.' 1 0000-0002-2860-8689 
'Hall, J.P.'    2 0000-0003-3716-4378 
# 
_citation.abstract                  ? 
_citation.abstract_id_CAS           ? 
_citation.book_id_ISBN              ? 
_citation.book_publisher            ? 
_citation.book_publisher_city       ? 
_citation.book_title                ? 
_citation.coordinate_linkage        ? 
_citation.country                   ? 
_citation.database_id_Medline       ? 
_citation.details                   ? 
_citation.id                        primary 
_citation.journal_abbrev            'To Be Published' 
_citation.journal_id_ASTM           ? 
_citation.journal_id_CSD            0353 
_citation.journal_id_ISSN           ? 
_citation.journal_full              ? 
_citation.journal_issue             ? 
_citation.journal_volume            ? 
_citation.language                  ? 
_citation.page_first                ? 
_citation.page_last                 ? 
_citation.title                     'Oxidative damage induce copper(II)-DNA binding' 
_citation.year                      ? 
_citation.database_id_CSD           ? 
_citation.pdbx_database_id_DOI      ? 
_citation.pdbx_database_id_PubMed   ? 
_citation.pdbx_database_id_patent   ? 
_citation.unpublished_flag          ? 
# 
loop_
_citation_author.citation_id 
_citation_author.name 
_citation_author.ordinal 
_citation_author.identifier_ORCID 
primary 'Lambert, M.C.' 1 0000-0002-2860-8689 
primary 'Brazier, J.A.' 2 0000-0002-4952-584X 
primary 'Cardin, C.J.'  3 0000-0002-2556-9995 
primary 'Hall, J.P.'    4 0000-0003-3716-4378 
# 
_cell.angle_alpha                  90.000 
_cell.angle_alpha_esd              ? 
_cell.angle_beta                   90.000 
_cell.angle_beta_esd               ? 
_cell.angle_gamma                  90.000 
_cell.angle_gamma_esd              ? 
_cell.entry_id                     8BAG 
_cell.details                      ? 
_cell.formula_units_Z              ? 
_cell.length_a                     21.990 
_cell.length_a_esd                 ? 
_cell.length_b                     58.870 
_cell.length_b_esd                 ? 
_cell.length_c                     45.460 
_cell.length_c_esd                 ? 
_cell.volume                       58850.302 
_cell.volume_esd                   ? 
_cell.Z_PDB                        16 
_cell.reciprocal_angle_alpha       ? 
_cell.reciprocal_angle_beta        ? 
_cell.reciprocal_angle_gamma       ? 
_cell.reciprocal_angle_alpha_esd   ? 
_cell.reciprocal_angle_beta_esd    ? 
_cell.reciprocal_angle_gamma_esd   ? 
_cell.reciprocal_length_a          ? 
_cell.reciprocal_length_b          ? 
_cell.reciprocal_length_c          ? 
_cell.reciprocal_length_a_esd      ? 
_cell.reciprocal_length_b_esd      ? 
_cell.reciprocal_length_c_esd      ? 
_cell.pdbx_unique_axis             ? 
_cell.pdbx_esd_method              ? 
# 
_symmetry.entry_id                         8BAG 
_symmetry.cell_setting                     ? 
_symmetry.Int_Tables_number                20 
_symmetry.space_group_name_Hall            'C 2c 2' 
_symmetry.space_group_name_H-M             'C 2 2 21' 
_symmetry.pdbx_full_space_group_name_H-M   ? 
# 
loop_
_entity.id 
_entity.type 
_entity.src_method 
_entity.pdbx_description 
_entity.formula_weight 
_entity.pdbx_number_of_molecules 
_entity.pdbx_ec 
_entity.pdbx_mutation 
_entity.pdbx_fragment 
_entity.details 
1 polymer     syn 
;DNA (5'-D(*(8OG)P*CP*AP*TP*GP*CP*T)-3')
;
2129.410 2  ? ? ? ? 
2 non-polymer syn 'COBALT HEXAMMINE(III)'                   161.116  4  ? ? ? ? 
3 non-polymer syn 'COPPER (II) ION'                         63.546   2  ? ? ? ? 
4 water       nat water                                     18.015   51 ? ? ? ? 
# 
_entity_poly.entity_id                      1 
_entity_poly.type                           polydeoxyribonucleotide 
_entity_poly.nstd_linkage                   no 
_entity_poly.nstd_monomer                   yes 
_entity_poly.pdbx_seq_one_letter_code       '(8OG)(DC)(DA)(DT)(DG)(DC)(DT)' 
_entity_poly.pdbx_seq_one_letter_code_can   GCATGCT 
_entity_poly.pdbx_strand_id                 A,B 
_entity_poly.pdbx_target_identifier         ? 
# 
loop_
_entity_poly_seq.entity_id 
_entity_poly_seq.num 
_entity_poly_seq.mon_id 
_entity_poly_seq.hetero 
1 1 8OG n 
1 2 DC  n 
1 3 DA  n 
1 4 DT  n 
1 5 DG  n 
1 6 DC  n 
1 7 DT  n 
# 
_pdbx_entity_src_syn.entity_id              1 
_pdbx_entity_src_syn.pdbx_src_id            1 
_pdbx_entity_src_syn.pdbx_alt_source_flag   sample 
_pdbx_entity_src_syn.pdbx_beg_seq_num       1 
_pdbx_entity_src_syn.pdbx_end_seq_num       7 
_pdbx_entity_src_syn.organism_scientific    'synthetic construct' 
_pdbx_entity_src_syn.organism_common_name   ? 
_pdbx_entity_src_syn.ncbi_taxonomy_id       32630 
_pdbx_entity_src_syn.details                ? 
# 
_struct_ref.id                         1 
_struct_ref.db_name                    PDB 
_struct_ref.db_code                    8BAG 
_struct_ref.pdbx_db_accession          8BAG 
_struct_ref.pdbx_db_isoform            ? 
_struct_ref.entity_id                  1 
_struct_ref.pdbx_seq_one_letter_code   ? 
_struct_ref.pdbx_align_begin           1 
# 
loop_
_struct_ref_seq.align_id 
_struct_ref_seq.ref_id 
_struct_ref_seq.pdbx_PDB_id_code 
_struct_ref_seq.pdbx_strand_id 
_struct_ref_seq.seq_align_beg 
_struct_ref_seq.pdbx_seq_align_beg_ins_code 
_struct_ref_seq.seq_align_end 
_struct_ref_seq.pdbx_seq_align_end_ins_code 
_struct_ref_seq.pdbx_db_accession 
_struct_ref_seq.db_align_beg 
_struct_ref_seq.pdbx_db_align_beg_ins_code 
_struct_ref_seq.db_align_end 
_struct_ref_seq.pdbx_db_align_end_ins_code 
_struct_ref_seq.pdbx_auth_seq_align_beg 
_struct_ref_seq.pdbx_auth_seq_align_end 
1 1 8BAG A 1 ? 7 ? 8BAG 1 ? 7 ? 1 7 
2 1 8BAG B 1 ? 7 ? 8BAG 1 ? 7 ? 1 7 
# 
loop_
_chem_comp.id 
_chem_comp.type 
_chem_comp.mon_nstd_flag 
_chem_comp.name 
_chem_comp.pdbx_synonyms 
_chem_comp.formula 
_chem_comp.formula_weight 
8OG 'DNA linking' n "8-OXO-2'-DEOXY-GUANOSINE-5'-MONOPHOSPHATE" "8-OXO-7,8-DIHYDRO-2'-DEOXY-GUANOSINE-5'-MONOPHOSPHATE" 
'C10 H14 N5 O8 P' 363.221 
CU  non-polymer   . 'COPPER (II) ION'                           ?                                                       'Cu 2' 
63.546  
DA  'DNA linking' y "2'-DEOXYADENOSINE-5'-MONOPHOSPHATE"        ?                                                       
'C10 H14 N5 O6 P' 331.222 
DC  'DNA linking' y "2'-DEOXYCYTIDINE-5'-MONOPHOSPHATE"         ?                                                       
'C9 H14 N3 O7 P'  307.197 
DG  'DNA linking' y "2'-DEOXYGUANOSINE-5'-MONOPHOSPHATE"        ?                                                       
'C10 H14 N5 O7 P' 347.221 
DT  'DNA linking' y "THYMIDINE-5'-MONOPHOSPHATE"                ?                                                       
'C10 H15 N2 O8 P' 322.208 
HOH non-polymer   . WATER                                       ?                                                       'H2 O' 
18.015  
NCO non-polymer   . 'COBALT HEXAMMINE(III)'                     ?                                                       
'Co H18 N6 3'     161.116 
# 
_exptl.absorpt_coefficient_mu     ? 
_exptl.absorpt_correction_T_max   ? 
_exptl.absorpt_correction_T_min   ? 
_exptl.absorpt_correction_type    ? 
_exptl.absorpt_process_details    ? 
_exptl.entry_id                   8BAG 
_exptl.crystals_number            1 
_exptl.details                    ? 
_exptl.method                     'X-RAY DIFFRACTION' 
_exptl.method_details             ? 
# 
_exptl_crystal.colour                       ? 
_exptl_crystal.density_diffrn               ? 
_exptl_crystal.density_Matthews             1.73 
_exptl_crystal.density_method               ? 
_exptl_crystal.density_percent_sol          28.79 
_exptl_crystal.description                  ? 
_exptl_crystal.F_000                        ? 
_exptl_crystal.id                           1 
_exptl_crystal.preparation                  ? 
_exptl_crystal.size_max                     ? 
_exptl_crystal.size_mid                     ? 
_exptl_crystal.size_min                     ? 
_exptl_crystal.size_rad                     ? 
_exptl_crystal.colour_lustre                ? 
_exptl_crystal.colour_modifier              ? 
_exptl_crystal.colour_primary               ? 
_exptl_crystal.density_meas                 ? 
_exptl_crystal.density_meas_esd             ? 
_exptl_crystal.density_meas_gt              ? 
_exptl_crystal.density_meas_lt              ? 
_exptl_crystal.density_meas_temp            ? 
_exptl_crystal.density_meas_temp_esd        ? 
_exptl_crystal.density_meas_temp_gt         ? 
_exptl_crystal.density_meas_temp_lt         ? 
_exptl_crystal.pdbx_crystal_image_url       ? 
_exptl_crystal.pdbx_crystal_image_format    ? 
_exptl_crystal.pdbx_mosaicity               ? 
_exptl_crystal.pdbx_mosaicity_esd           ? 
_exptl_crystal.pdbx_mosaic_method           ? 
_exptl_crystal.pdbx_mosaic_block_size       ? 
_exptl_crystal.pdbx_mosaic_block_size_esd   ? 
# 
_exptl_crystal_grow.apparatus       ? 
_exptl_crystal_grow.atmosphere      ? 
_exptl_crystal_grow.crystal_id      1 
_exptl_crystal_grow.details         ? 
_exptl_crystal_grow.method          'VAPOR DIFFUSION, SITTING DROP' 
_exptl_crystal_grow.method_ref      ? 
_exptl_crystal_grow.pH              5.7 
_exptl_crystal_grow.pressure        ? 
_exptl_crystal_grow.pressure_esd    ? 
_exptl_crystal_grow.seeding         ? 
_exptl_crystal_grow.seeding_ref     ? 
_exptl_crystal_grow.temp            291 
_exptl_crystal_grow.temp_details    ? 
_exptl_crystal_grow.temp_esd        ? 
_exptl_crystal_grow.time            ? 
_exptl_crystal_grow.pdbx_details    
;2 ul 40 mM sodium cacodylate, 1 ul 80 mM hexammine (III) cobalt, 1 ul 10% MPD, 2 ul 800 mM potassium chloride, ul 30 mM sodium chloride, 2 ul 1 mM DNA
;
_exptl_crystal_grow.pdbx_pH_range   ? 
# 
_diffrn.ambient_environment              ? 
_diffrn.ambient_temp                     100 
_diffrn.ambient_temp_details             ? 
_diffrn.ambient_temp_esd                 ? 
_diffrn.crystal_id                       1 
_diffrn.crystal_support                  ? 
_diffrn.crystal_treatment                ? 
_diffrn.details                          ? 
_diffrn.id                               1 
_diffrn.ambient_pressure                 ? 
_diffrn.ambient_pressure_esd             ? 
_diffrn.ambient_pressure_gt              ? 
_diffrn.ambient_pressure_lt              ? 
_diffrn.ambient_temp_gt                  ? 
_diffrn.ambient_temp_lt                  ? 
_diffrn.pdbx_serial_crystal_experiment   N 
# 
_diffrn_detector.details                      ? 
_diffrn_detector.detector                     PIXEL 
_diffrn_detector.diffrn_id                    1 
_diffrn_detector.type                         'DECTRIS EIGER2 S 16M' 
_diffrn_detector.area_resol_mean              ? 
_diffrn_detector.dtime                        ? 
_diffrn_detector.pdbx_frames_total            ? 
_diffrn_detector.pdbx_collection_time_total   ? 
_diffrn_detector.pdbx_collection_date         2021-11-25 
_diffrn_detector.pdbx_frequency               ? 
# 
_diffrn_radiation.collimation                      ? 
_diffrn_radiation.diffrn_id                        1 
_diffrn_radiation.filter_edge                      ? 
_diffrn_radiation.inhomogeneity                    ? 
_diffrn_radiation.monochromator                    ? 
_diffrn_radiation.polarisn_norm                    ? 
_diffrn_radiation.polarisn_ratio                   ? 
_diffrn_radiation.probe                            ? 
_diffrn_radiation.type                             ? 
_diffrn_radiation.xray_symbol                      ? 
_diffrn_radiation.wavelength_id                    1 
_diffrn_radiation.pdbx_monochromatic_or_laue_m_l   M 
_diffrn_radiation.pdbx_wavelength_list             ? 
_diffrn_radiation.pdbx_wavelength                  ? 
_diffrn_radiation.pdbx_diffrn_protocol             'SINGLE WAVELENGTH' 
_diffrn_radiation.pdbx_analyzer                    ? 
_diffrn_radiation.pdbx_scattering_type             x-ray 
# 
_diffrn_radiation_wavelength.id           1 
_diffrn_radiation_wavelength.wavelength   0.97624 
_diffrn_radiation_wavelength.wt           1.0 
# 
_diffrn_source.current                     ? 
_diffrn_source.details                     ? 
_diffrn_source.diffrn_id                   1 
_diffrn_source.power                       ? 
_diffrn_source.size                        ? 
_diffrn_source.source                      SYNCHROTRON 
_diffrn_source.target                      ? 
_diffrn_source.type                        'DIAMOND BEAMLINE I03' 
_diffrn_source.voltage                     ? 
_diffrn_source.take-off_angle              ? 
_diffrn_source.pdbx_wavelength_list        0.97624 
_diffrn_source.pdbx_wavelength             ? 
_diffrn_source.pdbx_synchrotron_beamline   I03 
_diffrn_source.pdbx_synchrotron_site       Diamond 
# 
_reflns.B_iso_Wilson_estimate                          11.75 
_reflns.entry_id                                       8BAG 
_reflns.data_reduction_details                         ? 
_reflns.data_reduction_method                          ? 
_reflns.d_resolution_high                              1.13 
_reflns.d_resolution_low                               29.43 
_reflns.details                                        ? 
_reflns.limit_h_max                                    ? 
_reflns.limit_h_min                                    ? 
_reflns.limit_k_max                                    ? 
_reflns.limit_k_min                                    ? 
_reflns.limit_l_max                                    ? 
_reflns.limit_l_min                                    ? 
_reflns.number_all                                     ? 
_reflns.number_obs                                     11191 
_reflns.observed_criterion                             ? 
_reflns.observed_criterion_F_max                       ? 
_reflns.observed_criterion_F_min                       ? 
_reflns.observed_criterion_I_max                       ? 
_reflns.observed_criterion_I_min                       ? 
_reflns.observed_criterion_sigma_F                     ? 
_reflns.observed_criterion_sigma_I                     ? 
_reflns.percent_possible_obs                           97.89 
_reflns.R_free_details                                 ? 
_reflns.Rmerge_F_all                                   ? 
_reflns.Rmerge_F_obs                                   ? 
_reflns.Friedel_coverage                               ? 
_reflns.number_gt                                      ? 
_reflns.threshold_expression                           ? 
_reflns.pdbx_redundancy                                1 
_reflns.pdbx_Rmerge_I_obs                              0.070 
_reflns.pdbx_Rmerge_I_all                              ? 
_reflns.pdbx_Rsym_value                                ? 
_reflns.pdbx_netI_over_av_sigmaI                       ? 
_reflns.pdbx_netI_over_sigmaI                          15.3 
_reflns.pdbx_res_netI_over_av_sigmaI_2                 ? 
_reflns.pdbx_res_netI_over_sigmaI_2                    ? 
_reflns.pdbx_chi_squared                               ? 
_reflns.pdbx_scaling_rejects                           ? 
_reflns.pdbx_d_res_high_opt                            ? 
_reflns.pdbx_d_res_low_opt                             ? 
_reflns.pdbx_d_res_opt_method                          ? 
_reflns.phase_calculation_details                      ? 
_reflns.pdbx_Rrim_I_all                                ? 
_reflns.pdbx_Rpim_I_all                                ? 
_reflns.pdbx_d_opt                                     ? 
_reflns.pdbx_number_measured_all                       ? 
_reflns.pdbx_diffrn_id                                 1 
_reflns.pdbx_ordinal                                   1 
_reflns.pdbx_CC_half                                   0.999 
_reflns.pdbx_CC_star                                   ? 
_reflns.pdbx_R_split                                   ? 
_reflns.pdbx_aniso_diffraction_limit_axis_1_ortho[1]   ? 
_reflns.pdbx_aniso_diffraction_limit_axis_1_ortho[2]   ? 
_reflns.pdbx_aniso_diffraction_limit_axis_1_ortho[3]   ? 
_reflns.pdbx_aniso_diffraction_limit_axis_2_ortho[1]   ? 
_reflns.pdbx_aniso_diffraction_limit_axis_2_ortho[2]   ? 
_reflns.pdbx_aniso_diffraction_limit_axis_2_ortho[3]   ? 
_reflns.pdbx_aniso_diffraction_limit_axis_3_ortho[1]   ? 
_reflns.pdbx_aniso_diffraction_limit_axis_3_ortho[2]   ? 
_reflns.pdbx_aniso_diffraction_limit_axis_3_ortho[3]   ? 
_reflns.pdbx_aniso_diffraction_limit_1                 ? 
_reflns.pdbx_aniso_diffraction_limit_2                 ? 
_reflns.pdbx_aniso_diffraction_limit_3                 ? 
_reflns.pdbx_aniso_B_tensor_eigenvector_1_ortho[1]     ? 
_reflns.pdbx_aniso_B_tensor_eigenvector_1_ortho[2]     ? 
_reflns.pdbx_aniso_B_tensor_eigenvector_1_ortho[3]     ? 
_reflns.pdbx_aniso_B_tensor_eigenvector_2_ortho[1]     ? 
_reflns.pdbx_aniso_B_tensor_eigenvector_2_ortho[2]     ? 
_reflns.pdbx_aniso_B_tensor_eigenvector_2_ortho[3]     ? 
_reflns.pdbx_aniso_B_tensor_eigenvector_3_ortho[1]     ? 
_reflns.pdbx_aniso_B_tensor_eigenvector_3_ortho[2]     ? 
_reflns.pdbx_aniso_B_tensor_eigenvector_3_ortho[3]     ? 
_reflns.pdbx_aniso_B_tensor_eigenvalue_1               ? 
_reflns.pdbx_aniso_B_tensor_eigenvalue_2               ? 
_reflns.pdbx_aniso_B_tensor_eigenvalue_3               ? 
_reflns.pdbx_orthogonalization_convention              ? 
_reflns.pdbx_percent_possible_ellipsoidal              ? 
_reflns.pdbx_percent_possible_spherical                ? 
_reflns.pdbx_percent_possible_ellipsoidal_anomalous    ? 
_reflns.pdbx_percent_possible_spherical_anomalous      ? 
_reflns.pdbx_redundancy_anomalous                      ? 
_reflns.pdbx_CC_half_anomalous                         ? 
_reflns.pdbx_absDiff_over_sigma_anomalous              ? 
_reflns.pdbx_percent_possible_anomalous                ? 
_reflns.pdbx_observed_signal_threshold                 ? 
_reflns.pdbx_signal_type                               ? 
_reflns.pdbx_signal_details                            ? 
_reflns.pdbx_signal_software_id                        ? 
_reflns.pdbx_CC_split_method                           ? 
# 
_reflns_shell.d_res_high                                    1.13 
_reflns_shell.d_res_low                                     1.15 
_reflns_shell.meanI_over_sigI_all                           ? 
_reflns_shell.meanI_over_sigI_obs                           ? 
_reflns_shell.number_measured_all                           ? 
_reflns_shell.number_measured_obs                           ? 
_reflns_shell.number_possible                               ? 
_reflns_shell.number_unique_all                             ? 
_reflns_shell.number_unique_obs                             495 
_reflns_shell.percent_possible_all                          ? 
_reflns_shell.percent_possible_obs                          ? 
_reflns_shell.Rmerge_F_all                                  ? 
_reflns_shell.Rmerge_F_obs                                  ? 
_reflns_shell.Rmerge_I_all                                  ? 
_reflns_shell.Rmerge_I_obs                                  0.964 
_reflns_shell.meanI_over_sigI_gt                            ? 
_reflns_shell.meanI_over_uI_all                             ? 
_reflns_shell.meanI_over_uI_gt                              ? 
_reflns_shell.number_measured_gt                            ? 
_reflns_shell.number_unique_gt                              ? 
_reflns_shell.percent_possible_gt                           ? 
_reflns_shell.Rmerge_F_gt                                   ? 
_reflns_shell.Rmerge_I_gt                                   ? 
_reflns_shell.pdbx_redundancy                               ? 
_reflns_shell.pdbx_Rsym_value                               ? 
_reflns_shell.pdbx_chi_squared                              ? 
_reflns_shell.pdbx_netI_over_sigmaI_all                     ? 
_reflns_shell.pdbx_netI_over_sigmaI_obs                     ? 
_reflns_shell.pdbx_Rrim_I_all                               ? 
_reflns_shell.pdbx_Rpim_I_all                               ? 
_reflns_shell.pdbx_rejects                                  ? 
_reflns_shell.pdbx_ordinal                                  1 
_reflns_shell.pdbx_diffrn_id                                1 
_reflns_shell.pdbx_CC_half                                  0.756 
_reflns_shell.pdbx_CC_star                                  ? 
_reflns_shell.pdbx_R_split                                  ? 
_reflns_shell.pdbx_percent_possible_ellipsoidal             ? 
_reflns_shell.pdbx_percent_possible_spherical               ? 
_reflns_shell.pdbx_percent_possible_ellipsoidal_anomalous   ? 
_reflns_shell.pdbx_percent_possible_spherical_anomalous     ? 
_reflns_shell.pdbx_redundancy_anomalous                     ? 
_reflns_shell.pdbx_CC_half_anomalous                        ? 
_reflns_shell.pdbx_absDiff_over_sigma_anomalous             ? 
_reflns_shell.pdbx_percent_possible_anomalous               ? 
# 
_refine.aniso_B[1][1]                            ? 
_refine.aniso_B[1][2]                            ? 
_refine.aniso_B[1][3]                            ? 
_refine.aniso_B[2][2]                            ? 
_refine.aniso_B[2][3]                            ? 
_refine.aniso_B[3][3]                            ? 
_refine.B_iso_max                                ? 
_refine.B_iso_mean                               23.66 
_refine.B_iso_min                                ? 
_refine.correlation_coeff_Fo_to_Fc               ? 
_refine.correlation_coeff_Fo_to_Fc_free          ? 
_refine.details                                  ? 
_refine.diff_density_max                         ? 
_refine.diff_density_max_esd                     ? 
_refine.diff_density_min                         ? 
_refine.diff_density_min_esd                     ? 
_refine.diff_density_rms                         ? 
_refine.diff_density_rms_esd                     ? 
_refine.entry_id                                 8BAG 
_refine.pdbx_refine_id                           'X-RAY DIFFRACTION' 
_refine.ls_abs_structure_details                 ? 
_refine.ls_abs_structure_Flack                   ? 
_refine.ls_abs_structure_Flack_esd               ? 
_refine.ls_abs_structure_Rogers                  ? 
_refine.ls_abs_structure_Rogers_esd              ? 
_refine.ls_d_res_high                            1.13 
_refine.ls_d_res_low                             29.43 
_refine.ls_extinction_coef                       ? 
_refine.ls_extinction_coef_esd                   ? 
_refine.ls_extinction_expression                 ? 
_refine.ls_extinction_method                     ? 
_refine.ls_goodness_of_fit_all                   ? 
_refine.ls_goodness_of_fit_all_esd               ? 
_refine.ls_goodness_of_fit_obs                   ? 
_refine.ls_goodness_of_fit_obs_esd               ? 
_refine.ls_hydrogen_treatment                    ? 
_refine.ls_matrix_type                           ? 
_refine.ls_number_constraints                    ? 
_refine.ls_number_parameters                     ? 
_refine.ls_number_reflns_all                     ? 
_refine.ls_number_reflns_obs                     11162 
_refine.ls_number_reflns_R_free                  995 
_refine.ls_number_reflns_R_work                  19865 
_refine.ls_number_restraints                     ? 
_refine.ls_percent_reflns_obs                    97.66 
_refine.ls_percent_reflns_R_free                 4.77 
_refine.ls_R_factor_all                          ? 
_refine.ls_R_factor_obs                          0.1528 
_refine.ls_R_factor_R_free                       0.1724 
_refine.ls_R_factor_R_free_error                 ? 
_refine.ls_R_factor_R_free_error_details         ? 
_refine.ls_R_factor_R_work                       0.1518 
_refine.ls_R_Fsqd_factor_obs                     ? 
_refine.ls_R_I_factor_obs                        ? 
_refine.ls_redundancy_reflns_all                 ? 
_refine.ls_redundancy_reflns_obs                 ? 
_refine.ls_restrained_S_all                      ? 
_refine.ls_restrained_S_obs                      ? 
_refine.ls_shift_over_esd_max                    ? 
_refine.ls_shift_over_esd_mean                   ? 
_refine.ls_structure_factor_coef                 ? 
_refine.ls_weighting_details                     ? 
_refine.ls_weighting_scheme                      ? 
_refine.ls_wR_factor_all                         ? 
_refine.ls_wR_factor_obs                         ? 
_refine.ls_wR_factor_R_free                      ? 
_refine.ls_wR_factor_R_work                      ? 
_refine.occupancy_max                            ? 
_refine.occupancy_min                            ? 
_refine.solvent_model_details                    'FLAT BULK SOLVENT MODEL' 
_refine.solvent_model_param_bsol                 ? 
_refine.solvent_model_param_ksol                 ? 
_refine.pdbx_R_complete                          ? 
_refine.ls_R_factor_gt                           ? 
_refine.ls_goodness_of_fit_gt                    ? 
_refine.ls_goodness_of_fit_ref                   ? 
_refine.ls_shift_over_su_max                     ? 
_refine.ls_shift_over_su_max_lt                  ? 
_refine.ls_shift_over_su_mean                    ? 
_refine.ls_shift_over_su_mean_lt                 ? 
_refine.pdbx_ls_sigma_I                          ? 
_refine.pdbx_ls_sigma_F                          1.35 
_refine.pdbx_ls_sigma_Fsqd                       ? 
_refine.pdbx_data_cutoff_high_absF               ? 
_refine.pdbx_data_cutoff_high_rms_absF           ? 
_refine.pdbx_data_cutoff_low_absF                ? 
_refine.pdbx_isotropic_thermal_model             ? 
_refine.pdbx_ls_cross_valid_method               'FREE R-VALUE' 
_refine.pdbx_method_to_determine_struct          'MOLECULAR REPLACEMENT' 
_refine.pdbx_starting_model                      1MF5 
_refine.pdbx_stereochemistry_target_values       'GeoStd + Monomer Library + CDL v1.2' 
_refine.pdbx_R_Free_selection_details            ? 
_refine.pdbx_stereochem_target_val_spec_case     ? 
_refine.pdbx_overall_ESU_R                       ? 
_refine.pdbx_overall_ESU_R_Free                  ? 
_refine.pdbx_solvent_vdw_probe_radii             1.1000 
_refine.pdbx_solvent_ion_probe_radii             ? 
_refine.pdbx_solvent_shrinkage_radii             0.9000 
_refine.pdbx_real_space_R                        ? 
_refine.pdbx_density_correlation                 ? 
_refine.pdbx_pd_number_of_powder_patterns        ? 
_refine.pdbx_pd_number_of_points                 ? 
_refine.pdbx_pd_meas_number_of_points            ? 
_refine.pdbx_pd_proc_ls_prof_R_factor            ? 
_refine.pdbx_pd_proc_ls_prof_wR_factor           ? 
_refine.pdbx_pd_Marquardt_correlation_coeff      ? 
_refine.pdbx_pd_Fsqrd_R_factor                   ? 
_refine.pdbx_pd_ls_matrix_band_width             ? 
_refine.pdbx_overall_phase_error                 24.7633 
_refine.pdbx_overall_SU_R_free_Cruickshank_DPI   ? 
_refine.pdbx_overall_SU_R_free_Blow_DPI          ? 
_refine.pdbx_overall_SU_R_Blow_DPI               ? 
_refine.pdbx_TLS_residual_ADP_flag               ? 
_refine.pdbx_diffrn_id                           1 
_refine.overall_SU_B                             ? 
_refine.overall_SU_ML                            0.0994 
_refine.overall_SU_R_Cruickshank_DPI             ? 
_refine.overall_SU_R_free                        ? 
_refine.overall_FOM_free_R_set                   ? 
_refine.overall_FOM_work_R_set                   ? 
_refine.pdbx_average_fsc_overall                 ? 
_refine.pdbx_average_fsc_work                    ? 
_refine.pdbx_average_fsc_free                    ? 
# 
_refine_hist.pdbx_refine_id                   'X-RAY DIFFRACTION' 
_refine_hist.cycle_id                         LAST 
_refine_hist.details                          ? 
_refine_hist.d_res_high                       1.13 
_refine_hist.d_res_low                        29.43 
_refine_hist.number_atoms_solvent             51 
_refine_hist.number_atoms_total               363 
_refine_hist.number_reflns_all                ? 
_refine_hist.number_reflns_obs                ? 
_refine_hist.number_reflns_R_free             ? 
_refine_hist.number_reflns_R_work             ? 
_refine_hist.R_factor_all                     ? 
_refine_hist.R_factor_obs                     ? 
_refine_hist.R_factor_R_free                  ? 
_refine_hist.R_factor_R_work                  ? 
_refine_hist.pdbx_number_residues_total       ? 
_refine_hist.pdbx_B_iso_mean_ligand           ? 
_refine_hist.pdbx_B_iso_mean_solvent          ? 
_refine_hist.pdbx_number_atoms_protein        0 
_refine_hist.pdbx_number_atoms_nucleic_acid   282 
_refine_hist.pdbx_number_atoms_ligand         30 
_refine_hist.pdbx_number_atoms_lipid          ? 
_refine_hist.pdbx_number_atoms_carb           ? 
_refine_hist.pdbx_pseudo_atom_details         ? 
# 
loop_
_refine_ls_restr.pdbx_refine_id 
_refine_ls_restr.criterion 
_refine_ls_restr.dev_ideal 
_refine_ls_restr.dev_ideal_target 
_refine_ls_restr.number 
_refine_ls_restr.rejects 
_refine_ls_restr.type 
_refine_ls_restr.weight 
_refine_ls_restr.pdbx_restraint_function 
'X-RAY DIFFRACTION' ? 0.0166  ? 344 ? f_bond_d           ? ? 
'X-RAY DIFFRACTION' ? 1.7557  ? 557 ? f_angle_d          ? ? 
'X-RAY DIFFRACTION' ? 0.0786  ? 54  ? f_chiral_restr     ? ? 
'X-RAY DIFFRACTION' ? 0.0117  ? 14  ? f_plane_restr      ? ? 
'X-RAY DIFFRACTION' ? 31.0925 ? 120 ? f_dihedral_angle_d ? ? 
# 
_refine_ls_restr_ncs.pdbx_refine_id      'X-RAY DIFFRACTION' 
_refine_ls_restr_ncs.dom_id              d_2 
_refine_ls_restr_ncs.ncs_model_details   ? 
_refine_ls_restr_ncs.rms_dev_B_iso       ? 
_refine_ls_restr_ncs.rms_dev_position    0.488060752785 
_refine_ls_restr_ncs.weight_B_iso        ? 
_refine_ls_restr_ncs.weight_position     ? 
_refine_ls_restr_ncs.pdbx_ordinal        1 
_refine_ls_restr_ncs.pdbx_type           'Torsion NCS' 
_refine_ls_restr_ncs.pdbx_asym_id        ? 
_refine_ls_restr_ncs.pdbx_auth_asym_id   A 
_refine_ls_restr_ncs.pdbx_number         ? 
_refine_ls_restr_ncs.pdbx_rms            ? 
_refine_ls_restr_ncs.pdbx_weight         ? 
_refine_ls_restr_ncs.pdbx_ens_id         ens_1 
# 
loop_
_refine_ls_shell.pdbx_refine_id 
_refine_ls_shell.d_res_high 
_refine_ls_shell.d_res_low 
_refine_ls_shell.number_reflns_all 
_refine_ls_shell.number_reflns_obs 
_refine_ls_shell.number_reflns_R_free 
_refine_ls_shell.number_reflns_R_work 
_refine_ls_shell.percent_reflns_obs 
_refine_ls_shell.percent_reflns_R_free 
_refine_ls_shell.R_factor_all 
_refine_ls_shell.R_factor_obs 
_refine_ls_shell.R_factor_R_free 
_refine_ls_shell.R_factor_R_free_error 
_refine_ls_shell.R_factor_R_work 
_refine_ls_shell.redundancy_reflns_all 
_refine_ls_shell.redundancy_reflns_obs 
_refine_ls_shell.wR_factor_all 
_refine_ls_shell.wR_factor_obs 
_refine_ls_shell.wR_factor_R_free 
_refine_ls_shell.wR_factor_R_work 
_refine_ls_shell.pdbx_R_complete 
_refine_ls_shell.pdbx_total_number_of_bins_used 
_refine_ls_shell.pdbx_phase_error 
_refine_ls_shell.pdbx_fsc_work 
_refine_ls_shell.pdbx_fsc_free 
'X-RAY DIFFRACTION' 1.13 1.19  . . 115 2647 91.46 . . . 0.2662 . 0.2422 . . . . . . . . . . . 
'X-RAY DIFFRACTION' 1.19 1.26  . . 109 2874 96.91 . . . 0.2018 . 0.1823 . . . . . . . . . . . 
'X-RAY DIFFRACTION' 1.26 1.36  . . 165 2836 98.30 . . . 0.1932 . 0.1624 . . . . . . . . . . . 
'X-RAY DIFFRACTION' 1.36 1.50  . . 158 2847 98.62 . . . 0.1848 . 0.1588 . . . . . . . . . . . 
'X-RAY DIFFRACTION' 1.50 1.72  . . 147 2871 99.08 . . . 0.1779 . 0.1498 . . . . . . . . . . . 
'X-RAY DIFFRACTION' 1.72 2.16  . . 148 2890 99.70 . . . 0.1881 . 0.1493 . . . . . . . . . . . 
'X-RAY DIFFRACTION' 2.16 29.43 . . 153 2900 99.64 . . . 0.1526 . 0.1402 . . . . . . . . . . . 
# 
_struct_ncs_oper.id             1 
_struct_ncs_oper.code           given 
_struct_ncs_oper.matrix[1][1]   0.79436366553 
_struct_ncs_oper.matrix[1][2]   -0.144201920210 
_struct_ncs_oper.matrix[1][3]   0.590078107625 
_struct_ncs_oper.matrix[2][1]   -0.139679487258 
_struct_ncs_oper.matrix[2][2]   -0.988745507742 
_struct_ncs_oper.matrix[2][3]   -0.053590687249 
_struct_ncs_oper.matrix[3][1]   0.591164958138 
_struct_ncs_oper.matrix[3][2]   -0.039851312754 
_struct_ncs_oper.matrix[3][3]   -0.805565556079 
_struct_ncs_oper.vector[1]      0.870770901611 
_struct_ncs_oper.vector[2]      2.59416094718 
_struct_ncs_oper.vector[3]      -1.0943480217 
_struct_ncs_oper.details        ? 
# 
loop_
_struct_ncs_dom.pdbx_ens_id 
_struct_ncs_dom.id 
_struct_ncs_dom.details 
ens_1 d_1 
;(chain "A" and resid 2 through 5)
;
ens_1 d_2 
;(chain "B" and resid 2 through 5)
;
# 
loop_
_struct_ncs_dom_lim.pdbx_ens_id 
_struct_ncs_dom_lim.dom_id 
_struct_ncs_dom_lim.pdbx_component_id 
_struct_ncs_dom_lim.beg_label_alt_id 
_struct_ncs_dom_lim.beg_label_asym_id 
_struct_ncs_dom_lim.beg_label_comp_id 
_struct_ncs_dom_lim.beg_label_seq_id 
_struct_ncs_dom_lim.end_label_alt_id 
_struct_ncs_dom_lim.end_label_asym_id 
_struct_ncs_dom_lim.end_label_comp_id 
_struct_ncs_dom_lim.end_label_seq_id 
_struct_ncs_dom_lim.beg_auth_asym_id 
_struct_ncs_dom_lim.beg_auth_seq_id 
_struct_ncs_dom_lim.end_auth_asym_id 
_struct_ncs_dom_lim.end_auth_seq_id 
_struct_ncs_dom_lim.pdbx_refine_code 
_struct_ncs_dom_lim.selection_details 
_struct_ncs_dom_lim.beg_auth_comp_id 
_struct_ncs_dom_lim.end_auth_comp_id 
ens_1 d_1 1 . A DC . . A DG . ? ? ? ? ? ? ? ? 
ens_1 d_2 1 . B DC . . B DG . ? ? ? ? ? ? ? ? 
# 
_struct_ncs_ens.id        ens_1 
_struct_ncs_ens.details   ? 
# 
_struct_ncs_ens_gen.ens_id     ens_1 
_struct_ncs_ens_gen.dom_id_1   d_2 
_struct_ncs_ens_gen.dom_id_2   d_1 
_struct_ncs_ens_gen.oper_id    1 
# 
_struct.entry_id                     8BAG 
_struct.title                        'Copper(II) bound to a non-canonical quadruplex containing the damaged base 8-oxoguanine' 
_struct.pdbx_model_details           ? 
_struct.pdbx_formula_weight          ? 
_struct.pdbx_formula_weight_method   ? 
_struct.pdbx_model_type_details      ? 
_struct.pdbx_CASP_flag               N 
# 
_struct_keywords.entry_id        8BAG 
_struct_keywords.text            DNA 
_struct_keywords.pdbx_keywords   DNA 
# 
loop_
_struct_asym.id 
_struct_asym.pdbx_blank_PDB_chainid_flag 
_struct_asym.pdbx_modified 
_struct_asym.entity_id 
_struct_asym.details 
A N N 1 ? 
B N N 1 ? 
C N N 2 ? 
D N N 2 ? 
E N N 2 ? 
F N N 2 ? 
G N N 3 ? 
H N N 3 ? 
I N N 4 ? 
J N N 4 ? 
# 
loop_
_struct_conn.id 
_struct_conn.conn_type_id 
_struct_conn.pdbx_leaving_atom_flag 
_struct_conn.pdbx_PDB_id 
_struct_conn.ptnr1_label_asym_id 
_struct_conn.ptnr1_label_comp_id 
_struct_conn.ptnr1_label_seq_id 
_struct_conn.ptnr1_label_atom_id 
_struct_conn.pdbx_ptnr1_label_alt_id 
_struct_conn.pdbx_ptnr1_PDB_ins_code 
_struct_conn.pdbx_ptnr1_standard_comp_id 
_struct_conn.ptnr1_symmetry 
_struct_conn.ptnr2_label_asym_id 
_struct_conn.ptnr2_label_comp_id 
_struct_conn.ptnr2_label_seq_id 
_struct_conn.ptnr2_label_atom_id 
_struct_conn.pdbx_ptnr2_label_alt_id 
_struct_conn.pdbx_ptnr2_PDB_ins_code 
_struct_conn.ptnr1_auth_asym_id 
_struct_conn.ptnr1_auth_comp_id 
_struct_conn.ptnr1_auth_seq_id 
_struct_conn.ptnr2_auth_asym_id 
_struct_conn.ptnr2_auth_comp_id 
_struct_conn.ptnr2_auth_seq_id 
_struct_conn.ptnr2_symmetry 
_struct_conn.pdbx_ptnr3_label_atom_id 
_struct_conn.pdbx_ptnr3_label_seq_id 
_struct_conn.pdbx_ptnr3_label_comp_id 
_struct_conn.pdbx_ptnr3_label_asym_id 
_struct_conn.pdbx_ptnr3_label_alt_id 
_struct_conn.pdbx_ptnr3_PDB_ins_code 
_struct_conn.details 
_struct_conn.pdbx_dist_value 
_struct_conn.pdbx_value_order 
_struct_conn.pdbx_role 
covale1 covale both ? A 8OG 1 "O3'" ? ? ? 1_555 A DC  2 P  ? ? A 8OG 1   A DC  2   1_555 ? ? ? ? ? ? ?                1.613 ? ? 
covale2 covale both ? B 8OG 1 "O3'" ? ? ? 1_555 B DC  2 P  ? ? B 8OG 1   B DC  2   1_555 ? ? ? ? ? ? ?                1.614 ? ? 
metalc1 metalc ?    ? A DG  5 N7    ? ? ? 1_555 G CU  . CU ? ? A DG  5   A CU  105 1_555 ? ? ? ? ? ? ?                2.185 ? ? 
metalc2 metalc ?    ? G CU  . CU    ? ? ? 1_555 I HOH . O  ? ? A CU  105 A HOH 202 1_555 ? ? ? ? ? ? ?                2.505 ? ? 
metalc3 metalc ?    ? B DG  5 N7    ? ? ? 1_555 H CU  . CU ? ? B DG  5   B CU  101 1_555 ? ? ? ? ? ? ?                2.185 ? ? 
hydrog1 hydrog ?    ? A 8OG 1 N2    ? ? ? 1_555 A DC  6 O2 ? ? A 8OG 1   A DC  6   1_555 ? ? ? ? ? ? '8OG-DC MISPAIR' ?     ? ? 
hydrog2 hydrog ?    ? A DC  2 O2    ? ? ? 1_555 A DG  5 N2 ? ? A DC  2   A DG  5   1_555 ? ? ? ? ? ? 'DC-DG PAIR'     ?     ? ? 
hydrog3 hydrog ?    ? B 8OG 1 N2    ? ? ? 1_555 B DC  6 O2 ? ? B 8OG 1   B DC  6   1_555 ? ? ? ? ? ? '8OG-DC MISPAIR' ?     ? ? 
hydrog4 hydrog ?    ? B DC  2 O2    ? ? ? 1_555 B DG  5 N2 ? ? B DC  2   B DG  5   1_555 ? ? ? ? ? ? 'DC-DG PAIR'     ?     ? ? 
# 
loop_
_struct_conn_type.id 
_struct_conn_type.criteria 
_struct_conn_type.reference 
covale ? ? 
metalc ? ? 
hydrog ? ? 
# 
_atom_sites.entry_id                    8BAG 
_atom_sites.Cartn_transf_matrix[1][1]   ? 
_atom_sites.Cartn_transf_matrix[1][2]   ? 
_atom_sites.Cartn_transf_matrix[1][3]   ? 
_atom_sites.Cartn_transf_matrix[2][1]   ? 
_atom_sites.Cartn_transf_matrix[2][2]   ? 
_atom_sites.Cartn_transf_matrix[2][3]   ? 
_atom_sites.Cartn_transf_matrix[3][1]   ? 
_atom_sites.Cartn_transf_matrix[3][2]   ? 
_atom_sites.Cartn_transf_matrix[3][3]   ? 
_atom_sites.Cartn_transf_vector[1]      ? 
_atom_sites.Cartn_transf_vector[2]      ? 
_atom_sites.Cartn_transf_vector[3]      ? 
_atom_sites.fract_transf_matrix[1][1]   0.04307476 
_atom_sites.fract_transf_matrix[1][2]   -0.00445123 
_atom_sites.fract_transf_matrix[1][3]   0.01388262 
_atom_sites.fract_transf_matrix[2][1]   0.00280844 
_atom_sites.fract_transf_matrix[2][2]   -0.01132542 
_atom_sites.fract_transf_matrix[2][3]   -0.01234527 
_atom_sites.fract_transf_matrix[3][1]   0.00604192 
_atom_sites.fract_transf_matrix[3][2]   0.01625273 
_atom_sites.fract_transf_matrix[3][3]   -0.01353559 
_atom_sites.fract_transf_vector[1]      0.070004 
_atom_sites.fract_transf_vector[2]      0.079438 
_atom_sites.fract_transf_vector[3]      0.219225 
_atom_sites.solution_primary            ? 
_atom_sites.solution_secondary          ? 
_atom_sites.solution_hydrogens          ? 
_atom_sites.special_details             ? 
# 
loop_
_atom_type.symbol 
_atom_type.scat_dispersion_real 
_atom_type.scat_dispersion_imag 
_atom_type.scat_Cromer_Mann_a1 
_atom_type.scat_Cromer_Mann_a2 
_atom_type.scat_Cromer_Mann_a3 
_atom_type.scat_Cromer_Mann_a4 
_atom_type.scat_Cromer_Mann_b1 
_atom_type.scat_Cromer_Mann_b2 
_atom_type.scat_Cromer_Mann_b3 
_atom_type.scat_Cromer_Mann_b4 
_atom_type.scat_Cromer_Mann_c 
_atom_type.scat_source 
_atom_type.scat_dispersion_source 
C  ? ? 3.54356  2.42580 ? ? 25.62398 1.50364  ? ? 0.0 
;2-Gaussian fit: Grosse-Kunstleve RW, Sauter NK, Adams PD: Newsletter of the IUCr Commission on Crystallographic Computing 2004, 3, 22-31.
;
? 
CO ? ? 21.85313 5.04979 ? ? 2.45200  36.11361 ? ? 0.0 
;2-Gaussian fit: Grosse-Kunstleve RW, Sauter NK, Adams PD: Newsletter of the IUCr Commission on Crystallographic Computing 2004, 3, 22-31.
;
? 
CU ? ? 23.42449 5.47274 ? ? 2.18335  24.96234 ? ? 0.0 
;2-Gaussian fit: Grosse-Kunstleve RW, Sauter NK, Adams PD: Newsletter of the IUCr Commission on Crystallographic Computing 2004, 3, 22-31.
;
? 
H  ? ? 0.51345  0.48472 ? ? 24.73122 6.32584  ? ? 0.0 
;2-Gaussian fit: Grosse-Kunstleve RW, Sauter NK, Adams PD: Newsletter of the IUCr Commission on Crystallographic Computing 2004, 3, 22-31.
;
? 
N  ? ? 4.01032  2.96436 ? ? 19.97189 1.75589  ? ? 0.0 
;2-Gaussian fit: Grosse-Kunstleve RW, Sauter NK, Adams PD: Newsletter of the IUCr Commission on Crystallographic Computing 2004, 3, 22-31.
;
? 
O  ? ? 4.49882  3.47563 ? ? 15.80542 1.70748  ? ? 0.0 
;2-Gaussian fit: Grosse-Kunstleve RW, Sauter NK, Adams PD: Newsletter of the IUCr Commission on Crystallographic Computing 2004, 3, 22-31.
;
? 
P  ? ? 9.51135  5.44231 ? ? 1.42069  35.72801 ? ? 0.0 
;2-Gaussian fit: Grosse-Kunstleve RW, Sauter NK, Adams PD: Newsletter of the IUCr Commission on Crystallographic Computing 2004, 3, 22-31.
;
? 
# 
loop_
_atom_site.group_PDB 
_atom_site.id 
_atom_site.type_symbol 
_atom_site.label_atom_id 
_atom_site.label_alt_id 
_atom_site.label_comp_id 
_atom_site.label_asym_id 
_atom_site.label_entity_id 
_atom_site.label_seq_id 
_atom_site.pdbx_PDB_ins_code 
_atom_site.Cartn_x 
_atom_site.Cartn_y 
_atom_site.Cartn_z 
_atom_site.occupancy 
_atom_site.B_iso_or_equiv 
_atom_site.pdbx_formal_charge 
_atom_site.auth_seq_id 
_atom_site.auth_comp_id 
_atom_site.auth_asym_id 
_atom_site.auth_atom_id 
_atom_site.pdbx_PDB_model_num 
HETATM 1   O  "O5'"  . 8OG A 1 1 ? -8.00522  -9.57177  -3.90987  1.000 32.59498 ? 1   8OG A "O5'"  1 
HETATM 2   C  "C5'"  . 8OG A 1 1 ? -6.97865  -10.54610 -4.20390  1.000 28.19125 ? 1   8OG A "C5'"  1 
HETATM 3   C  "C4'"  . 8OG A 1 1 ? -5.62396  -10.05134 -3.75105  1.000 26.00601 ? 1   8OG A "C4'"  1 
HETATM 4   O  "O4'"  . 8OG A 1 1 ? -5.07094  -9.17928  -4.75825  1.000 25.10298 ? 1   8OG A "O4'"  1 
HETATM 5   C  "C3'"  . 8OG A 1 1 ? -5.58976  -9.25951  -2.44698  1.000 25.60555 ? 1   8OG A "C3'"  1 
HETATM 6   O  "O3'"  . 8OG A 1 1 ? -4.36244  -9.56537  -1.80324  1.000 26.55332 ? 1   8OG A "O3'"  1 
HETATM 7   C  "C2'"  . 8OG A 1 1 ? -5.64669  -7.80993  -2.91600  1.000 25.27376 ? 1   8OG A "C2'"  1 
HETATM 8   C  "C1'"  . 8OG A 1 1 ? -4.88091  -7.86947  -4.22690  1.000 24.00255 ? 1   8OG A "C1'"  1 
HETATM 9   N  N9     . 8OG A 1 1 ? -5.32732  -6.94995  -5.25595  1.000 26.14652 ? 1   8OG A N9     1 
HETATM 10  C  C8     . 8OG A 1 1 ? -6.64322  -6.71513  -5.63451  1.000 26.96998 ? 1   8OG A C8     1 
HETATM 11  N  N7     . 8OG A 1 1 ? -6.58417  -5.83684  -6.66622  1.000 27.94031 ? 1   8OG A N7     1 
HETATM 12  C  C5     . 8OG A 1 1 ? -5.27857  -5.53742  -6.95900  1.000 26.12787 ? 1   8OG A C5     1 
HETATM 13  C  C6     . 8OG A 1 1 ? -4.71450  -4.69454  -7.94105  1.000 26.84768 ? 1   8OG A C6     1 
HETATM 14  O  O6     . 8OG A 1 1 ? -5.32446  -4.02600  -8.77568  1.000 32.33443 ? 1   8OG A O6     1 
HETATM 15  N  N1     . 8OG A 1 1 ? -3.33278  -4.69044  -7.87679  1.000 27.45044 ? 1   8OG A N1     1 
HETATM 16  C  C2     . 8OG A 1 1 ? -2.60551  -5.41631  -6.97250  1.000 26.63610 ? 1   8OG A C2     1 
HETATM 17  N  N2     . 8OG A 1 1 ? -1.27490  -5.30690  -7.04675  1.000 28.91846 ? 1   8OG A N2     1 
HETATM 18  N  N3     . 8OG A 1 1 ? -3.14770  -6.21460  -6.05390  1.000 26.29064 ? 1   8OG A N3     1 
HETATM 19  C  C4     . 8OG A 1 1 ? -4.49983  -6.23899  -6.08870  1.000 24.25975 ? 1   8OG A C4     1 
HETATM 20  O  O8     . 8OG A 1 1 ? -7.66733  -7.18505  -5.13641  1.000 28.47238 ? 1   8OG A O8     1 
HETATM 21  H  "H5'"  . 8OG A 1 1 ? -6.85482  -10.79786 -5.27810  1.000 33.84775 ? 1   8OG A "H5'"  1 
HETATM 22  H  "H5''" . 8OG A 1 1 ? -7.21079  -11.53150 -3.72422  1.000 33.84775 ? 1   8OG A "H5''" 1 
HETATM 23  H  "H4'"  . 8OG A 1 1 ? -4.95474  -10.92618 -3.64797  1.000 31.22547 ? 1   8OG A "H4'"  1 
HETATM 24  H  "H3'"  . 8OG A 1 1 ? -6.48226  -9.49353  -1.82301  1.000 30.74492 ? 1   8OG A "H3'"  1 
HETATM 25  H  "H2'"  . 8OG A 1 1 ? -5.13620  -7.15604  -2.19712  1.000 30.34677 ? 1   8OG A "H2'"  1 
HETATM 26  H  "H2''" . 8OG A 1 1 ? -6.66991  -7.46050  -3.06204  1.000 30.34677 ? 1   8OG A "H2''" 1 
HETATM 27  H  "H1'"  . 8OG A 1 1 ? -3.79401  -7.67215  -4.06710  1.000 28.82132 ? 1   8OG A "H1'"  1 
HETATM 28  H  H7     . 8OG A 1 1 ? -7.40803  -5.52559  -7.08277  1.000 33.54663 ? 1   8OG A H7     1 
HETATM 29  H  H1     . 8OG A 1 1 ? -2.85688  -4.11668  -8.52742  1.000 32.95879 ? 1   8OG A H1     1 
HETATM 30  H  H21    . 8OG A 1 1 ? -0.87241  -4.67994  -7.76702  1.000 34.72041 ? 1   8OG A H21    1 
HETATM 31  H  H22    . 8OG A 1 1 ? -0.71744  -5.82455  -6.40377  1.000 34.72041 ? 1   8OG A H22    1 
ATOM   32  P  P      . DC  A 1 2 ? -4.20316  -8.99517  -0.30317  1.000 26.55108 ? 2   DC  A P      1 
ATOM   33  O  OP1    . DC  A 1 2 ? -3.26686  -9.88925  0.39981   1.000 28.93210 ? 2   DC  A OP1    1 
ATOM   34  O  OP2    . DC  A 1 2 ? -5.49036  -8.61590  0.30409   1.000 26.88266 ? 2   DC  A OP2    1 
ATOM   35  O  "O5'"  . DC  A 1 2 ? -3.44829  -7.64156  -0.60955  1.000 24.56902 ? 2   DC  A "O5'"  1 
ATOM   36  C  "C5'"  . DC  A 1 2 ? -2.13132  -7.67620  -1.06111  1.000 20.79572 ? 2   DC  A "C5'"  1 
ATOM   37  C  "C4'"  . DC  A 1 2 ? -1.62740  -6.28262  -1.29339  1.000 16.91300 ? 2   DC  A "C4'"  1 
ATOM   38  O  "O4'"  . DC  A 1 2 ? -2.32350  -5.71460  -2.42692  1.000 17.60824 ? 2   DC  A "O4'"  1 
ATOM   39  C  "C3'"  . DC  A 1 2 ? -1.87342  -5.32660  -0.12526  1.000 14.50529 ? 2   DC  A "C3'"  1 
ATOM   40  O  "O3'"  . DC  A 1 2 ? -0.65064  -4.83513  0.34601   1.000 13.30244 ? 2   DC  A "O3'"  1 
ATOM   41  C  "C2'"  . DC  A 1 2 ? -2.75195  -4.22032  -0.71668  1.000 14.70839 ? 2   DC  A "C2'"  1 
ATOM   42  C  "C1'"  . DC  A 1 2 ? -2.50167  -4.35659  -2.20519  1.000 15.26492 ? 2   DC  A "C1'"  1 
ATOM   43  N  N1     . DC  A 1 2 ? -3.57674  -3.86535  -3.07517  1.000 13.61084 ? 2   DC  A N1     1 
ATOM   44  C  C2     . DC  A 1 2 ? -3.24336  -3.14849  -4.23350  1.000 13.22932 ? 2   DC  A C2     1 
ATOM   45  O  O2     . DC  A 1 2 ? -2.04867  -2.93056  -4.49326  1.000 14.05142 ? 2   DC  A O2     1 
ATOM   46  N  N3     . DC  A 1 2 ? -4.22918  -2.69267  -5.03142  1.000 13.19260 ? 2   DC  A N3     1 
ATOM   47  C  C4     . DC  A 1 2 ? -5.49776  -2.95577  -4.73051  1.000 14.66043 ? 2   DC  A C4     1 
ATOM   48  N  N4     . DC  A 1 2 ? -6.44309  -2.49057  -5.54297  1.000 15.80155 ? 2   DC  A N4     1 
ATOM   49  C  C5     . DC  A 1 2 ? -5.86047  -3.70650  -3.57392  1.000 14.62332 ? 2   DC  A C5     1 
ATOM   50  C  C6     . DC  A 1 2 ? -4.87343  -4.13960  -2.78557  1.000 13.58698 ? 2   DC  A C6     1 
ATOM   51  H  "H5'"  . DC  A 1 2 ? -2.08940  -8.17498  -1.89157  1.000 24.97312 ? 2   DC  A "H5'"  1 
ATOM   52  H  "H5''" . DC  A 1 2 ? -1.57552  -8.11149  -0.39637  1.000 24.97312 ? 2   DC  A "H5''" 1 
ATOM   53  H  "H4'"  . DC  A 1 2 ? -0.67665  -6.31431  -1.48559  1.000 20.31386 ? 2   DC  A "H4'"  1 
ATOM   54  H  "H3'"  . DC  A 1 2 ? -2.34734  -5.78436  0.58591   1.000 17.42461 ? 2   DC  A "H3'"  1 
ATOM   55  H  "H2'"  . DC  A 1 2 ? -3.68434  -4.37595  -0.50393  1.000 17.66833 ? 2   DC  A "H2'"  1 
ATOM   56  H  "H2''" . DC  A 1 2 ? -2.46640  -3.34918  -0.39964  1.000 17.66833 ? 2   DC  A "H2''" 1 
ATOM   57  H  "H1'"  . DC  A 1 2 ? -1.68011  -3.89278  -2.42727  1.000 18.33617 ? 2   DC  A "H1'"  1 
ATOM   58  H  H41    . DC  A 1 2 ? -7.27098  -2.64598  -5.37270  1.000 18.98012 ? 2   DC  A H41    1 
ATOM   59  H  H42    . DC  A 1 2 ? -6.22545  -2.03469  -6.23915  1.000 18.98012 ? 2   DC  A H42    1 
ATOM   60  H  H5     . DC  A 1 2 ? -6.75230  -3.87135  -3.36552  1.000 17.56625 ? 2   DC  A H5     1 
ATOM   61  H  H6     . DC  A 1 2 ? -5.07908  -4.62066  -2.01676  1.000 16.32264 ? 2   DC  A H6     1 
ATOM   62  P  P      . DA  A 1 3 ? -0.29491  -4.94418  1.89334   1.000 12.37035 ? 3   DA  A P      1 
ATOM   63  O  OP1    . DA  A 1 3 ? -0.57615  -6.36009  2.30545   1.000 14.65224 ? 3   DA  A OP1    1 
ATOM   64  O  OP2    . DA  A 1 3 ? -0.91210  -3.84568  2.69634   1.000 12.10579 ? 3   DA  A OP2    1 
ATOM   65  O  "O5'"  . DA  A 1 3 ? 1.29205   -4.75141  1.88900   1.000 12.99870 ? 3   DA  A "O5'"  1 
ATOM   66  C  "C5'"  . DA  A 1 3 ? 2.10538   -5.70811  1.17804   1.000 14.08638 ? 3   DA  A "C5'"  1 
ATOM   67  C  "C4'"  . DA  A 1 3 ? 3.33668   -4.99024  0.69637   1.000 11.63800 ? 3   DA  A "C4'"  1 
ATOM   68  O  "O4'"  . DA  A 1 3 ? 2.95743   -4.10920  -0.37979  1.000 13.01088 ? 3   DA  A "O4'"  1 
ATOM   69  C  "C3'"  . DA  A 1 3 ? 4.00853   -4.11797  1.75111   1.000 12.84749 ? 3   DA  A "C3'"  1 
ATOM   70  O  "O3'"  . DA  A 1 3 ? 5.41249   -4.18303  1.54401   1.000 15.97757 ? 3   DA  A "O3'"  1 
ATOM   71  C  "C2'"  . DA  A 1 3 ? 3.47568   -2.72728  1.43287   1.000 11.26157 ? 3   DA  A "C2'"  1 
ATOM   72  C  "C1'"  . DA  A 1 3 ? 3.39842   -2.79289  -0.07801  1.000 12.34777 ? 3   DA  A "C1'"  1 
ATOM   73  N  N9     . DA  A 1 3 ? 2.45351   -1.86359  -0.68729  1.000 11.33671 ? 3   DA  A N9     1 
ATOM   74  C  C8     . DA  A 1 3 ? 1.11350   -2.05412  -0.91779  1.000 10.92404 ? 3   DA  A C8     1 
ATOM   75  N  N7     . DA  A 1 3 ? 0.53668   -1.03141  -1.49601  1.000 11.03171 ? 3   DA  A N7     1 
ATOM   76  C  C5     . DA  A 1 3 ? 1.56286   -0.11211  -1.66973  1.000 10.76634 ? 3   DA  A C5     1 
ATOM   77  C  C6     . DA  A 1 3 ? 1.59690   1.18144   -2.22535  1.000 10.57095 ? 3   DA  A C6     1 
ATOM   78  N  N6     . DA  A 1 3 ? 0.53394   1.78937   -2.74830  1.000 11.75667 ? 3   DA  A N6     1 
ATOM   79  N  N1     . DA  A 1 3 ? 2.78900   1.82442   -2.22616  1.000 11.61741 ? 3   DA  A N1     1 
ATOM   80  C  C2     . DA  A 1 3 ? 3.85824   1.20793   -1.70907  1.000 12.69235 ? 3   DA  A C2     1 
ATOM   81  N  N3     . DA  A 1 3 ? 3.94233   0.00228   -1.15768  1.000 11.71850 ? 3   DA  A N3     1 
ATOM   82  C  C4     . DA  A 1 3 ? 2.75179   -0.61394  -1.17280  1.000 11.02654 ? 3   DA  A C4     1 
ATOM   83  H  "H5'"  . DA  A 1 3 ? 1.61204   -6.06076  0.42063   1.000 16.92192 ? 3   DA  A "H5'"  1 
ATOM   84  H  "H5''" . DA  A 1 3 ? 2.35742   -6.43151  1.77242   1.000 16.92192 ? 3   DA  A "H5''" 1 
ATOM   85  H  "H4'"  . DA  A 1 3 ? 3.97575   -5.63983  0.36579   1.000 13.98386 ? 3   DA  A "H4'"  1 
ATOM   86  H  "H3'"  . DA  A 1 3 ? 3.76563   -4.39572  2.64829   1.000 15.43525 ? 3   DA  A "H3'"  1 
ATOM   87  H  "H2'"  . DA  A 1 3 ? 2.59693   -2.59294  1.82110   1.000 13.53214 ? 3   DA  A "H2'"  1 
ATOM   88  H  "H2''" . DA  A 1 3 ? 4.09785   -2.04079  1.72069   1.000 13.53214 ? 3   DA  A "H2''" 1 
ATOM   89  H  "H1'"  . DA  A 1 3 ? 4.28076   -2.65238  -0.45476  1.000 14.83559 ? 3   DA  A "H1'"  1 
ATOM   90  H  H8     . DA  A 1 3 ? 0.66075   -2.83265  -0.68635  1.000 13.12711 ? 3   DA  A H8     1 
ATOM   91  H  H61    . DA  A 1 3 ? 0.61061   2.57950   -3.08006  1.000 14.12626 ? 3   DA  A H61    1 
ATOM   92  H  H62    . DA  A 1 3 ? -0.22832  1.39239   -2.75429  1.000 14.12626 ? 3   DA  A H62    1 
ATOM   93  H  H2     . DA  A 1 3 ? 4.65211   1.69195   -1.73722  1.000 15.24908 ? 3   DA  A H2     1 
ATOM   94  P  P      . DT  A 1 4 ? 6.31594   -4.24998  2.86634   1.000 24.16802 ? 4   DT  A P      1 
ATOM   95  O  OP1    . DT  A 1 4 ? 5.76842   -3.24796  3.82186   1.000 26.67850 ? 4   DT  A OP1    1 
ATOM   96  O  OP2    . DT  A 1 4 ? 7.68867   -4.14890  2.34424   1.000 26.44948 ? 4   DT  A OP2    1 
ATOM   97  O  "O5'"  . DT  A 1 4 ? 6.04890   -5.72889  3.40416   1.000 27.03138 ? 4   DT  A "O5'"  1 
ATOM   98  C  "C5'"  . DT  A 1 4 ? 6.73660   -6.84920  2.83397   1.000 30.04273 ? 4   DT  A "C5'"  1 
ATOM   99  C  "C4'"  . DT  A 1 4 ? 6.12625   -8.13551  3.35229   1.000 28.48987 ? 4   DT  A "C4'"  1 
ATOM   100 O  "O4'"  . DT  A 1 4 ? 6.11771   -8.12728  4.80961   1.000 26.64396 ? 4   DT  A "O4'"  1 
ATOM   101 C  "C3'"  . DT  A 1 4 ? 4.66490   -8.32907  2.94699   1.000 28.08501 ? 4   DT  A "C3'"  1 
ATOM   102 O  "O3'"  . DT  A 1 4 ? 4.36114   -9.69860  2.80507   1.000 30.73682 ? 4   DT  A "O3'"  1 
ATOM   103 C  "C2'"  . DT  A 1 4 ? 3.93096   -7.70395  4.10129   1.000 27.33934 ? 4   DT  A "C2'"  1 
ATOM   104 C  "C1'"  . DT  A 1 4 ? 4.77662   -8.18785  5.25634   1.000 26.88413 ? 4   DT  A "C1'"  1 
ATOM   105 N  N1     . DT  A 1 4 ? 4.62849   -7.38834  6.48987   1.000 26.49327 ? 4   DT  A N1     1 
ATOM   106 C  C2     . DT  A 1 4 ? 4.04416   -7.97069  7.58881   1.000 30.28410 ? 4   DT  A C2     1 
ATOM   107 O  O2     . DT  A 1 4 ? 3.56711   -9.09621  7.58128   1.000 34.35227 ? 4   DT  A O2     1 
ATOM   108 N  N3     . DT  A 1 4 ? 3.95237   -7.15817  8.67462   1.000 28.22154 ? 4   DT  A N3     1 
ATOM   109 C  C4     . DT  A 1 4 ? 4.43935   -5.88345  8.80072   1.000 25.48733 ? 4   DT  A C4     1 
ATOM   110 O  O4     . DT  A 1 4 ? 4.32207   -5.24759  9.83364   1.000 27.99723 ? 4   DT  A O4     1 
ATOM   111 C  C5     . DT  A 1 4 ? 5.07538   -5.34254  7.62634   1.000 22.84255 ? 4   DT  A C5     1 
ATOM   112 C  C7     . DT  A 1 4 ? 5.64152   -3.95956  7.64637   1.000 25.37403 ? 4   DT  A C7     1 
ATOM   113 C  C6     . DT  A 1 4 ? 5.15293   -6.11657  6.54464   1.000 23.84651 ? 4   DT  A C6     1 
ATOM   114 H  "H5'"  . DT  A 1 4 ? 7.67381   -6.81371  3.08204   1.000 36.06953 ? 4   DT  A "H5'"  1 
ATOM   115 H  "H5''" . DT  A 1 4 ? 6.65610   -6.81974  1.86809   1.000 36.06953 ? 4   DT  A "H5''" 1 
ATOM   116 H  "H4'"  . DT  A 1 4 ? 6.64987   -8.88916  3.03862   1.000 34.20610 ? 4   DT  A "H4'"  1 
ATOM   117 H  "H3'"  . DT  A 1 4 ? 4.47462   -7.85070  2.12498   1.000 33.72027 ? 4   DT  A "H3'"  1 
ATOM   118 H  "H2'"  . DT  A 1 4 ? 3.94174   -6.73667  4.04059   1.000 32.82547 ? 4   DT  A "H2'"  1 
ATOM   119 H  "H2''" . DT  A 1 4 ? 3.02458   -8.04397  4.16437   1.000 32.82547 ? 4   DT  A "H2''" 1 
ATOM   120 H  "H1'"  . DT  A 1 4 ? 4.54992   -9.11097  5.44757   1.000 32.27921 ? 4   DT  A "H1'"  1 
ATOM   121 H  H3     . DT  A 1 4 ? 3.57595   -7.49360  9.37142   1.000 33.88411 ? 4   DT  A H3     1 
ATOM   122 H  H71    . DT  A 1 4 ? 6.12935   -3.82186  8.47313   1.000 30.46710 ? 4   DT  A H71    1 
ATOM   123 H  H72    . DT  A 1 4 ? 6.24201   -3.84563  6.89413   1.000 30.46710 ? 4   DT  A H72    1 
ATOM   124 H  H73    . DT  A 1 4 ? 4.92048   -3.31378  7.58477   1.000 30.46710 ? 4   DT  A H73    1 
ATOM   125 H  H6     . DT  A 1 4 ? 5.56443   -5.77452  5.78370   1.000 28.63407 ? 4   DT  A H6     1 
ATOM   126 P  P      . DG  A 1 5 ? 4.45554   -10.41227 1.37598   1.000 31.45519 ? 5   DG  A P      1 
ATOM   127 O  OP1    . DG  A 1 5 ? 4.21919   -11.86046 1.54998   1.000 34.23136 ? 5   DG  A OP1    1 
ATOM   128 O  OP2    . DG  A 1 5 ? 5.67535   -9.92633  0.70820   1.000 33.00570 ? 5   DG  A OP2    1 
ATOM   129 O  "O5'"  . DG  A 1 5 ? 3.27759   -9.74909  0.55603   1.000 26.48127 ? 5   DG  A "O5'"  1 
ATOM   130 C  "C5'"  . DG  A 1 5 ? 1.96092   -9.84990  1.02873   1.000 23.98198 ? 5   DG  A "C5'"  1 
ATOM   131 C  "C4'"  . DG  A 1 5 ? 0.97639   -9.72444  -0.10842  1.000 22.17065 ? 5   DG  A "C4'"  1 
ATOM   132 O  "O4'"  . DG  A 1 5 ? 1.13335   -8.43837  -0.75304  1.000 20.35065 ? 5   DG  A "O4'"  1 
ATOM   133 C  "C3'"  . DG  A 1 5 ? 1.11799   -10.75081 -1.21099  1.000 22.48233 ? 5   DG  A "C3'"  1 
ATOM   134 O  "O3'"  . DG  A 1 5 ? -0.15387  -11.08313 -1.68532  1.000 25.57255 ? 5   DG  A "O3'"  1 
ATOM   135 C  "C2'"  . DG  A 1 5 ? 1.97228   -10.05309 -2.26217  1.000 20.81720 ? 5   DG  A "C2'"  1 
ATOM   136 C  "C1'"  . DG  A 1 5 ? 1.63446   -8.58430  -2.06968  1.000 18.31818 ? 5   DG  A "C1'"  1 
ATOM   137 N  N9     . DG  A 1 5 ? 2.76627   -7.66675  -2.20813  1.000 17.67641 ? 5   DG  A N9     1 
ATOM   138 C  C8     . DG  A 1 5 ? 4.06457   -7.86787  -1.80671  1.000 18.77688 ? 5   DG  A C8     1 
ATOM   139 N  N7     . DG  A 1 5 ? 4.83893   -6.83244  -2.01353  1.000 17.86436 ? 5   DG  A N7     1 
ATOM   140 C  C5     . DG  A 1 5 ? 3.99726   -5.88423  -2.57677  1.000 14.82753 ? 5   DG  A C5     1 
ATOM   141 C  C6     . DG  A 1 5 ? 4.26060   -4.56800  -2.98820  1.000 14.42729 ? 5   DG  A C6     1 
ATOM   142 O  O6     . DG  A 1 5 ? 5.32849   -3.95716  -2.96440  1.000 16.59334 ? 5   DG  A O6     1 
ATOM   143 N  N1     . DG  A 1 5 ? 3.12844   -3.95799  -3.50540  1.000 13.99802 ? 5   DG  A N1     1 
ATOM   144 C  C2     . DG  A 1 5 ? 1.88801   -4.53005  -3.57102  1.000 14.16414 ? 5   DG  A C2     1 
ATOM   145 N  N2     . DG  A 1 5 ? 0.90616   -3.77453  -4.07881  1.000 14.79723 ? 5   DG  A N2     1 
ATOM   146 N  N3     . DG  A 1 5 ? 1.61742   -5.75661  -3.17056  1.000 15.37117 ? 5   DG  A N3     1 
ATOM   147 C  C4     . DG  A 1 5 ? 2.71558   -6.37292  -2.68421  1.000 14.94312 ? 5   DG  A C4     1 
ATOM   148 H  "H5'"  . DG  A 1 5 ? 1.79694   -9.14326  1.67238   1.000 28.79664 ? 5   DG  A "H5'"  1 
ATOM   149 H  "H5''" . DG  A 1 5 ? 1.84146   -10.70942 1.46120   1.000 28.79664 ? 5   DG  A "H5''" 1 
ATOM   150 H  "H4'"  . DG  A 1 5 ? 0.07788   -9.78211  0.25333   1.000 26.62305 ? 5   DG  A "H4'"  1 
ATOM   151 H  "H3'"  . DG  A 1 5 ? 1.57198   -11.54104 -0.87812  1.000 26.99706 ? 5   DG  A "H3'"  1 
ATOM   152 H  "H2'"  . DG  A 1 5 ? 2.91396   -10.21479 -2.09774  1.000 24.99890 ? 5   DG  A "H2'"  1 
ATOM   153 H  "H2''" . DG  A 1 5 ? 1.72434   -10.34668 -3.15278  1.000 24.99890 ? 5   DG  A "H2''" 1 
ATOM   154 H  "H1'"  . DG  A 1 5 ? 0.94255   -8.33239  -2.70173  1.000 22.00007 ? 5   DG  A "H1'"  1 
ATOM   155 H  H8     . DG  A 1 5 ? 4.36627   -8.66447  -1.43246  1.000 22.55051 ? 5   DG  A H8     1 
ATOM   156 H  H1     . DG  A 1 5 ? 3.20612   -3.14747  -3.78135  1.000 16.81588 ? 5   DG  A H1     1 
ATOM   157 H  H21    . DG  A 1 5 ? 0.10916   -4.09036  -4.14100  1.000 17.77493 ? 5   DG  A H21    1 
ATOM   158 H  H22    . DG  A 1 5 ? 1.07287   -2.97333  -4.34246  1.000 17.77493 ? 5   DG  A H22    1 
ATOM   159 P  P      . DC  A 1 6 ? -0.35012  -12.24764 -2.76004  1.000 29.87109 ? 6   DC  A P      1 
ATOM   160 O  OP1    . DC  A 1 6 ? -1.58166  -12.93753 -2.34401  1.000 33.95716 ? 6   DC  A OP1    1 
ATOM   161 O  OP2    . DC  A 1 6 ? 0.88087   -13.03233 -2.97238  1.000 30.00847 ? 6   DC  A OP2    1 
ATOM   162 O  "O5'"  . DC  A 1 6 ? -0.59956  -11.47144 -4.12191  1.000 27.75075 ? 6   DC  A "O5'"  1 
ATOM   163 C  "C5'"  . DC  A 1 6 ? -1.63151  -10.53068 -4.22487  1.000 30.22946 ? 6   DC  A "C5'"  1 
ATOM   164 C  "C4'"  . DC  A 1 6 ? -1.35952  -9.60545  -5.38469  1.000 30.95861 ? 6   DC  A "C4'"  1 
ATOM   165 O  "O4'"  . DC  A 1 6 ? -0.18314  -8.81052  -5.08816  1.000 32.78058 ? 6   DC  A "O4'"  1 
ATOM   166 C  "C3'"  . DC  A 1 6 ? -1.06159  -10.32095 -6.71212  1.000 32.61531 ? 6   DC  A "C3'"  1 
ATOM   167 O  "O3'"  . DC  A 1 6 ? -1.95974  -9.91487  -7.68664  1.000 35.00902 ? 6   DC  A "O3'"  1 
ATOM   168 C  "C2'"  . DC  A 1 6 ? 0.36703   -9.90941  -7.05913  1.000 34.00269 ? 6   DC  A "C2'"  1 
ATOM   169 C  "C1'"  . DC  A 1 6 ? 0.53032   -8.61949  -6.27758  1.000 33.24175 ? 6   DC  A "C1'"  1 
ATOM   170 N  N1     . DC  A 1 6 ? 1.93869   -8.27596  -5.97099  1.000 28.60545 ? 6   DC  A N1     1 
ATOM   171 C  C2     . DC  A 1 6 ? 2.37661   -6.97402  -6.18512  1.000 27.61133 ? 6   DC  A C2     1 
ATOM   172 O  O2     . DC  A 1 6 ? 1.57714   -6.13964  -6.60131  1.000 28.52179 ? 6   DC  A O2     1 
ATOM   173 N  N3     . DC  A 1 6 ? 3.66314   -6.66360  -5.93367  1.000 28.08293 ? 6   DC  A N3     1 
ATOM   174 C  C4     . DC  A 1 6 ? 4.49494   -7.59554  -5.48530  1.000 28.00006 ? 6   DC  A C4     1 
ATOM   175 N  N4     . DC  A 1 6 ? 5.75321   -7.24217  -5.22739  1.000 30.68965 ? 6   DC  A N4     1 
ATOM   176 C  C5     . DC  A 1 6 ? 4.06789   -8.92782  -5.24912  1.000 28.61357 ? 6   DC  A C5     1 
ATOM   177 C  C6     . DC  A 1 6 ? 2.79254   -9.22405  -5.51104  1.000 27.91154 ? 6   DC  A C6     1 
ATOM   178 H  "H5'"  . DC  A 1 6 ? -1.68094  -10.01484 -3.40491  1.000 36.29361 ? 6   DC  A "H5'"  1 
ATOM   179 H  "H5''" . DC  A 1 6 ? -2.47403  -10.98948 -4.36854  1.000 36.29361 ? 6   DC  A "H5''" 1 
ATOM   180 H  "H4'"  . DC  A 1 6 ? -2.11981  -9.01519  -5.50609  1.000 37.16860 ? 6   DC  A "H4'"  1 
ATOM   181 H  "H3'"  . DC  A 1 6 ? -1.11127  -11.28148 -6.59079  1.000 39.15663 ? 6   DC  A "H3'"  1 
ATOM   182 H  "H2'"  . DC  A 1 6 ? 0.99736   -10.58116 -6.76043  1.000 40.82149 ? 6   DC  A "H2'"  1 
ATOM   183 H  "H2''" . DC  A 1 6 ? 0.45646   -9.74834  -8.01215  1.000 40.82149 ? 6   DC  A "H2''" 1 
ATOM   184 H  "H1'"  . DC  A 1 6 ? 0.12550   -7.89455  -6.77741  1.000 39.90836 ? 6   DC  A "H1'"  1 
ATOM   185 H  H41    . DC  A 1 6 ? 6.31264   -7.82601  -4.93604  1.000 36.84584 ? 6   DC  A H41    1 
ATOM   186 H  H42    . DC  A 1 6 ? 6.00633   -6.42950  -5.35257  1.000 36.84584 ? 6   DC  A H42    1 
ATOM   187 H  H5     . DC  A 1 6 ? 4.65822   -9.57413  -4.93609  1.000 34.35455 ? 6   DC  A H5     1 
ATOM   188 H  H6     . DC  A 1 6 ? 2.48740   -10.09221 -5.37983  1.000 33.51211 ? 6   DC  A H6     1 
ATOM   189 P  P      . DT  A 1 7 ? -2.63837  -10.99498 -8.65269  1.000 37.50750 ? 7   DT  A P      1 
ATOM   190 O  OP1    . DT  A 1 7 ? -2.93827  -12.23790 -7.92743  1.000 38.95941 ? 7   DT  A OP1    1 
ATOM   191 O  OP2    . DT  A 1 7 ? -1.78194  -11.10252 -9.85078  1.000 40.52168 ? 7   DT  A OP2    1 
ATOM   192 O  "O5'"  . DT  A 1 7 ? -4.02053  -10.30417 -9.04634  1.000 38.14437 ? 7   DT  A "O5'"  1 
ATOM   193 C  "C5'"  . DT  A 1 7 ? -4.86973  -9.76676  -8.02768  1.000 37.83554 ? 7   DT  A "C5'"  1 
ATOM   194 C  "C4'"  . DT  A 1 7 ? -6.00122  -8.97059  -8.64121  1.000 38.57471 ? 7   DT  A "C4'"  1 
ATOM   195 O  "O4'"  . DT  A 1 7 ? -5.51449  -7.65491  -8.99582  1.000 39.33217 ? 7   DT  A "O4'"  1 
ATOM   196 C  "C3'"  . DT  A 1 7 ? -6.58485  -9.59495  -9.90331  1.000 39.31388 ? 7   DT  A "C3'"  1 
ATOM   197 O  "O3'"  . DT  A 1 7 ? -7.94132  -9.96440  -9.69133  1.000 40.90607 ? 7   DT  A "O3'"  1 
ATOM   198 C  "C2'"  . DT  A 1 7 ? -6.44488  -8.53774  -11.00096 1.000 39.50424 ? 7   DT  A "C2'"  1 
ATOM   199 C  "C1'"  . DT  A 1 7 ? -5.75294  -7.34605  -10.35164 1.000 38.52379 ? 7   DT  A "C1'"  1 
ATOM   200 N  N1     . DT  A 1 7 ? -4.44263  -6.99662  -10.98368 1.000 36.55916 ? 7   DT  A N1     1 
ATOM   201 C  C2     . DT  A 1 7 ? -4.42210  -6.40824  -12.22467 1.000 37.49481 ? 7   DT  A C2     1 
ATOM   202 O  O2     . DT  A 1 7 ? -5.42489  -6.15204  -12.85708 1.000 41.28162 ? 7   DT  A O2     1 
ATOM   203 N  N3     . DT  A 1 7 ? -3.17326  -6.14161  -12.71218 1.000 37.23559 ? 7   DT  A N3     1 
ATOM   204 C  C4     . DT  A 1 7 ? -1.96838  -6.38566  -12.09036 1.000 40.09660 ? 7   DT  A C4     1 
ATOM   205 O  O4     . DT  A 1 7 ? -0.89017  -6.10068  -12.60599 1.000 43.18401 ? 7   DT  A O4     1 
ATOM   206 C  C5     . DT  A 1 7 ? -2.06133  -6.99918  -10.79324 1.000 38.34391 ? 7   DT  A C5     1 
ATOM   207 C  C7     . DT  A 1 7 ? -0.81516  -7.30737  -10.02200 1.000 39.82171 ? 7   DT  A C7     1 
ATOM   208 C  C6     . DT  A 1 7 ? -3.27872  -7.27171  -10.30692 1.000 36.52816 ? 7   DT  A C6     1 
ATOM   209 H  "H5'"  . DT  A 1 7 ? -4.34907  -9.18788  -7.44958  1.000 45.42091 ? 7   DT  A "H5'"  1 
ATOM   210 H  "H5''" . DT  A 1 7 ? -5.23879  -10.49400 -7.50227  1.000 45.42091 ? 7   DT  A "H5''" 1 
ATOM   211 H  "H4'"  . DT  A 1 7 ? -6.70780  -8.87523  -7.98404  1.000 46.30791 ? 7   DT  A "H4'"  1 
ATOM   212 H  "H3'"  . DT  A 1 7 ? -6.07102  -10.38062 -10.14443 1.000 47.19492 ? 7   DT  A "H3'"  1 
ATOM   213 H  "HO3'" . DT  A 1 7 ? -8.54726  -9.62913  -10.16702 1.000 49.10555 ? 7   DT  A "HO3'" 1 
ATOM   214 H  "H2'"  . DT  A 1 7 ? -5.90591  -8.88127  -11.72866 1.000 47.42335 ? 7   DT  A "H2'"  1 
ATOM   215 H  "H2''" . DT  A 1 7 ? -7.32112  -8.27795  -11.32716 1.000 47.42335 ? 7   DT  A "H2''" 1 
ATOM   216 H  "H1'"  . DT  A 1 7 ? -6.34082  -6.57648  -10.40018 1.000 46.24681 ? 7   DT  A "H1'"  1 
ATOM   217 H  H3     . DT  A 1 7 ? -3.13627  -5.77139  -13.48785 1.000 44.70097 ? 7   DT  A H3     1 
ATOM   218 H  H71    . DT  A 1 7 ? -0.64068  -6.59194  -9.39060  1.000 47.80431 ? 7   DT  A H71    1 
ATOM   219 H  H72    . DT  A 1 7 ? -0.93049  -8.14251  -9.54215  1.000 47.80431 ? 7   DT  A H72    1 
ATOM   220 H  H73    . DT  A 1 7 ? -0.06854  -7.38732  -10.63467 1.000 47.80431 ? 7   DT  A H73    1 
ATOM   221 H  H6     . DT  A 1 7 ? -3.33874  -7.66722  -9.46789  1.000 43.85205 ? 7   DT  A H6     1 
HETATM 222 O  "O5'"  . 8OG B 1 1 ? -6.87504  13.26666  -2.03959  1.000 18.05640 ? 1   8OG B "O5'"  1 
HETATM 223 C  "C5'"  . 8OG B 1 1 ? -6.04045  14.13482  -1.24541  1.000 15.29935 ? 1   8OG B "C5'"  1 
HETATM 224 C  "C4'"  . 8OG B 1 1 ? -4.78094  13.41302  -0.82509  1.000 13.44871 ? 1   8OG B "C4'"  1 
HETATM 225 O  "O4'"  . 8OG B 1 1 ? -5.06240  12.55110  0.29925   1.000 15.73233 ? 1   8OG B "O4'"  1 
HETATM 226 C  "C3'"  . 8OG B 1 1 ? -4.13432  12.52068  -1.87933  1.000 11.98836 ? 1   8OG B "C3'"  1 
HETATM 227 O  "O3'"  . 8OG B 1 1 ? -2.72768  12.58128  -1.65483  1.000 12.02770 ? 1   8OG B "O3'"  1 
HETATM 228 C  "C2'"  . 8OG B 1 1 ? -4.71686  11.14724  -1.56370  1.000 13.95709 ? 1   8OG B "C2'"  1 
HETATM 229 C  "C1'"  . 8OG B 1 1 ? -4.79706  11.19183  -0.04597  1.000 15.02055 ? 1   8OG B "C1'"  1 
HETATM 230 N  N9     . 8OG B 1 1 ? -5.85917  10.41806  0.57086   1.000 16.79888 ? 1   8OG B N9     1 
HETATM 231 C  C8     . 8OG B 1 1 ? -7.19505  10.46032  0.20894   1.000 16.95224 ? 1   8OG B C8     1 
HETATM 232 N  N7     . 8OG B 1 1 ? -7.85350  9.66943   1.09429   1.000 19.28643 ? 1   8OG B N7     1 
HETATM 233 C  C5     . 8OG B 1 1 ? -6.97657  9.16169   2.01689   1.000 20.13524 ? 1   8OG B C5     1 
HETATM 234 C  C6     . 8OG B 1 1 ? -7.17826  8.31247   3.12709   1.000 19.90217 ? 1   8OG B C6     1 
HETATM 235 O  O6     . 8OG B 1 1 ? -8.25228  7.83273   3.50175   1.000 24.50741 ? 1   8OG B O6     1 
HETATM 236 N  N1     . 8OG B 1 1 ? -5.99528  8.05872   3.79412   1.000 22.65694 ? 1   8OG B N1     1 
HETATM 237 C  C2     . 8OG B 1 1 ? -4.78344  8.57539   3.41969   1.000 20.40392 ? 1   8OG B C2     1 
HETATM 238 N  N2     . 8OG B 1 1 ? -3.73616  8.23091   4.17072   1.000 22.72955 ? 1   8OG B N2     1 
HETATM 239 N  N3     . 8OG B 1 1 ? -4.60448  9.38152   2.37274   1.000 18.35940 ? 1   8OG B N3     1 
HETATM 240 C  C4     . 8OG B 1 1 ? -5.73931  9.65101   1.70223   1.000 17.35833 ? 1   8OG B C4     1 
HETATM 241 O  O8     . 8OG B 1 1 ? -7.68503  11.06664  -0.73947  1.000 18.35109 ? 1   8OG B O8     1 
HETATM 242 H  "H5'"  . 8OG B 1 1 ? -6.49677  14.50547  -0.30362  1.000 18.37748 ? 1   8OG B "H5'"  1 
HETATM 243 H  "H5''" . 8OG B 1 1 ? -5.78248  15.06977  -1.80502  1.000 18.37748 ? 1   8OG B "H5''" 1 
HETATM 244 H  "H4'"  . 8OG B 1 1 ? -4.04019  14.16937  -0.50283  1.000 16.15671 ? 1   8OG B "H4'"  1 
HETATM 245 H  "H3'"  . 8OG B 1 1 ? -4.43303  12.83930  -2.90418  1.000 14.40429 ? 1   8OG B "H3'"  1 
HETATM 246 H  "H2'"  . 8OG B 1 1 ? -4.02631  10.35648  -1.89618  1.000 16.76677 ? 1   8OG B "H2'"  1 
HETATM 247 H  "H2''" . 8OG B 1 1 ? -5.70142  10.99344  -2.01398  1.000 16.76677 ? 1   8OG B "H2''" 1 
HETATM 248 H  "H1'"  . 8OG B 1 1 ? -3.84039  10.85505  0.41870   1.000 18.04292 ? 1   8OG B "H1'"  1 
HETATM 249 H  H7     . 8OG B 1 1 ? -8.81489  9.54410   1.00707   1.000 23.16198 ? 1   8OG B H7     1 
HETATM 250 H  H1     . 8OG B 1 1 ? -6.04238  7.45654   4.58902   1.000 27.20659 ? 1   8OG B H1     1 
HETATM 251 H  H21    . 8OG B 1 1 ? -2.81276  8.59893   3.92621   1.000 27.29372 ? 1   8OG B H21    1 
HETATM 252 H  H22    . 8OG B 1 1 ? -3.88721  7.62761   4.94713   1.000 27.29372 ? 1   8OG B H22    1 
ATOM   253 P  P      . DC  B 1 2 ? -1.75022  11.81507  -2.68621  1.000 12.41461 ? 2   DC  B P      1 
ATOM   254 O  OP1    . DC  B 1 2 ? -0.51587  12.60202  -2.72280  1.000 12.33193 ? 2   DC  B OP1    1 
ATOM   255 O  OP2    . DC  B 1 2 ? -2.40584  11.42303  -3.94526  1.000 13.51217 ? 2   DC  B OP2    1 
ATOM   256 O  "O5'"  . DC  B 1 2 ? -1.50265  10.44061  -1.94277  1.000 11.47127 ? 2   DC  B "O5'"  1 
ATOM   257 C  "C5'"  . DC  B 1 2 ? -0.63099  10.37169  -0.83363  1.000 11.29933 ? 2   DC  B "C5'"  1 
ATOM   258 C  "C4'"  . DC  B 1 2 ? -0.46444  8.93655   -0.44786  1.000 12.62439 ? 2   DC  B "C4'"  1 
ATOM   259 O  "O4'"  . DC  B 1 2 ? -1.70517  8.43916   0.09770   1.000 12.26385 ? 2   DC  B "O4'"  1 
ATOM   260 C  "C3'"  . DC  B 1 2 ? -0.13291  8.04022   -1.63616  1.000 11.01357 ? 2   DC  B "C3'"  1 
ATOM   261 O  "O3'"  . DC  B 1 2 ? 1.09619   7.35155   -1.41552  1.000 11.69498 ? 2   DC  B "O3'"  1 
ATOM   262 C  "C2'"  . DC  B 1 2 ? -1.32596  7.09257   -1.73996  1.000 12.70201 ? 2   DC  B "C2'"  1 
ATOM   263 C  "C1'"  . DC  B 1 2 ? -1.92640  7.14241   -0.35227  1.000 11.55374 ? 2   DC  B "C1'"  1 
ATOM   264 N  N1     . DC  B 1 2 ? -3.38646  6.90553   -0.28411  1.000 10.55870 ? 2   DC  B N1     1 
ATOM   265 C  C2     . DC  B 1 2 ? -3.90187  6.25235   0.82394   1.000 10.99629 ? 2   DC  B C2     1 
ATOM   266 O  O2     . DC  B 1 2 ? -3.13096  5.87298   1.69410   1.000 11.74695 ? 2   DC  B O2     1 
ATOM   267 N  N3     . DC  B 1 2 ? -5.24190  6.05921   0.91369   1.000 10.69135 ? 2   DC  B N3     1 
ATOM   268 C  C4     . DC  B 1 2 ? -6.05267  6.51966   -0.04267  1.000 11.34723 ? 2   DC  B C4     1 
ATOM   269 N  N4     . DC  B 1 2 ? -7.35816  6.29757   0.09113   1.000 11.87639 ? 2   DC  B N4     1 
ATOM   270 C  C5     . DC  B 1 2 ? -5.54710  7.20638   -1.17822  1.000 11.48528 ? 2   DC  B C5     1 
ATOM   271 C  C6     . DC  B 1 2 ? -4.22579  7.39715   -1.24666  1.000 11.96842 ? 2   DC  B C6     1 
ATOM   272 H  "H5'"  . DC  B 1 2 ? -1.00930  10.86727  -0.09054  1.000 13.57746 ? 2   DC  B "H5'"  1 
ATOM   273 H  "H5''" . DC  B 1 2 ? 0.23100   10.74754  -1.07178  1.000 13.57746 ? 2   DC  B "H5''" 1 
ATOM   274 H  "H4'"  . DC  B 1 2 ? 0.23509   8.86074   0.21701   1.000 15.16752 ? 2   DC  B "H4'"  1 
ATOM   275 H  "H3'"  . DC  B 1 2 ? -0.06900  8.57513   -2.44258  1.000 13.23454 ? 2   DC  B "H3'"  1 
ATOM   276 H  "H2'"  . DC  B 1 2 ? -1.95316  7.41169   -2.40381  1.000 15.26067 ? 2   DC  B "H2'"  1 
ATOM   277 H  "H2''" . DC  B 1 2 ? -1.02983  6.19341   -1.95126  1.000 15.26067 ? 2   DC  B "H2''" 1 
ATOM   278 H  "H1'"  . DC  B 1 2 ? -1.46454  6.51438   0.22437   1.000 13.88275 ? 2   DC  B "H1'"  1 
ATOM   279 H  H41    . DC  B 1 2 ? -7.90644  6.58192   -0.50774  1.000 14.26993 ? 2   DC  B H41    1 
ATOM   280 H  H42    . DC  B 1 2 ? -7.65390  5.86996   0.77664   1.000 14.26993 ? 2   DC  B H42    1 
ATOM   281 H  H5     . DC  B 1 2 ? -6.11456  7.51695   -1.84678  1.000 13.80060 ? 2   DC  B H5     1 
ATOM   282 H  H6     . DC  B 1 2 ? -3.86817  7.83677   -1.98278  1.000 14.38036 ? 2   DC  B H6     1 
ATOM   283 P  P      . DA  B 1 3 ? 2.23087   7.33378   -2.54736  1.000 11.00850 ? 3   DA  B P      1 
ATOM   284 O  OP1    . DA  B 1 3 ? 2.38764   8.66888   -3.14620  1.000 11.85115 ? 3   DA  B OP1    1 
ATOM   285 O  OP2    . DA  B 1 3 ? 1.97066   6.22352   -3.47174  1.000 10.30698 ? 3   DA  B OP2    1 
ATOM   286 O  "O5'"  . DA  B 1 3 ? 3.52129   6.93402   -1.72332  1.000 10.79457 ? 3   DA  B "O5'"  1 
ATOM   287 C  "C5'"  . DA  B 1 3 ? 3.96621   7.72598   -0.63553  1.000 11.70439 ? 3   DA  B "C5'"  1 
ATOM   288 C  "C4'"  . DA  B 1 3 ? 4.54626   6.83266   0.41639   1.000 11.50970 ? 3   DA  B "C4'"  1 
ATOM   289 O  "O4'"  . DA  B 1 3 ? 3.46381   6.09034   1.02452   1.000 11.26159 ? 3   DA  B "O4'"  1 
ATOM   290 C  "C3'"  . DA  B 1 3 ? 5.52321   5.79114   -0.11211  1.000 11.98238 ? 3   DA  B "C3'"  1 
ATOM   291 O  "O3'"  . DA  B 1 3 ? 6.58741   5.65282   0.77701   1.000 14.61813 ? 3   DA  B "O3'"  1 
ATOM   292 C  "C2'"  . DA  B 1 3 ? 4.68985   4.52310   -0.18004  1.000 11.66171 ? 3   DA  B "C2'"  1 
ATOM   293 C  "C1'"  . DA  B 1 3 ? 3.75941   4.71983   0.99783   1.000 11.32004 ? 3   DA  B "C1'"  1 
ATOM   294 N  N9     . DA  B 1 3 ? 2.51828   3.99760   0.91572   1.000 10.85018 ? 3   DA  B N9     1 
ATOM   295 C  C8     . DA  B 1 3 ? 1.36091   4.41503   0.33966   1.000 10.90242 ? 3   DA  B C8     1 
ATOM   296 N  N7     . DA  B 1 3 ? 0.39880   3.53901   0.40707   1.000 9.97487  ? 3   DA  B N7     1 
ATOM   297 C  C5     . DA  B 1 3 ? 0.96027   2.47712   1.07277   1.000 10.36979 ? 3   DA  B C5     1 
ATOM   298 C  C6     . DA  B 1 3 ? 0.45635   1.21559   1.45222   1.000 9.91140  ? 3   DA  B C6     1 
ATOM   299 N  N6     . DA  B 1 3 ? -0.78776  0.83733   1.23413   1.000 11.08823 ? 3   DA  B N6     1 
ATOM   300 N  N1     . DA  B 1 3 ? 1.27826   0.39306   2.10068   1.000 10.71335 ? 3   DA  B N1     1 
ATOM   301 C  C2     . DA  B 1 3 ? 2.53745   0.78110   2.32425   1.000 11.67230 ? 3   DA  B C2     1 
ATOM   302 N  N3     . DA  B 1 3 ? 3.12522   1.93681   2.03068   1.000 11.50604 ? 3   DA  B N3     1 
ATOM   303 C  C4     . DA  B 1 3 ? 2.27315   2.74546   1.38946   1.000 10.39585 ? 3   DA  B C4     1 
ATOM   304 H  "H5'"  . DA  B 1 3 ? 3.21710   8.21883   -0.26599  1.000 14.06353 ? 3   DA  B "H5'"  1 
ATOM   305 H  "H5''" . DA  B 1 3 ? 4.64379   8.34793   -0.94325  1.000 14.06353 ? 3   DA  B "H5''" 1 
ATOM   306 H  "H4'"  . DA  B 1 3 ? 4.98516   7.37251   1.09151   1.000 13.82990 ? 3   DA  B "H4'"  1 
ATOM   307 H  "H3'"  . DA  B 1 3 ? 5.84156   6.03836   -0.99438  1.000 14.39711 ? 3   DA  B "H3'"  1 
ATOM   308 H  "H2'"  . DA  B 1 3 ? 4.19321   4.47758   -1.01218  1.000 14.01232 ? 3   DA  B "H2'"  1 
ATOM   309 H  "H2''" . DA  B 1 3 ? 5.24398   3.73615   -0.05855  1.000 14.01232 ? 3   DA  B "H2''" 1 
ATOM   310 H  "H1'"  . DA  B 1 3 ? 4.22025   4.47547   1.81532   1.000 13.60231 ? 3   DA  B "H1'"  1 
ATOM   311 H  H8     . DA  B 1 3 ? 1.26265   5.24956   -0.05750  1.000 13.10117 ? 3   DA  B H8     1 
ATOM   312 H  H61    . DA  B 1 3 ? -1.05716  0.06700   1.50526   1.000 13.32414 ? 3   DA  B H61    1 
ATOM   313 H  H62    . DA  B 1 3 ? -1.32969  1.36123   0.82011   1.000 13.32414 ? 3   DA  B H62    1 
ATOM   314 H  H2     . DA  B 1 3 ? 3.06724   0.16986   2.78398   1.000 14.02503 ? 3   DA  B H2     1 
ATOM   315 P  P      . DT  B 1 4 ? 8.08647   5.81096   0.25468   1.000 18.60998 ? 4   DT  B P      1 
ATOM   316 O  OP1    . DT  B 1 4 ? 8.19241   5.12053   -1.03898  1.000 22.90213 ? 4   DT  B OP1    1 
ATOM   317 O  OP2    . DT  B 1 4 ? 8.96642   5.44577   1.37743   1.000 21.82661 ? 4   DT  B OP2    1 
ATOM   318 O  "O5'"  . DT  B 1 4 ? 8.24400   7.34394   -0.11272  1.000 18.86936 ? 4   DT  B "O5'"  1 
ATOM   319 C  "C5'"  . DT  B 1 4 ? 8.49733   8.30729   0.86782   1.000 17.54690 ? 4   DT  B "C5'"  1 
ATOM   320 C  "C4'"  . DT  B 1 4 ? 8.76683   9.64458   0.21143   1.000 15.75745 ? 4   DT  B "C4'"  1 
ATOM   321 O  "O4'"  . DT  B 1 4 ? 9.85686   9.46247   -0.73301  1.000 16.42821 ? 4   DT  B "O4'"  1 
ATOM   322 C  "C3'"  . DT  B 1 4 ? 7.60357   10.21427  -0.59234  1.000 15.41057 ? 4   DT  B "C3'"  1 
ATOM   323 O  "O3'"  . DT  B 1 4 ? 7.57759   11.60920  -0.54598  1.000 15.58894 ? 4   DT  B "O3'"  1 
ATOM   324 C  "C2'"  . DT  B 1 4 ? 7.91438   9.73214   -1.98646  1.000 15.65604 ? 4   DT  B "C2'"  1 
ATOM   325 C  "C1'"  . DT  B 1 4 ? 9.43643   9.84154   -2.00613  1.000 17.90639 ? 4   DT  B "C1'"  1 
ATOM   326 N  N1     . DT  B 1 4 ? 10.08985  8.98310   -3.02800  1.000 19.59235 ? 4   DT  B N1     1 
ATOM   327 C  C2     . DT  B 1 4 ? 10.94674  9.57252   -3.90905  1.000 24.58214 ? 4   DT  B C2     1 
ATOM   328 O  O2     . DT  B 1 4 ? 11.27424  10.72534  -3.81198  1.000 25.54837 ? 4   DT  B O2     1 
ATOM   329 N  N3     . DT  B 1 4 ? 11.47939  8.73864   -4.85295  1.000 24.63525 ? 4   DT  B N3     1 
ATOM   330 C  C4     . DT  B 1 4 ? 11.19639  7.40549   -5.03454  1.000 26.73688 ? 4   DT  B C4     1 
ATOM   331 O  O4     . DT  B 1 4 ? 11.71873  6.74390   -5.93382  1.000 30.56281 ? 4   DT  B O4     1 
ATOM   332 C  C5     . DT  B 1 4 ? 10.25033  6.84504   -4.09027  1.000 23.41994 ? 4   DT  B C5     1 
ATOM   333 C  C7     . DT  B 1 4 ? 9.86469   5.40353   -4.16827  1.000 27.39283 ? 4   DT  B C7     1 
ATOM   334 C  C6     . DT  B 1 4 ? 9.73601   7.65725   -3.15121  1.000 23.08844 ? 4   DT  B C6     1 
ATOM   335 H  "H5'"  . DT  B 1 4 ? 9.27114   8.04215   1.38891   1.000 21.07454 ? 4   DT  B "H5'"  1 
ATOM   336 H  "H5''" . DT  B 1 4 ? 7.72696   8.38426   1.45168   1.000 21.07454 ? 4   DT  B "H5''" 1 
ATOM   337 H  "H4'"  . DT  B 1 4 ? 9.03309   10.28665  0.88835   1.000 18.92720 ? 4   DT  B "H4'"  1 
ATOM   338 H  "H3'"  . DT  B 1 4 ? 6.76154   9.84406   -0.28327  1.000 18.51095 ? 4   DT  B "H3'"  1 
ATOM   339 H  "H2'"  . DT  B 1 4 ? 7.62697   8.81491   -2.10615  1.000 18.80551 ? 4   DT  B "H2'"  1 
ATOM   340 H  "H2''" . DT  B 1 4 ? 7.51536   10.31463  -2.65150  1.000 18.80551 ? 4   DT  B "H2''" 1 
ATOM   341 H  "H1'"  . DT  B 1 4 ? 9.68426   10.76350  -2.15846  1.000 21.50593 ? 4   DT  B "H1'"  1 
ATOM   342 H  H3     . DT  B 1 4 ? 12.04168  9.08978   -5.40080  1.000 29.58057 ? 4   DT  B H3     1 
ATOM   343 H  H71    . DT  B 1 4 ? 10.10045  4.96084   -3.33837  1.000 32.88966 ? 4   DT  B H71    1 
ATOM   344 H  H72    . DT  B 1 4 ? 8.90812   5.33212   -4.31211  1.000 32.88966 ? 4   DT  B H72    1 
ATOM   345 H  H73    . DT  B 1 4 ? 10.33510  4.98208   -4.90476  1.000 32.88966 ? 4   DT  B H73    1 
ATOM   346 H  H6     . DT  B 1 4 ? 9.12123   7.30447   -2.54913  1.000 27.72439 ? 4   DT  B H6     1 
ATOM   347 P  P      . DG  B 1 5 ? 6.81864   12.37311  0.63217   1.000 15.02532 ? 5   DG  B P      1 
ATOM   348 O  OP1    . DG  B 1 5 ? 6.92360   13.81650  0.33362   1.000 16.80234 ? 5   DG  B OP1    1 
ATOM   349 O  OP2    . DG  B 1 5 ? 7.27900   11.89369  1.92938   1.000 16.96357 ? 5   DG  B OP2    1 
ATOM   350 O  "O5'"  . DG  B 1 5 ? 5.30945   11.92932  0.50471   1.000 14.07116 ? 5   DG  B "O5'"  1 
ATOM   351 C  "C5'"  . DG  B 1 5 ? 4.56977   12.16859  -0.64812  1.000 13.47965 ? 5   DG  B "C5'"  1 
ATOM   352 C  "C4'"  . DG  B 1 5 ? 3.09821   12.25449  -0.29664  1.000 13.37880 ? 5   DG  B "C4'"  1 
ATOM   353 O  "O4'"  . DG  B 1 5 ? 2.62690   10.98196  0.24342   1.000 12.98353 ? 5   DG  B "O4'"  1 
ATOM   354 C  "C3'"  . DG  B 1 5 ? 2.76497   13.29637  0.75362   1.000 13.06326 ? 5   DG  B "C3'"  1 
ATOM   355 O  "O3'"  . DG  B 1 5 ? 1.54859   13.91272  0.39170   1.000 12.68488 ? 5   DG  B "O3'"  1 
ATOM   356 C  "C2'"  . DG  B 1 5 ? 2.67981   12.51007  2.05965   1.000 14.61102 ? 5   DG  B "C2'"  1 
ATOM   357 C  "C1'"  . DG  B 1 5 ? 2.28266   11.10577  1.61328   1.000 11.33277 ? 5   DG  B "C1'"  1 
ATOM   358 N  N9     . DG  B 1 5 ? 2.95533   10.02561  2.33755   1.000 12.19807 ? 5   DG  B N9     1 
ATOM   359 C  C8     . DG  B 1 5 ? 4.25726   9.97951   2.75446   1.000 13.03219 ? 5   DG  B C8     1 
ATOM   360 N  N7     . DG  B 1 5 ? 4.57681   8.86304   3.34090   1.000 13.16860 ? 5   DG  B N7     1 
ATOM   361 C  C5     . DG  B 1 5 ? 3.40960   8.12043   3.31769   1.000 11.86891 ? 5   DG  B C5     1 
ATOM   362 C  C6     . DG  B 1 5 ? 3.15025   6.81645   3.78621   1.000 12.06360 ? 5   DG  B C6     1 
ATOM   363 O  O6     . DG  B 1 5 ? 3.92397   6.03649   4.34889   1.000 13.54947 ? 5   DG  B O6     1 
ATOM   364 N  N1     . DG  B 1 5 ? 1.84217   6.44504   3.56242   1.000 12.37102 ? 5   DG  B N1     1 
ATOM   365 C  C2     . DG  B 1 5 ? 0.91235   7.20334   2.92355   1.000 11.43561 ? 5   DG  B C2     1 
ATOM   366 N  N2     . DG  B 1 5 ? -0.28213  6.64771   2.77628   1.000 12.05768 ? 5   DG  B N2     1 
ATOM   367 N  N3     . DG  B 1 5 ? 1.13396   8.41884   2.46845   1.000 11.83424 ? 5   DG  B N3     1 
ATOM   368 C  C4     . DG  B 1 5 ? 2.40160   8.81563   2.70792   1.000 11.37289 ? 5   DG  B C4     1 
ATOM   369 H  "H5'"  . DG  B 1 5 ? 4.70963   11.44427  -1.27828  1.000 16.19384 ? 5   DG  B "H5'"  1 
ATOM   370 H  "H5''" . DG  B 1 5 ? 4.85560   13.00472  -1.04743  1.000 16.19384 ? 5   DG  B "H5''" 1 
ATOM   371 H  "H4'"  . DG  B 1 5 ? 2.59769   12.45485  -1.10342  1.000 16.07282 ? 5   DG  B "H4'"  1 
ATOM   372 H  "H3'"  . DG  B 1 5 ? 3.47422   13.95707  0.80558   1.000 15.69417 ? 5   DG  B "H3'"  1 
ATOM   373 H  "H2'"  . DG  B 1 5 ? 3.54033   12.49824  2.50431   1.000 17.55148 ? 5   DG  B "H2'"  1 
ATOM   374 H  "H2''" . DG  B 1 5 ? 2.00079   12.88688  2.63965   1.000 17.55148 ? 5   DG  B "H2''" 1 
ATOM   375 H  "H1'"  . DG  B 1 5 ? 1.32270   11.00213  1.70876   1.000 13.61759 ? 5   DG  B "H1'"  1 
ATOM   376 H  H8     . DG  B 1 5 ? 4.85523   10.68171  2.63432   1.000 15.65689 ? 5   DG  B H8     1 
ATOM   377 H  H1     . DG  B 1 5 ? 1.60551   5.65798   3.81507   1.000 14.86348 ? 5   DG  B H1     1 
ATOM   378 H  H21    . DG  B 1 5 ? -0.91207  7.08142   2.38369   1.000 14.48748 ? 5   DG  B H21    1 
ATOM   379 H  H22    . DG  B 1 5 ? -0.42624  5.85415   3.07383   1.000 14.48748 ? 5   DG  B H22    1 
ATOM   380 P  P      . DC  B 1 6 ? 0.85004   15.04428  1.29721   1.000 13.46984 ? 6   DC  B P      1 
ATOM   381 O  OP1    . DC  B 1 6 ? 0.19754   15.98132  0.36621   1.000 13.99155 ? 6   DC  B OP1    1 
ATOM   382 O  OP2    . DC  B 1 6 ? 1.77910   15.54086  2.32443   1.000 16.06550 ? 6   DC  B OP2    1 
ATOM   383 O  "O5'"  . DC  B 1 6 ? -0.26869  14.27182  2.09673   1.000 13.98487 ? 6   DC  B "O5'"  1 
ATOM   384 C  "C5'"  . DC  B 1 6 ? -1.33086  13.72954  1.37288   1.000 17.18808 ? 6   DC  B "C5'"  1 
ATOM   385 C  "C4'"  . DC  B 1 6 ? -2.06978  12.73656  2.19416   1.000 22.12218 ? 6   DC  B "C4'"  1 
ATOM   386 O  "O4'"  . DC  B 1 6 ? -1.17854  11.70299  2.58279   1.000 24.83479 ? 6   DC  B "O4'"  1 
ATOM   387 C  "C3'"  . DC  B 1 6 ? -2.61989  13.29518  3.47743   1.000 25.65350 ? 6   DC  B "C3'"  1 
ATOM   388 O  "O3'"  . DC  B 1 6 ? -3.90164  13.81252  3.20797   1.000 29.08245 ? 6   DC  B "O3'"  1 
ATOM   389 C  "C2'"  . DC  B 1 6 ? -2.62226  12.09399  4.41648   1.000 31.00654 ? 6   DC  B "C2'"  1 
ATOM   390 C  "C1'"  . DC  B 1 6 ? -1.64620  11.10647  3.76393   1.000 29.46391 ? 6   DC  B "C1'"  1 
ATOM   391 N  N1     . DC  B 1 6 ? -0.43590  10.75016  4.54914   1.000 27.76263 ? 6   DC  B N1     1 
ATOM   392 C  C2     . DC  B 1 6 ? -0.31587  9.46907   5.09261   1.000 24.94785 ? 6   DC  B C2     1 
ATOM   393 O  O2     . DC  B 1 6 ? -1.25359  8.68557   4.98298   1.000 25.37865 ? 6   DC  B O2     1 
ATOM   394 N  N3     . DC  B 1 6 ? 0.81593   9.13784   5.74614   1.000 25.66774 ? 6   DC  B N3     1 
ATOM   395 C  C4     . DC  B 1 6 ? 1.80840   10.01738  5.83789   1.000 26.39070 ? 6   DC  B C4     1 
ATOM   396 N  N4     . DC  B 1 6 ? 2.91022   9.63818   6.47082   1.000 24.58390 ? 6   DC  B N4     1 
ATOM   397 C  C5     . DC  B 1 6 ? 1.71002   11.32788  5.27926   1.000 24.97456 ? 6   DC  B C5     1 
ATOM   398 C  C6     . DC  B 1 6 ? 0.58867   11.63394  4.62780   1.000 26.93739 ? 6   DC  B C6     1 
ATOM   399 H  "H5'"  . DC  B 1 6 ? -0.98661  13.29408  0.57788   1.000 20.64396 ? 6   DC  B "H5'"  1 
ATOM   400 H  "H5''" . DC  B 1 6 ? -1.93608  14.44127  1.11064   1.000 20.64396 ? 6   DC  B "H5''" 1 
ATOM   401 H  "H4'"  . DC  B 1 6 ? -2.79316  12.35836  1.67067   1.000 26.56488 ? 6   DC  B "H4'"  1 
ATOM   402 H  "H3'"  . DC  B 1 6 ? -2.03732  13.99115  3.81909   1.000 30.80246 ? 6   DC  B "H3'"  1 
ATOM   403 H  "H2'"  . DC  B 1 6 ? -2.31125  12.34917  5.29888   1.000 37.22611 ? 6   DC  B "H2'"  1 
ATOM   404 H  "H2''" . DC  B 1 6 ? -3.50910  11.70890  4.46343   1.000 37.22611 ? 6   DC  B "H2''" 1 
ATOM   405 H  "H1'"  . DC  B 1 6 ? -2.12371  10.29943  3.53568   1.000 35.37496 ? 6   DC  B "H1'"  1 
ATOM   406 H  H41    . DC  B 1 6 ? 2.96382   8.84704   6.80426   1.000 29.51894 ? 6   DC  B H41    1 
ATOM   407 H  H42    . DC  B 1 6 ? 3.57101   10.18330  6.54762   1.000 29.51894 ? 6   DC  B H42    1 
ATOM   408 H  H5     . DC  B 1 6 ? 2.41405   11.93215  5.33914   1.000 29.98774 ? 6   DC  B H5     1 
ATOM   409 H  H6     . DC  B 1 6 ? 0.49962   12.47413  4.23993   1.000 32.34313 ? 6   DC  B H6     1 
ATOM   410 P  P      . DT  B 1 7 ? -4.77265  14.56126  4.31950   1.000 28.57862 ? 7   DT  B P      1 
ATOM   411 O  OP1    . DT  B 1 7 ? -5.22055  15.79590  3.68765   1.000 35.78737 ? 7   DT  B OP1    1 
ATOM   412 O  OP2    . DT  B 1 7 ? -4.07118  14.60292  5.61871   1.000 33.37171 ? 7   DT  B OP2    1 
ATOM   413 O  "O5'"  . DT  B 1 7 ? -6.08584  13.66051  4.39715   1.000 28.34219 ? 7   DT  B "O5'"  1 
ATOM   414 C  "C5'"  . DT  B 1 7 ? -6.41320  12.88819  3.24241   1.000 30.90690 ? 7   DT  B "C5'"  1 
ATOM   415 C  "C4'"  . DT  B 1 7 ? -7.82393  12.36749  3.27945   1.000 34.02037 ? 7   DT  B "C4'"  1 
ATOM   416 O  "O4'"  . DT  B 1 7 ? -7.83690  11.11644  3.99627   1.000 35.41976 ? 7   DT  B "O4'"  1 
ATOM   417 C  "C3'"  . DT  B 1 7 ? -8.82670  13.27419  3.97255   1.000 36.20683 ? 7   DT  B "C3'"  1 
ATOM   418 O  "O3'"  . DT  B 1 7 ? -10.06909 13.26246  3.29339   1.000 38.57217 ? 7   DT  B "O3'"  1 
ATOM   419 C  "C2'"  . DT  B 1 7 ? -8.93088  12.68618  5.37167   1.000 36.55544 ? 7   DT  B "C2'"  1 
ATOM   420 C  "C1'"  . DT  B 1 7 ? -8.61003  11.21507  5.16232   1.000 35.79114 ? 7   DT  B "C1'"  1 
ATOM   421 N  N1     . DT  B 1 7 ? -7.83372  10.65573  6.23320   1.000 36.85738 ? 7   DT  B N1     1 
ATOM   422 C  C2     . DT  B 1 7 ? -8.46546  10.03014  7.26883   1.000 39.52292 ? 7   DT  B C2     1 
ATOM   423 O  O2     . DT  B 1 7 ? -9.67284  9.90722   7.32984   1.000 41.73590 ? 7   DT  B O2     1 
ATOM   424 N  N3     . DT  B 1 7 ? -7.62756  9.54800   8.23888   1.000 38.73902 ? 7   DT  B N3     1 
ATOM   425 C  C4     . DT  B 1 7 ? -6.26016  9.64023   8.26444   1.000 37.57893 ? 7   DT  B C4     1 
ATOM   426 O  O4     . DT  B 1 7 ? -5.59357  9.17148   9.17085   1.000 40.56186 ? 7   DT  B O4     1 
ATOM   427 C  C5     . DT  B 1 7 ? -5.67099  10.31712  7.13491   1.000 37.00779 ? 7   DT  B C5     1 
ATOM   428 C  C7     . DT  B 1 7 ? -4.19467  10.47775  7.03444   1.000 39.87263 ? 7   DT  B C7     1 
ATOM   429 C  C6     . DT  B 1 7 ? -6.47811  10.78151  6.18816   1.000 34.82215 ? 7   DT  B C6     1 
ATOM   430 H  "H5'"  . DT  B 1 7 ? -5.80287  12.13669  3.18453   1.000 37.10654 ? 7   DT  B "H5'"  1 
ATOM   431 H  "H5''" . DT  B 1 7 ? -6.30429  13.44242  2.45327   1.000 37.10654 ? 7   DT  B "H5''" 1 
ATOM   432 H  "H4'"  . DT  B 1 7 ? -8.12247  12.20954  2.36986   1.000 40.84270 ? 7   DT  B "H4'"  1 
ATOM   433 H  "H3'"  . DT  B 1 7 ? -8.48062  14.17925  4.01769   1.000 43.46646 ? 7   DT  B "H3'"  1 
ATOM   434 H  "HO3'" . DT  B 1 7 ? -10.16973 12.78745  2.60822   1.000 46.30486 ? 7   DT  B "HO3'" 1 
ATOM   435 H  "H2'"  . DT  B 1 7 ? -8.28196  13.09542  5.96258   1.000 43.88479 ? 7   DT  B "H2'"  1 
ATOM   436 H  "H2''" . DT  B 1 7 ? -9.82959  12.79312  5.72134   1.000 43.88479 ? 7   DT  B "H2''" 1 
ATOM   437 H  "H1'"  . DT  B 1 7 ? -9.43153  10.71131  5.05368   1.000 42.96763 ? 7   DT  B "H1'"  1 
ATOM   438 H  H3     . DT  B 1 7 ? -7.99810  9.14642   8.90276   1.000 46.50508 ? 7   DT  B H3     1 
ATOM   439 H  H71    . DT  B 1 7 ? -3.84697  10.77205  7.88105   1.000 47.86542 ? 7   DT  B H71    1 
ATOM   440 H  H72    . DT  B 1 7 ? -3.79243  9.63136   6.78924   1.000 47.86542 ? 7   DT  B H72    1 
ATOM   441 H  H73    . DT  B 1 7 ? -3.99258  11.13773  6.36350   1.000 47.86542 ? 7   DT  B H73    1 
ATOM   442 H  H6     . DT  B 1 7 ? -6.09941  11.22361  5.46281   1.000 41.80484 ? 7   DT  B H6     1 
HETATM 443 CO CO     . NCO C 2 . ? -2.74360  -5.80505  5.86735   1.000 10.96411 ? 101 NCO A CO     1 
HETATM 444 N  N1     . NCO C 2 . ? -2.48953  -7.60847  6.63979   1.000 12.69345 ? 101 NCO A N1     1 
HETATM 445 N  N2     . NCO C 2 . ? -2.95531  -4.00164  5.07155   1.000 12.41590 ? 101 NCO A N2     1 
HETATM 446 N  N3     . NCO C 2 . ? -2.37153  -4.99607  7.62885   1.000 12.69102 ? 101 NCO A N3     1 
HETATM 447 N  N4     . NCO C 2 . ? -4.65312  -5.92069  6.33712   1.000 13.32542 ? 101 NCO A N4     1 
HETATM 448 N  N5     . NCO C 2 . ? -3.16680  -6.63056  4.13142   1.000 11.59077 ? 101 NCO A N5     1 
HETATM 449 N  N6     . NCO C 2 . ? -0.83237  -5.67966  5.39867   1.000 13.96313 ? 101 NCO A N6     1 
HETATM 450 H  HN11   . NCO C 2 . ? -1.49106  -7.88687  6.55130   1.000 15.25040 ? 101 NCO A HN11   1 
HETATM 451 H  HN12   . NCO C 2 . ? -2.75827  -7.59607  7.64468   1.000 15.25040 ? 101 NCO A HN12   1 
HETATM 452 H  HN13   . NCO C 2 . ? -3.08632  -8.29145  6.13023   1.000 15.25040 ? 101 NCO A HN13   1 
HETATM 453 H  HN21   . NCO C 2 . ? -2.03660  -3.66925  4.71555   1.000 14.91735 ? 101 NCO A HN21   1 
HETATM 454 H  HN22   . NCO C 2 . ? -3.63483  -4.04731  4.28599   1.000 14.91735 ? 101 NCO A HN22   1 
HETATM 455 H  HN23   . NCO C 2 . ? -3.30615  -3.34160  5.79524   1.000 14.91735 ? 101 NCO A HN23   1 
HETATM 456 H  HN31   . NCO C 2 . ? -1.35511  -4.79048  7.70862   1.000 15.24748 ? 101 NCO A HN31   1 
HETATM 457 H  HN32   . NCO C 2 . ? -2.91237  -4.11296  7.72627   1.000 15.24748 ? 101 NCO A HN32   1 
HETATM 458 H  HN33   . NCO C 2 . ? -2.65071  -5.65863  8.38093   1.000 15.24748 ? 101 NCO A HN33   1 
HETATM 459 H  HN41   . NCO C 2 . ? -5.00915  -4.97353  6.57607   1.000 16.00877 ? 101 NCO A HN41   1 
HETATM 460 H  HN42   . NCO C 2 . ? -5.18739  -6.29811  5.52845   1.000 16.00877 ? 101 NCO A HN42   1 
HETATM 461 H  HN43   . NCO C 2 . ? -4.77175  -6.55183  7.15470   1.000 16.00877 ? 101 NCO A HN43   1 
HETATM 462 H  HN51   . NCO C 2 . ? -2.29632  -6.72786  3.57109   1.000 13.92718 ? 101 NCO A HN51   1 
HETATM 463 H  HN52   . NCO C 2 . ? -3.58540  -7.57010  4.28717   1.000 13.92718 ? 101 NCO A HN52   1 
HETATM 464 H  HN53   . NCO C 2 . ? -3.84321  -6.03074  3.61853   1.000 13.92718 ? 101 NCO A HN53   1 
HETATM 465 H  HN61   . NCO C 2 . ? -0.28238  -6.31131  6.01519   1.000 16.77402 ? 101 NCO A HN61   1 
HETATM 466 H  HN62   . NCO C 2 . ? -0.69806  -5.96152  4.40675   1.000 16.77402 ? 101 NCO A HN62   1 
HETATM 467 H  HN63   . NCO C 2 . ? -0.50664  -4.69997  5.52758   1.000 16.77402 ? 101 NCO A HN63   1 
HETATM 468 CO CO     A NCO D 2 . ? 9.23099   0.32972   2.29338   0.150 11.40697 ? 102 NCO A CO     1 
HETATM 469 CO CO     B NCO D 2 . ? 8.94825   -0.86933  3.23824   0.550 40.53282 ? 102 NCO A CO     1 
HETATM 470 N  N1     A NCO D 2 . ? 9.95159   -1.14846  3.39645   0.150 17.20177 ? 102 NCO A N1     1 
HETATM 471 N  N1     B NCO D 2 . ? 8.44939   -2.37779  4.43017   0.550 38.30004 ? 102 NCO A N1     1 
HETATM 472 N  N2     A NCO D 2 . ? 8.50467   1.80867   1.19519   0.150 15.74312 ? 102 NCO A N2     1 
HETATM 473 N  N2     B NCO D 2 . ? 9.44933   0.63772   2.06187   0.550 42.08401 ? 102 NCO A N2     1 
HETATM 474 N  N3     A NCO D 2 . ? 8.88098   1.36655   3.94440   0.150 12.57292 ? 102 NCO A N3     1 
HETATM 475 N  N3     B NCO D 2 . ? 8.57857   0.40107   4.71728   0.550 42.22330 ? 102 NCO A N3     1 
HETATM 476 N  N4     A NCO D 2 . ? 7.40240   -0.42159  2.40978   0.150 14.20002 ? 102 NCO A N4     1 
HETATM 477 N  N4     B NCO D 2 . ? 7.07163   -0.68952  2.62298   0.550 41.22525 ? 102 NCO A N4     1 
HETATM 478 N  N5     A NCO D 2 . ? 9.56760   -0.72531  0.65190   0.150 13.27713 ? 102 NCO A N5     1 
HETATM 479 N  N5     B NCO D 2 . ? 9.31630   -2.13508  1.75594   0.550 41.46731 ? 102 NCO A N5     1 
HETATM 480 N  N6     A NCO D 2 . ? 11.04424  1.11657   2.18355   0.150 12.52405 ? 102 NCO A N6     1 
HETATM 481 N  N6     B NCO D 2 . ? 10.82602  -1.04283  3.83560   0.550 39.61618 ? 102 NCO A N6     1 
HETATM 482 H  HN11   A NCO D 2 . ? 10.97225  -1.01082  3.53953   0.150 20.66039 ? 102 NCO A HN11   1 
HETATM 483 H  HN11   B NCO D 2 . ? 9.16402   -2.47633  5.17850   0.550 45.97830 ? 102 NCO A HN11   1 
HETATM 484 H  HN12   A NCO D 2 . ? 9.47069   -1.15853  4.31866   0.150 20.66039 ? 102 NCO A HN12   1 
HETATM 485 H  HN12   B NCO D 2 . ? 7.51790   -2.19819  4.85570   0.550 45.97830 ? 102 NCO A HN12   1 
HETATM 486 H  HN13   A NCO D 2 . ? 9.78960   -2.05427  2.91092   0.150 20.66039 ? 102 NCO A HN13   1 
HETATM 487 H  HN13   B NCO D 2 . ? 8.41970   -3.25652  3.87695   0.550 45.97830 ? 102 NCO A HN13   1 
HETATM 488 H  HN21   A NCO D 2 . ? 9.27194   2.46328   0.94396   0.150 18.91000 ? 102 NCO A HN21   1 
HETATM 489 H  HN21   B NCO D 2 . ? 10.46966  0.82042   2.14840   0.550 50.51907 ? 102 NCO A HN21   1 
HETATM 490 H  HN22   A NCO D 2 . ? 8.08243   1.42154   0.32735   0.150 18.91000 ? 102 NCO A HN22   1 
HETATM 491 H  HN22   B NCO D 2 . ? 9.22214   0.39851   1.07519   0.550 50.51907 ? 102 NCO A HN22   1 
HETATM 492 H  HN23   A NCO D 2 . ? 7.77788   2.31887   1.73690   0.150 18.91000 ? 102 NCO A HN23   1 
HETATM 493 H  HN23   B NCO D 2 . ? 8.91997   1.48765   2.34233   0.550 50.51907 ? 102 NCO A HN23   1 
HETATM 494 H  HN31   A NCO D 2 . ? 9.71996   1.93242   4.18580   0.150 15.10577 ? 102 NCO A HN31   1 
HETATM 495 H  HN31   B NCO D 2 . ? 9.44232   0.54119   5.27922   0.550 50.68622 ? 102 NCO A HN31   1 
HETATM 496 H  HN32   A NCO D 2 . ? 8.06997   1.99888   3.79074   0.150 15.10577 ? 102 NCO A HN32   1 
HETATM 497 H  HN32   B NCO D 2 . ? 8.27103   1.31286   4.32273   0.550 50.68622 ? 102 NCO A HN32   1 
HETATM 498 H  HN33   A NCO D 2 . ? 8.66832   0.71288   4.72547   0.150 15.10577 ? 102 NCO A HN33   1 
HETATM 499 H  HN33   B NCO D 2 . ? 7.82843   0.01631   5.32617   0.550 50.68622 ? 102 NCO A HN33   1 
HETATM 500 H  HN41   A NCO D 2 . ? 6.72369   0.34452   2.59281   0.150 17.05829 ? 102 NCO A HN41   1 
HETATM 501 H  HN41   B NCO D 2 . ? 7.06049   -0.35724  1.63725   0.550 49.48856 ? 102 NCO A HN41   1 
HETATM 502 H  HN42   A NCO D 2 . ? 7.16252   -0.89106  1.51310   0.150 17.05829 ? 102 NCO A HN42   1 
HETATM 503 H  HN42   B NCO D 2 . ? 6.59599   -1.61202  2.68271   0.550 49.48856 ? 102 NCO A HN42   1 
HETATM 504 H  HN43   A NCO D 2 . ? 7.36072   -1.11372  3.18523   0.150 17.05829 ? 102 NCO A HN43   1 
HETATM 505 H  HN43   B NCO D 2 . ? 6.57340   -0.00346  3.22598   0.550 49.48856 ? 102 NCO A HN43   1 
HETATM 506 H  HN51   A NCO D 2 . ? 10.52656  -0.52601  0.30194   0.150 15.95082 ? 102 NCO A HN51   1 
HETATM 507 H  HN51   B NCO D 2 . ? 10.30600  -2.45090  1.80711   0.550 49.77903 ? 102 NCO A HN51   1 
HETATM 508 H  HN52   A NCO D 2 . ? 9.48208   -1.73889  0.86742   0.150 15.95082 ? 102 NCO A HN52   1 
HETATM 509 H  HN52   B NCO D 2 . ? 8.68611   -2.95752  1.83595   0.550 49.77903 ? 102 NCO A HN52   1 
HETATM 510 H  HN53   A NCO D 2 . ? 8.87164   -0.46546  -0.07642  0.150 15.95082 ? 102 NCO A HN53   1 
HETATM 511 H  HN53   B NCO D 2 . ? 9.15113   -1.66015  0.84511   0.550 49.77903 ? 102 NCO A HN53   1 
HETATM 512 H  HN61   A NCO D 2 . ? 11.12024  1.91079   2.85098   0.150 15.04712 ? 102 NCO A HN61   1 
HETATM 513 H  HN61   B NCO D 2 . ? 11.09002  -0.20864  4.39766   0.550 47.55768 ? 102 NCO A HN61   1 
HETATM 514 H  HN62   A NCO D 2 . ? 11.75272  0.39362   2.42316   0.150 15.04712 ? 102 NCO A HN62   1 
HETATM 515 H  HN62   B NCO D 2 . ? 10.92789  -1.89940  4.41754   0.550 47.55768 ? 102 NCO A HN62   1 
HETATM 516 H  HN63   A NCO D 2 . ? 11.21393  1.45961   1.21671   0.150 15.04712 ? 102 NCO A HN63   1 
HETATM 517 H  HN63   B NCO D 2 . ? 11.44828  -1.11229  3.00613   0.550 47.55768 ? 102 NCO A HN63   1 
HETATM 518 CO CO     . NCO E 2 . ? -3.42233  -13.65822 0.79074   1.000 58.00698 ? 103 NCO A CO     1 
HETATM 519 N  N1     . NCO E 2 . ? -4.94915  -14.90980 0.67518   1.000 56.24127 ? 103 NCO A N1     1 
HETATM 520 N  N2     . NCO E 2 . ? -1.87894  -12.41409 0.88526   1.000 56.09272 ? 103 NCO A N2     1 
HETATM 521 N  N3     . NCO E 2 . ? -2.28937  -14.88932 -0.27277  1.000 58.64487 ? 103 NCO A N3     1 
HETATM 522 N  N4     . NCO E 2 . ? -2.78251  -14.55671 2.44168   1.000 56.60326 ? 103 NCO A N4     1 
HETATM 523 N  N5     . NCO E 2 . ? -4.53530  -12.40387 1.85535   1.000 58.14397 ? 103 NCO A N5     1 
HETATM 524 N  N6     . NCO E 2 . ? -4.03229  -12.76306 -0.86548  1.000 56.73556 ? 103 NCO A N6     1 
HETATM 525 H  HN11   . NCO E 2 . ? -5.51721  -14.68853 -0.16753  1.000 67.50779 ? 103 NCO A HN11   1 
HETATM 526 H  HN12   . NCO E 2 . ? -4.59410  -15.88467 0.60728   1.000 67.50779 ? 103 NCO A HN12   1 
HETATM 527 H  HN13   . NCO E 2 . ? -5.54077  -14.81522 1.52573   1.000 67.50779 ? 103 NCO A HN13   1 
HETATM 528 H  HN21   . NCO E 2 . ? -1.91338  -11.75702 0.07924   1.000 67.32952 ? 103 NCO A HN21   1 
HETATM 529 H  HN22   . NCO E 2 . ? -1.92160  -11.87502 1.77352   1.000 67.32952 ? 103 NCO A HN22   1 
HETATM 530 H  HN23   . NCO E 2 . ? -0.99301  -12.95700 0.85146   1.000 67.32952 ? 103 NCO A HN23   1 
HETATM 531 H  HN31   . NCO E 2 . ? -2.38917  -14.66902 -1.28464  1.000 70.39210 ? 103 NCO A HN31   1 
HETATM 532 H  HN32   . NCO E 2 . ? -1.29496  -14.77631 0.00940   1.000 70.39210 ? 103 NCO A HN32   1 
HETATM 533 H  HN33   . NCO E 2 . ? -2.58866  -15.87070 -0.10102  1.000 70.39210 ? 103 NCO A HN33   1 
HETATM 534 H  HN41   . NCO E 2 . ? -1.75823  -14.72260 2.37142   1.000 67.94217 ? 103 NCO A HN41   1 
HETATM 535 H  HN42   . NCO E 2 . ? -2.98003  -13.95205 3.26481   1.000 67.94217 ? 103 NCO A HN42   1 
HETATM 536 H  HN43   . NCO E 2 . ? -3.27382  -15.46583 2.55436   1.000 67.94217 ? 103 NCO A HN43   1 
HETATM 537 H  HN51   . NCO E 2 . ? -5.02661  -11.74718 1.21546   1.000 69.79103 ? 103 NCO A HN51   1 
HETATM 538 H  HN52   . NCO E 2 . ? -5.23560  -12.94216 2.40452   1.000 69.79103 ? 103 NCO A HN52   1 
HETATM 539 H  HN53   . NCO E 2 . ? -3.92650  -11.86519 2.50414   1.000 69.79103 ? 103 NCO A HN53   1 
HETATM 540 H  HN61   . NCO E 2 . ? -5.04547  -12.94899 -1.00796  1.000 68.10094 ? 103 NCO A HN61   1 
HETATM 541 H  HN62   . NCO E 2 . ? -3.87707  -11.73800 -0.78258  1.000 68.10094 ? 103 NCO A HN62   1 
HETATM 542 H  HN63   . NCO E 2 . ? -3.49577  -13.12885 -1.67789  1.000 68.10094 ? 103 NCO A HN63   1 
HETATM 543 CO CO     . NCO F 2 . ? -12.42731 -10.44660 -0.37197  0.500 31.76034 ? 104 NCO A CO     1 
HETATM 544 N  N1     . NCO F 2 . ? -13.39574 -12.13452 -0.64683  0.500 30.49862 ? 104 NCO A N1     1 
HETATM 545 N  N2     . NCO F 2 . ? -11.43477 -8.77558  -0.06925  0.500 30.83032 ? 104 NCO A N2     1 
HETATM 546 N  N3     . NCO F 2 . ? -13.28548 -10.26639 1.39201   0.500 31.01097 ? 104 NCO A N3     1 
HETATM 547 N  N4     . NCO F 2 . ? -13.91039 -9.41341  -1.17147  0.500 32.58753 ? 104 NCO A N4     1 
HETATM 548 N  N5     . NCO F 2 . ? -11.55557 -10.64971 -2.12975  0.500 32.27490 ? 104 NCO A N5     1 
HETATM 549 N  N6     . NCO F 2 . ? -10.97512 -11.50175 0.44753   0.500 31.06205 ? 104 NCO A N6     1 
HETATM 550 H  HN11   . NCO F 2 . ? -12.82639 -12.92487 -0.28211  0.500 36.61661 ? 104 NCO A HN11   1 
HETATM 551 H  HN12   . NCO F 2 . ? -14.30370 -12.09972 -0.14090  0.500 36.61661 ? 104 NCO A HN12   1 
HETATM 552 H  HN13   . NCO F 2 . ? -13.57029 -12.27304 -1.66301  0.500 36.61661 ? 104 NCO A HN13   1 
HETATM 553 H  HN21   . NCO F 2 . ? -10.54508 -8.98452  0.42803   0.500 37.01465 ? 104 NCO A HN21   1 
HETATM 554 H  HN22   . NCO F 2 . ? -11.22255 -8.32759  -0.98372  0.500 37.01465 ? 104 NCO A HN22   1 
HETATM 555 H  HN23   . NCO F 2 . ? -12.01104 -8.12975  0.50750   0.500 37.01465 ? 104 NCO A HN23   1 
HETATM 556 H  HN31   . NCO F 2 . ? -12.71298 -10.75687 2.10844   0.500 37.23143 ? 104 NCO A HN31   1 
HETATM 557 H  HN32   . NCO F 2 . ? -13.36147 -9.25916  1.63956   0.500 37.23143 ? 104 NCO A HN32   1 
HETATM 558 H  HN33   . NCO F 2 . ? -14.23620 -10.68792 1.36017   0.500 37.23143 ? 104 NCO A HN33   1 
HETATM 559 H  HN41   . NCO F 2 . ? -14.81781 -9.77985  -0.81882  0.500 39.12330 ? 104 NCO A HN41   1 
HETATM 560 H  HN42   . NCO F 2 . ? -13.81633 -8.41131  -0.90943  0.500 39.12330 ? 104 NCO A HN42   1 
HETATM 561 H  HN43   . NCO F 2 . ? -13.87860 -9.50527  -2.20691  0.500 39.12330 ? 104 NCO A HN43   1 
HETATM 562 H  HN51   . NCO F 2 . ? -10.68477 -11.20826 -2.02331  0.500 38.74814 ? 104 NCO A HN51   1 
HETATM 563 H  HN52   . NCO F 2 . ? -12.20175 -11.13671 -2.78355  0.500 38.74814 ? 104 NCO A HN52   1 
HETATM 564 H  HN53   . NCO F 2 . ? -11.31986 -9.71081  -2.51091  0.500 38.74814 ? 104 NCO A HN53   1 
HETATM 565 H  HN61   . NCO F 2 . ? -11.32795 -11.96862 1.30743   0.500 37.29272 ? 104 NCO A HN61   1 
HETATM 566 H  HN62   . NCO F 2 . ? -10.64731 -12.22221 -0.22735  0.500 37.29272 ? 104 NCO A HN62   1 
HETATM 567 H  HN63   . NCO F 2 . ? -10.18403 -10.87349 0.69372   0.500 37.29272 ? 104 NCO A HN63   1 
HETATM 568 CU CU     . CU  G 3 . ? 7.01724   -6.68616  -1.92188  0.390 29.03023 ? 105 CU  A CU     1 
HETATM 569 CU CU     . CU  H 3 . ? 6.39243   8.54141   4.51270   0.340 26.39897 ? 101 CU  B CU     1 
HETATM 570 O  O      . HOH I 4 . ? 3.64511   4.03268   -3.63068  0.860 14.17383 ? 201 HOH A O      1 
HETATM 571 O  O      . HOH I 4 . ? 7.88468   -4.91845  -3.47005  0.500 44.92057 ? 202 HOH A O      1 
HETATM 572 O  O      . HOH I 4 . ? 0.75603   -1.88898  3.74929   0.920 12.07266 ? 203 HOH A O      1 
HETATM 573 O  O      . HOH I 4 . ? -1.26404  -9.06838  2.31360   0.500 22.51441 ? 204 HOH A O      1 
HETATM 574 O  O      . HOH I 4 . ? -5.86301  -5.80212  0.05973   1.000 21.12141 ? 205 HOH A O      1 
HETATM 575 O  O      . HOH I 4 . ? 6.53527   -0.85454  -0.31566  0.880 19.29292 ? 206 HOH A O      1 
HETATM 576 O  O      . HOH I 4 . ? -4.76593  -4.90956  2.45161   0.950 14.18853 ? 207 HOH A O      1 
HETATM 577 O  O      . HOH I 4 . ? -9.24097  -4.93676  -7.72208  1.000 47.97682 ? 208 HOH A O      1 
HETATM 578 O  O      . HOH I 4 . ? -6.59095  -6.15746  4.04537   0.930 14.61794 ? 209 HOH A O      1 
HETATM 579 O  O      . HOH I 4 . ? 6.23840   -0.60102  6.32748   0.960 31.38059 ? 210 HOH A O      1 
HETATM 580 O  O      . HOH I 4 . ? -9.27660  -2.83860  -4.53770  0.840 32.78545 ? 211 HOH A O      1 
HETATM 581 O  O      . HOH I 4 . ? 1.80682   -5.03571  6.73889   0.700 29.11896 ? 212 HOH A O      1 
HETATM 582 O  O      . HOH I 4 . ? 0.44663   -8.49935  6.01287   0.940 37.78041 ? 213 HOH A O      1 
HETATM 583 O  O      . HOH I 4 . ? 0.41815   -6.34552  8.51485   1.000 16.75249 ? 214 HOH A O      1 
HETATM 584 O  O      . HOH I 4 . ? 2.86316   -2.91196  5.21665   0.830 16.49703 ? 215 HOH A O      1 
HETATM 585 O  O      . HOH I 4 . ? -2.78023  -10.73462 4.05317   0.770 36.07968 ? 216 HOH A O      1 
HETATM 586 O  O      . HOH I 4 . ? -7.24611  -17.33943 0.28179   0.250 39.69849 ? 217 HOH A O      1 
HETATM 587 O  O      . HOH I 4 . ? -7.55442  -11.86396 0.06228   0.500 42.46793 ? 218 HOH A O      1 
HETATM 588 O  O      . HOH I 4 . ? 5.46026   1.62981   6.26011   0.980 32.52370 ? 219 HOH A O      1 
HETATM 589 O  O      . HOH I 4 . ? 7.09513   3.37780   6.79246   0.500 42.08521 ? 220 HOH A O      1 
HETATM 590 O  O      . HOH I 4 . ? 12.71328  -2.06314  -1.28272  1.000 34.35990 ? 221 HOH A O      1 
HETATM 591 O  O      . HOH I 4 . ? 4.50845   -0.87836  9.24445   1.000 43.37567 ? 222 HOH A O      1 
HETATM 592 O  O      . HOH I 4 . ? -1.13496  -19.39555 -3.47166  0.500 39.65081 ? 223 HOH A O      1 
HETATM 593 O  O      . HOH I 4 . ? 0.65079   -18.44950 -9.69184  0.570 22.00566 ? 224 HOH A O      1 
HETATM 594 O  O      . HOH J 4 . ? 13.18926  11.92051  -2.97982  1.000 16.08744 ? 201 HOH B O      1 
HETATM 595 O  O      . HOH J 4 . ? 6.57295   15.60545  2.20815   1.000 33.14478 ? 202 HOH B O      1 
HETATM 596 O  O      . HOH J 4 . ? -0.05483  4.48261   -3.67428  0.920 11.00850 ? 203 HOH B O      1 
HETATM 597 O  O      . HOH J 4 . ? 2.04361   14.93999  4.92414   0.860 29.95203 ? 204 HOH B O      1 
HETATM 598 O  O      . HOH J 4 . ? -4.49598  11.58263  -5.63081  1.000 22.82501 ? 205 HOH B O      1 
HETATM 599 O  O      . HOH J 4 . ? 6.20202   15.70077  -1.52062  0.920 18.62470 ? 206 HOH B O      1 
HETATM 600 O  O      . HOH J 4 . ? 5.99959   12.94995  4.12169   1.000 38.37878 ? 207 HOH B O      1 
HETATM 601 O  O      . HOH J 4 . ? -6.51465  13.42915  -4.76647  1.000 19.81402 ? 208 HOH B O      1 
HETATM 602 O  O      . HOH J 4 . ? -2.44044  8.78849   -4.75468  0.950 13.89990 ? 209 HOH B O      1 
HETATM 603 O  O      . HOH J 4 . ? 3.58839   17.29209  1.19964   0.700 21.22278 ? 210 HOH B O      1 
HETATM 604 O  O      . HOH J 4 . ? 5.79714   2.17940   2.74758   0.970 17.97188 ? 211 HOH B O      1 
HETATM 605 O  O      . HOH J 4 . ? 1.45688   11.16130  -4.04831  0.870 13.57733 ? 212 HOH B O      1 
HETATM 606 O  O      . HOH J 4 . ? 5.27657   11.31688  6.37866   0.930 35.32819 ? 213 HOH B O      1 
HETATM 607 O  O      . HOH J 4 . ? -4.16649  16.25226  1.01548   0.710 27.14029 ? 214 HOH B O      1 
HETATM 608 O  O      . HOH J 4 . ? -10.69825 6.72042   2.31593   1.000 41.45554 ? 215 HOH B O      1 
HETATM 609 O  O      . HOH J 4 . ? -10.71551 9.14231   0.61719   0.880 35.19291 ? 216 HOH B O      1 
HETATM 610 O  O      . HOH J 4 . ? 6.76332   5.00787   3.76852   1.000 37.50568 ? 217 HOH B O      1 
HETATM 611 O  O      . HOH J 4 . ? -12.95284 12.37664  2.61478   0.990 29.52128 ? 218 HOH B O      1 
HETATM 612 O  O      . HOH J 4 . ? -3.66268  11.62389  10.04898  0.500 51.01266 ? 219 HOH B O      1 
HETATM 613 O  O      . HOH J 4 . ? -8.11224  15.91345  1.90099   1.000 41.65278 ? 220 HOH B O      1 
HETATM 614 O  O      . HOH J 4 . ? 14.26397  10.78640  -5.44311  0.960 28.35909 ? 221 HOH B O      1 
HETATM 615 O  O      . HOH J 4 . ? 6.25948   4.21078   -3.72221  0.500 29.54053 ? 222 HOH B O      1 
HETATM 616 O  O      . HOH J 4 . ? 13.79716  13.37481  -2.67998  0.590 18.82196 ? 223 HOH B O      1 
HETATM 617 O  O      . HOH J 4 . ? -5.80148  9.32689   -4.34413  0.980 23.16192 ? 224 HOH B O      1 
HETATM 618 O  O      . HOH J 4 . ? 4.25358   12.39138  -3.96538  0.360 15.23873 ? 225 HOH B O      1 
HETATM 619 O  O      . HOH J 4 . ? 5.49433   14.70710  -3.97059  0.890 15.99293 ? 226 HOH B O      1 
HETATM 620 O  O      . HOH J 4 . ? 12.56958  13.02620  -7.72235  0.500 38.49599 ? 227 HOH B O      1 
# 
loop_
_atom_site_anisotrop.id 
_atom_site_anisotrop.type_symbol 
_atom_site_anisotrop.pdbx_label_atom_id 
_atom_site_anisotrop.pdbx_label_alt_id 
_atom_site_anisotrop.pdbx_label_comp_id 
_atom_site_anisotrop.pdbx_label_asym_id 
_atom_site_anisotrop.pdbx_label_seq_id 
_atom_site_anisotrop.pdbx_PDB_ins_code 
_atom_site_anisotrop.U[1][1] 
_atom_site_anisotrop.U[2][2] 
_atom_site_anisotrop.U[3][3] 
_atom_site_anisotrop.U[1][2] 
_atom_site_anisotrop.U[1][3] 
_atom_site_anisotrop.U[2][3] 
_atom_site_anisotrop.pdbx_auth_seq_id 
_atom_site_anisotrop.pdbx_auth_comp_id 
_atom_site_anisotrop.pdbx_auth_asym_id 
_atom_site_anisotrop.pdbx_auth_atom_id 
1   O  "O5'" . 8OG A 1 ? 0.43072 0.38901 0.41874 -0.06042 0.00561  -0.06707 1   8OG A "O5'" 
2   C  "C5'" . 8OG A 1 ? 0.38360 0.30172 0.38581 -0.09397 0.02415  -0.06018 1   8OG A "C5'" 
3   C  "C4'" . 8OG A 1 ? 0.37340 0.26370 0.35100 -0.12416 0.05705  -0.04641 1   8OG A "C4'" 
4   O  "O4'" . 8OG A 1 ? 0.40090 0.25996 0.29294 -0.11653 0.04493  -0.03539 1   8OG A "O4'" 
5   C  "C3'" . 8OG A 1 ? 0.37176 0.27613 0.32501 -0.11965 0.07301  -0.04378 1   8OG A "C3'" 
6   O  "O3'" . 8OG A 1 ? 0.43926 0.23511 0.33453 -0.12502 0.04742  -0.01497 1   8OG A "O3'" 
7   C  "C2'" . 8OG A 1 ? 0.39489 0.28535 0.28004 -0.08005 0.05604  -0.02870 1   8OG A "C2'" 
8   C  "C1'" . 8OG A 1 ? 0.36194 0.27418 0.27587 -0.10812 0.04251  -0.04116 1   8OG A "C1'" 
9   N  N9    . 8OG A 1 ? 0.40425 0.27662 0.31257 -0.10880 0.06063  -0.05112 1   8OG A N9    
10  C  C8    . 8OG A 1 ? 0.41893 0.31788 0.28793 -0.10736 0.09138  -0.03974 1   8OG A C8    
11  N  N7    . 8OG A 1 ? 0.49092 0.28495 0.28573 -0.07405 0.08230  -0.02941 1   8OG A N7    
12  C  C5    . 8OG A 1 ? 0.44983 0.23139 0.31153 -0.06655 0.09520  -0.03106 1   8OG A C5    
13  C  C6    . 8OG A 1 ? 0.52825 0.16933 0.32251 -0.02663 0.09961  -0.04461 1   8OG A C6    
14  O  O6    . 8OG A 1 ? 0.62923 0.23745 0.36188 0.02757  0.12096  -0.05347 1   8OG A O6    
15  N  N1    . 8OG A 1 ? 0.49816 0.22222 0.32261 -0.03014 0.15313  -0.05363 1   8OG A N1    
16  C  C2    . 8OG A 1 ? 0.47903 0.22638 0.30664 -0.09377 0.15637  -0.04703 1   8OG A C2    
17  N  N2    . 8OG A 1 ? 0.52146 0.25837 0.31894 -0.08238 0.15840  -0.02918 1   8OG A N2    
18  N  N3    . 8OG A 1 ? 0.46348 0.25981 0.27564 -0.12513 0.10483  -0.02873 1   8OG A N3    
19  C  C4    . 8OG A 1 ? 0.40497 0.24792 0.26887 -0.08484 0.09426  -0.02217 1   8OG A C4    
20  O  O8    . 8OG A 1 ? 0.47006 0.35777 0.25399 -0.10622 0.06487  -0.04203 1   8OG A O8    
32  P  P     . DC  A 2 ? 0.43483 0.24818 0.32582 -0.11820 -0.01523 0.02494  2   DC  A P     
33  O  OP1   . DC  A 2 ? 0.42977 0.29106 0.37846 -0.06743 -0.06555 0.02524  2   DC  A OP1   
34  O  OP2   . DC  A 2 ? 0.40069 0.30863 0.31211 -0.17142 0.00741  0.03230  2   DC  A OP2   
35  O  "O5'" . DC  A 2 ? 0.36429 0.22531 0.34392 -0.12361 -0.01831 0.00165  2   DC  A "O5'" 
36  C  "C5'" . DC  A 2 ? 0.30201 0.18232 0.30581 -0.05335 -0.06301 -0.01841 2   DC  A "C5'" 
37  C  "C4'" . DC  A 2 ? 0.22004 0.19222 0.23037 -0.00882 -0.02914 -0.00682 2   DC  A "C4'" 
38  O  "O4'" . DC  A 2 ? 0.23562 0.22106 0.21235 0.02458  -0.06382 0.00127  2   DC  A "O4'" 
39  C  "C3'" . DC  A 2 ? 0.16307 0.20015 0.18792 -0.01890 -0.03344 0.02139  2   DC  A "C3'" 
40  O  "O3'" . DC  A 2 ? 0.13819 0.19270 0.17454 -0.02399 -0.02414 0.02907  2   DC  A "O3'" 
41  C  "C2'" . DC  A 2 ? 0.17293 0.19778 0.18813 0.01619  -0.05720 0.02119  2   DC  A "C2'" 
42  C  "C1'" . DC  A 2 ? 0.19421 0.16911 0.21668 0.00653  -0.03789 0.02054  2   DC  A "C1'" 
43  N  N1    . DC  A 2 ? 0.14248 0.18536 0.18932 -0.01656 -0.02254 0.01892  2   DC  A N1    
44  C  C2    . DC  A 2 ? 0.11157 0.18678 0.20431 -0.00336 -0.02129 0.01579  2   DC  A C2    
45  O  O2    . DC  A 2 ? 0.13420 0.19367 0.20603 -0.00608 -0.02682 0.03164  2   DC  A O2    
46  N  N3    . DC  A 2 ? 0.13324 0.20627 0.16175 -0.02223 -0.01191 0.02192  2   DC  A N3    
47  C  C4    . DC  A 2 ? 0.14918 0.23399 0.17385 -0.02994 -0.03693 0.01442  2   DC  A C4    
48  N  N4    . DC  A 2 ? 0.16111 0.23872 0.20056 -0.02256 -0.07027 0.00951  2   DC  A N4    
49  C  C5    . DC  A 2 ? 0.11480 0.23584 0.20498 -0.04610 -0.00971 0.01541  2   DC  A C5    
50  C  C6    . DC  A 2 ? 0.11463 0.20682 0.19479 -0.01617 -0.02856 0.00982  2   DC  A C6    
62  P  P     . DA  A 3 ? 0.11538 0.18048 0.17415 -0.01760 -0.02213 0.03508  3   DA  A P     
63  O  OP1   . DA  A 3 ? 0.21403 0.14516 0.19752 -0.02900 -0.02971 0.04052  3   DA  A OP1   
64  O  OP2   . DA  A 3 ? 0.12113 0.17743 0.16141 -0.00680 -0.01601 0.02904  3   DA  A OP2   
65  O  "O5'" . DA  A 3 ? 0.11318 0.19256 0.18816 -0.01238 -0.00943 0.00927  3   DA  A "O5'" 
66  C  "C5'" . DA  A 3 ? 0.08963 0.19931 0.24628 0.01554  -0.01149 0.00120  3   DA  A "C5'" 
67  C  "C4'" . DA  A 3 ? 0.08191 0.17029 0.19000 0.01865  -0.02963 0.04040  3   DA  A "C4'" 
68  O  "O4'" . DA  A 3 ? 0.13392 0.18689 0.17355 0.02846  -0.02497 0.04660  3   DA  A "O4'" 
69  C  "C3'" . DA  A 3 ? 0.07953 0.19821 0.21040 0.01778  -0.02660 0.06135  3   DA  A "C3'" 
70  O  "O3'" . DA  A 3 ? 0.10925 0.24402 0.25380 0.02132  -0.01868 0.11437  3   DA  A "O3'" 
71  C  "C2'" . DA  A 3 ? 0.06952 0.18276 0.17561 0.00559  -0.03867 0.03583  3   DA  A "C2'" 
72  C  "C1'" . DA  A 3 ? 0.14631 0.17205 0.15080 0.01374  -0.03816 0.05345  3   DA  A "C1'" 
73  N  N9    . DA  A 3 ? 0.11036 0.16589 0.15449 0.01591  -0.02004 0.02518  3   DA  A N9    
74  C  C8    . DA  A 3 ? 0.07960 0.17532 0.16014 0.02562  -0.02493 0.04093  3   DA  A C8    
75  N  N7    . DA  A 3 ? 0.07294 0.18641 0.15980 0.00163  -0.03118 0.02325  3   DA  A N7    
76  C  C5    . DA  A 3 ? 0.05938 0.18440 0.16529 0.00106  -0.01773 0.04281  3   DA  A C5    
77  C  C6    . DA  A 3 ? 0.06850 0.18191 0.15125 0.00935  -0.02859 0.04868  3   DA  A C6    
78  N  N6    . DA  A 3 ? 0.08569 0.16846 0.19255 -0.00457 -0.03463 0.05081  3   DA  A N6    
79  N  N1    . DA  A 3 ? 0.08924 0.18429 0.16787 -0.00782 -0.04302 0.02330  3   DA  A N1    
80  C  C2    . DA  A 3 ? 0.12350 0.18164 0.17712 0.00431  -0.01680 0.04079  3   DA  A C2    
81  N  N3    . DA  A 3 ? 0.10016 0.18183 0.16326 0.01951  -0.02482 0.03043  3   DA  A N3    
82  C  C4    . DA  A 3 ? 0.07257 0.16351 0.18289 -0.00338 -0.01132 0.00769  3   DA  A C4    
94  P  P     . DT  A 4 ? 0.16477 0.34689 0.40661 -0.02842 -0.07142 0.17426  4   DT  A P     
95  O  OP1   . DT  A 4 ? 0.24495 0.40463 0.36408 -0.10096 -0.13826 0.15424  4   DT  A OP1   
96  O  OP2   . DT  A 4 ? 0.16488 0.35718 0.48290 -0.01203 -0.04865 0.18555  4   DT  A OP2   
97  O  "O5'" . DT  A 4 ? 0.26550 0.34277 0.41880 0.02211  -0.03914 0.21268  4   DT  A "O5'" 
98  C  "C5'" . DT  A 4 ? 0.30176 0.39960 0.44012 -0.01828 0.01253  0.16356  4   DT  A "C5'" 
99  C  "C4'" . DT  A 4 ? 0.29909 0.39728 0.38612 -0.00945 -0.05532 0.16521  4   DT  A "C4'" 
100 O  "O4'" . DT  A 4 ? 0.29363 0.35120 0.36753 -0.00856 -0.12149 0.17135  4   DT  A "O4'" 
101 C  "C3'" . DT  A 4 ? 0.29929 0.41238 0.35543 -0.00979 -0.08727 0.16016  4   DT  A "C3'" 
102 O  "O3'" . DT  A 4 ? 0.39462 0.41316 0.36009 0.03223  -0.07652 0.17234  4   DT  A "O3'" 
103 C  "C2'" . DT  A 4 ? 0.29365 0.40005 0.34508 -0.04600 -0.09906 0.16163  4   DT  A "C2'" 
104 C  "C1'" . DT  A 4 ? 0.34111 0.34310 0.33726 -0.04012 -0.10437 0.18487  4   DT  A "C1'" 
105 N  N1    . DT  A 4 ? 0.33823 0.33876 0.32963 -0.07772 -0.10444 0.18352  4   DT  A N1    
106 C  C2    . DT  A 4 ? 0.43727 0.38718 0.32620 -0.15004 -0.12139 0.14634  4   DT  A C2    
107 O  O2    . DT  A 4 ? 0.54415 0.43703 0.32405 -0.21520 -0.11410 0.12156  4   DT  A O2    
108 N  N3    . DT  A 4 ? 0.33263 0.39738 0.34229 -0.15124 -0.14967 0.12852  4   DT  A N3    
109 C  C4    . DT  A 4 ? 0.25429 0.37195 0.34215 -0.10947 -0.14332 0.14128  4   DT  A C4    
110 O  O4    . DT  A 4 ? 0.28651 0.39702 0.38023 -0.08660 -0.15499 0.12105  4   DT  A O4    
111 C  C5    . DT  A 4 ? 0.22051 0.33839 0.30902 -0.07808 -0.11260 0.16055  4   DT  A C5    
112 C  C7    . DT  A 4 ? 0.26132 0.35996 0.34282 -0.07076 -0.06573 0.16025  4   DT  A C7    
113 C  C6    . DT  A 4 ? 0.23920 0.33956 0.32729 -0.04879 -0.09693 0.17736  4   DT  A C6    
126 P  P     . DG  A 5 ? 0.41007 0.41545 0.36963 0.02883  -0.07497 0.15823  5   DG  A P     
127 O  OP1   . DG  A 5 ? 0.44403 0.47142 0.38519 0.00047  -0.06004 0.13198  5   DG  A OP1   
128 O  OP2   . DG  A 5 ? 0.38150 0.45472 0.41785 0.05589  -0.05283 0.15360  5   DG  A OP2   
129 O  "O5'" . DG  A 5 ? 0.33090 0.37556 0.29971 0.00281  -0.04182 0.12190  5   DG  A "O5'" 
130 C  "C5'" . DG  A 5 ? 0.34028 0.30066 0.27027 -0.03443 -0.01297 0.09254  5   DG  A "C5'" 
131 C  "C4'" . DG  A 5 ? 0.35965 0.24927 0.23347 0.00991  -0.01497 0.07176  5   DG  A "C4'" 
132 O  "O4'" . DG  A 5 ? 0.30672 0.24561 0.22090 0.00102  0.00973  0.03030  5   DG  A "O4'" 
133 C  "C3'" . DG  A 5 ? 0.37938 0.23451 0.24032 -0.01537 0.00451  0.04106  5   DG  A "C3'" 
134 O  "O3'" . DG  A 5 ? 0.46686 0.23177 0.27301 -0.04662 0.04358  0.01482  5   DG  A "O3'" 
135 C  "C2'" . DG  A 5 ? 0.35493 0.20943 0.22659 -0.01142 0.01511  0.01954  5   DG  A "C2'" 
136 C  "C1'" . DG  A 5 ? 0.29388 0.20820 0.19393 0.00315  0.00182  0.02698  5   DG  A "C1'" 
137 N  N9    . DG  A 5 ? 0.27622 0.18029 0.21511 0.02181  -0.00273 0.01413  5   DG  A N9    
138 C  C8    . DG  A 5 ? 0.26910 0.19851 0.24583 0.03778  -0.01988 0.01158  5   DG  A C8    
139 N  N7    . DG  A 5 ? 0.21295 0.21242 0.25340 0.04358  -0.00110 0.03832  5   DG  A N7    
140 C  C5    . DG  A 5 ? 0.17184 0.17552 0.21601 0.00998  0.00657  0.04342  5   DG  A C5    
141 C  C6    . DG  A 5 ? 0.12205 0.21485 0.21127 0.01958  0.02710  0.01598  5   DG  A C6    
142 O  O6    . DG  A 5 ? 0.14054 0.25229 0.23764 0.02381  0.01992  0.05562  5   DG  A O6    
143 N  N1    . DG  A 5 ? 0.15056 0.21804 0.16324 0.01133  0.01322  0.01937  5   DG  A N1    
144 C  C2    . DG  A 5 ? 0.16664 0.18958 0.18195 0.00214  0.01308  0.02373  5   DG  A C2    
145 N  N2    . DG  A 5 ? 0.18726 0.18122 0.19375 -0.02664 -0.00971 0.01500  5   DG  A N2    
146 N  N3    . DG  A 5 ? 0.21144 0.18374 0.18885 0.01354  0.00272  0.04353  5   DG  A N3    
147 C  C4    . DG  A 5 ? 0.21752 0.16470 0.18554 -0.01303 -0.00844 0.03516  5   DG  A C4    
159 P  P     . DC  A 6 ? 0.59651 0.22757 0.31088 -0.09173 0.03062  -0.00020 6   DC  A P     
160 O  OP1   . DC  A 6 ? 0.63663 0.27983 0.37375 -0.14485 0.01491  -0.03372 6   DC  A OP1   
161 O  OP2   . DC  A 6 ? 0.54032 0.26750 0.33236 0.00370  0.04681  -0.00251 6   DC  A OP2   
162 O  "O5'" . DC  A 6 ? 0.55248 0.20607 0.29585 -0.09813 0.04008  -0.00585 6   DC  A "O5'" 
163 C  "C5'" . DC  A 6 ? 0.55594 0.26751 0.32513 -0.06047 0.04745  -0.02373 6   DC  A "C5'" 
164 C  "C4'" . DC  A 6 ? 0.57437 0.25978 0.34214 -0.08157 0.01884  -0.03889 6   DC  A "C4'" 
165 O  "O4'" . DC  A 6 ? 0.62738 0.29185 0.32629 -0.11111 0.02999  -0.03851 6   DC  A "O4'" 
166 C  "C3'" . DC  A 6 ? 0.59772 0.29712 0.34439 -0.08407 -0.02994 -0.03335 6   DC  A "C3'" 
167 O  "O3'" . DC  A 6 ? 0.61333 0.35216 0.36469 -0.07910 -0.08017 -0.06532 6   DC  A "O3'" 
168 C  "C2'" . DC  A 6 ? 0.64273 0.31672 0.33250 -0.06661 0.02468  -0.01202 6   DC  A "C2'" 
169 C  "C1'" . DC  A 6 ? 0.62930 0.30297 0.33076 -0.07570 0.04063  -0.01185 6   DC  A "C1'" 
170 N  N1    . DC  A 6 ? 0.54582 0.27290 0.26816 -0.09136 0.04848  0.01967  6   DC  A N1    
171 C  C2    . DC  A 6 ? 0.52575 0.26021 0.26313 -0.10327 0.04782  0.00750  6   DC  A C2    
172 O  O2    . DC  A 6 ? 0.55436 0.24971 0.27962 -0.09265 0.08001  -0.00524 6   DC  A O2    
173 N  N3    . DC  A 6 ? 0.48261 0.30855 0.27585 -0.07881 0.05340  0.00390  6   DC  A N3    
174 C  C4    . DC  A 6 ? 0.46121 0.31414 0.28853 -0.07340 0.12578  0.00346  6   DC  A C4    
175 N  N4    . DC  A 6 ? 0.50192 0.35122 0.31293 -0.03841 0.16372  0.01236  6   DC  A N4    
176 C  C5    . DC  A 6 ? 0.50576 0.30163 0.27981 -0.05629 0.10183  0.01073  6   DC  A C5    
177 C  C6    . DC  A 6 ? 0.50470 0.26641 0.28940 -0.07092 0.07096  0.00627  6   DC  A C6    
189 P  P     . DT  A 7 ? 0.68200 0.35435 0.38875 -0.06430 -0.08977 -0.09064 7   DT  A P     
190 O  OP1   . DT  A 7 ? 0.69641 0.33642 0.44746 -0.03026 -0.06943 -0.06533 7   DT  A OP1   
191 O  OP2   . DT  A 7 ? 0.71014 0.40061 0.42889 -0.03751 -0.01421 -0.10658 7   DT  A OP2   
192 O  "O5'" . DT  A 7 ? 0.64694 0.39523 0.40713 -0.08526 -0.07704 -0.12466 7   DT  A "O5'" 
193 C  "C5'" . DT  A 7 ? 0.62671 0.41146 0.39941 -0.06862 -0.10963 -0.12591 7   DT  A "C5'" 
194 C  "C4'" . DT  A 7 ? 0.61382 0.39248 0.45936 -0.03654 -0.07600 -0.12913 7   DT  A "C4'" 
195 O  "O4'" . DT  A 7 ? 0.62324 0.38982 0.48138 -0.03185 -0.07495 -0.12596 7   DT  A "O4'" 
196 C  "C3'" . DT  A 7 ? 0.61066 0.39791 0.48518 -0.04749 -0.06802 -0.13353 7   DT  A "C3'" 
197 O  "O3'" . DT  A 7 ? 0.58639 0.42282 0.54504 -0.01443 0.01129  -0.12924 7   DT  A "O3'" 
198 C  "C2'" . DT  A 7 ? 0.63510 0.39477 0.47111 -0.06395 -0.09455 -0.12629 7   DT  A "C2'" 
199 C  "C1'" . DT  A 7 ? 0.63839 0.36219 0.46315 -0.06268 -0.10566 -0.12853 7   DT  A "C1'" 
200 N  N1    . DT  A 7 ? 0.63788 0.29610 0.45510 -0.08575 -0.13649 -0.13018 7   DT  A N1    
201 C  C2    . DT  A 7 ? 0.61780 0.30864 0.49819 -0.08810 -0.15796 -0.11950 7   DT  A C2    
202 O  O2    . DT  A 7 ? 0.65627 0.37553 0.53670 -0.08039 -0.14276 -0.10564 7   DT  A O2    
203 N  N3    . DT  A 7 ? 0.63405 0.29081 0.48992 -0.06376 -0.14464 -0.10090 7   DT  A N3    
204 C  C4    . DT  A 7 ? 0.68871 0.34210 0.49268 -0.04086 -0.08898 -0.08605 7   DT  A C4    
205 O  O4    . DT  A 7 ? 0.75342 0.37090 0.51646 -0.00875 -0.04586 -0.07136 7   DT  A O4    
206 C  C5    . DT  A 7 ? 0.68566 0.32157 0.44968 -0.01800 -0.09882 -0.06660 7   DT  A C5    
207 C  C7    . DT  A 7 ? 0.72736 0.33034 0.45534 0.02192  -0.06252 -0.05326 7   DT  A C7    
208 C  C6    . DT  A 7 ? 0.64045 0.29041 0.45705 -0.05033 -0.11952 -0.09824 7   DT  A C6    
222 O  "O5'" . 8OG B 1 ? 0.16699 0.25338 0.26569 0.00188  -0.01381 0.05140  1   8OG B "O5'" 
223 C  "C5'" . 8OG B 1 ? 0.14527 0.19071 0.24532 0.01350  -0.00468 0.04004  1   8OG B "C5'" 
224 C  "C4'" . 8OG B 1 ? 0.15226 0.15297 0.20576 0.00047  0.01498  0.04937  1   8OG B "C4'" 
225 O  "O4'" . 8OG B 1 ? 0.20124 0.18217 0.21435 0.00697  0.02015  0.03788  1   8OG B "O4'" 
226 C  "C3'" . 8OG B 1 ? 0.08060 0.19248 0.18242 0.00445  -0.00014 0.02856  1   8OG B "C3'" 
227 O  "O3'" . 8OG B 1 ? 0.14767 0.15735 0.15198 -0.01276 -0.02767 0.02697  1   8OG B "O3'" 
228 C  "C2'" . 8OG B 1 ? 0.15105 0.20363 0.17562 -0.02133 0.00281  0.03084  1   8OG B "C2'" 
229 C  "C1'" . 8OG B 1 ? 0.19295 0.17082 0.20694 -0.03169 0.04409  0.03343  1   8OG B "C1'" 
230 N  N9    . 8OG B 1 ? 0.25051 0.16214 0.22564 0.00461  0.05289  0.03102  1   8OG B N9    
231 C  C8    . 8OG B 1 ? 0.22212 0.15893 0.26305 -0.02090 0.03385  0.05212  1   8OG B C8    
232 N  N7    . 8OG B 1 ? 0.27009 0.16944 0.29327 -0.00988 0.06940  0.04440  1   8OG B N7    
233 C  C5    . 8OG B 1 ? 0.34830 0.16008 0.25666 -0.02284 0.09582  0.03956  1   8OG B C5    
234 C  C6    . 8OG B 1 ? 0.38048 0.14984 0.22587 -0.03743 0.10307  0.03936  1   8OG B C6    
235 O  O6    . 8OG B 1 ? 0.44497 0.20452 0.28169 -0.07561 0.11438  0.04616  1   8OG B O6    
236 N  N1    . 8OG B 1 ? 0.43510 0.17978 0.24599 -0.01800 0.08594  0.02425  1   8OG B N1    
237 C  C2    . 8OG B 1 ? 0.37230 0.18199 0.22097 -0.00242 0.06524  0.03516  1   8OG B C2    
238 N  N2    . 8OG B 1 ? 0.44330 0.19878 0.22155 0.01617  0.06167  0.06483  1   8OG B N2    
239 N  N3    . 8OG B 1 ? 0.29900 0.17542 0.22315 0.01350  0.05604  0.03704  1   8OG B N3    
240 C  C4    . 8OG B 1 ? 0.25047 0.16407 0.24500 -0.03760 0.06977  0.02576  1   8OG B C4    
241 O  O8    . 8OG B 1 ? 0.19048 0.20313 0.30365 -0.00225 0.01604  0.09076  1   8OG B O8    
253 P  P     . DC  B 2 ? 0.12524 0.17497 0.17150 0.00530  -0.02712 0.05035  2   DC  B P     
254 O  OP1   . DC  B 2 ? 0.10559 0.16386 0.19911 -0.03489 -0.04164 0.05374  2   DC  B OP1   
255 O  OP2   . DC  B 2 ? 0.11212 0.20526 0.19602 -0.00568 -0.04026 0.06165  2   DC  B OP2   
256 O  "O5'" . DC  B 2 ? 0.10644 0.15435 0.17507 0.00163  -0.04319 0.05024  2   DC  B "O5'" 
257 C  "C5'" . DC  B 2 ? 0.10296 0.15807 0.16829 -0.00659 -0.03287 0.05628  2   DC  B "C5'" 
258 C  "C4'" . DC  B 2 ? 0.12958 0.16626 0.18383 -0.00330 -0.00160 0.03830  2   DC  B "C4'" 
259 O  "O4'" . DC  B 2 ? 0.10636 0.16789 0.19172 -0.02747 0.00245  0.01416  2   DC  B "O4'" 
260 C  "C3'" . DC  B 2 ? 0.09034 0.16246 0.16568 0.03501  -0.02461 0.05712  2   DC  B "C3'" 
261 O  "O3'" . DC  B 2 ? 0.11806 0.17253 0.15377 -0.00516 -0.00955 0.05217  2   DC  B "O3'" 
262 C  "C2'" . DC  B 2 ? 0.06859 0.20043 0.21359 -0.01553 -0.00902 0.00712  2   DC  B "C2'" 
263 C  "C1'" . DC  B 2 ? 0.11024 0.14840 0.18034 -0.00692 -0.00308 0.01785  2   DC  B "C1'" 
264 N  N1    . DC  B 2 ? 0.10284 0.14195 0.15640 0.00792  -0.03085 0.02991  2   DC  B N1    
265 C  C2    . DC  B 2 ? 0.10874 0.15092 0.15815 -0.01075 -0.02387 0.03806  2   DC  B C2    
266 O  O2    . DC  B 2 ? 0.08152 0.18508 0.17973 -0.00534 -0.02640 0.07008  2   DC  B O2    
267 N  N3    . DC  B 2 ? 0.08864 0.14931 0.16828 -0.00602 -0.02042 0.04528  2   DC  B N3    
268 C  C4    . DC  B 2 ? 0.09013 0.15995 0.18108 0.01843  -0.01197 0.06126  2   DC  B C4    
269 N  N4    . DC  B 2 ? 0.08511 0.17079 0.19534 0.00236  -0.02235 0.05601  2   DC  B N4    
270 C  C5    . DC  B 2 ? 0.07182 0.19409 0.17048 0.00227  -0.03454 0.04820  2   DC  B C5    
271 C  C6    . DC  B 2 ? 0.12882 0.15249 0.17344 -0.00180 -0.00843 0.03296  2   DC  B C6    
283 P  P     . DA  B 3 ? 0.07613 0.16375 0.17839 0.00141  -0.01888 0.04737  3   DA  B P     
284 O  OP1   . DA  B 3 ? 0.09922 0.14549 0.20558 -0.00646 -0.01356 0.03663  3   DA  B OP1   
285 O  OP2   . DA  B 3 ? 0.07009 0.14997 0.17156 -0.00268 -0.01123 0.02648  3   DA  B OP2   
286 O  "O5'" . DA  B 3 ? 0.06723 0.14543 0.19749 0.00792  -0.03098 0.02565  3   DA  B "O5'" 
287 C  "C5'" . DA  B 3 ? 0.07959 0.14583 0.21929 -0.00105 -0.05109 0.03437  3   DA  B "C5'" 
288 C  "C4'" . DA  B 3 ? 0.06732 0.17378 0.19621 -0.00130 -0.03844 0.03134  3   DA  B "C4'" 
289 O  "O4'" . DA  B 3 ? 0.07522 0.15702 0.19565 -0.01824 -0.02068 0.03336  3   DA  B "O4'" 
290 C  "C3'" . DA  B 3 ? 0.07346 0.19430 0.18752 -0.00915 -0.04258 0.03783  3   DA  B "C3'" 
291 O  "O3'" . DA  B 3 ? 0.09375 0.21173 0.24994 -0.03264 -0.04974 0.05883  3   DA  B "O3'" 
292 C  "C2'" . DA  B 3 ? 0.06606 0.16448 0.21254 0.00990  -0.02456 0.04043  3   DA  B "C2'" 
293 C  "C1'" . DA  B 3 ? 0.09505 0.17340 0.16166 -0.02488 -0.01046 0.03128  3   DA  B "C1'" 
294 N  N9    . DA  B 3 ? 0.09465 0.15626 0.16136 -0.01386 -0.02089 0.02117  3   DA  B N9    
295 C  C8    . DA  B 3 ? 0.09050 0.15577 0.16798 -0.02543 -0.04885 0.01680  3   DA  B C8    
296 N  N7    . DA  B 3 ? 0.06496 0.14563 0.16841 0.00038  -0.03571 0.03307  3   DA  B N7    
297 C  C5    . DA  B 3 ? 0.06643 0.16848 0.15910 -0.00634 -0.01565 0.02116  3   DA  B C5    
298 C  C6    . DA  B 3 ? 0.09112 0.14919 0.13627 -0.00804 -0.01487 0.02669  3   DA  B C6    
299 N  N6    . DA  B 3 ? 0.07794 0.16402 0.17936 -0.02620 -0.02613 0.04067  3   DA  B N6    
300 N  N1    . DA  B 3 ? 0.07985 0.16824 0.15897 0.00232  -0.00783 0.02728  3   DA  B N1    
301 C  C2    . DA  B 3 ? 0.08311 0.16889 0.19150 -0.01233 -0.00596 0.02008  3   DA  B C2    
302 N  N3    . DA  B 3 ? 0.08077 0.17838 0.17803 -0.02000 -0.02344 0.02495  3   DA  B N3    
303 C  C4    . DA  B 3 ? 0.09546 0.14582 0.15371 0.02052  -0.01576 0.02014  3   DA  B C4    
315 P  P     . DT  B 4 ? 0.10628 0.22869 0.37213 0.00182  -0.04743 0.04012  4   DT  B P     
316 O  OP1   . DT  B 4 ? 0.18810 0.28717 0.39491 -0.01264 0.01002  0.01291  4   DT  B OP1   
317 O  OP2   . DT  B 4 ? 0.15752 0.26438 0.40742 0.03211  -0.09862 0.03738  4   DT  B OP2   
318 O  "O5'" . DT  B 4 ? 0.15922 0.22937 0.32836 -0.06800 -0.05169 0.06122  4   DT  B "O5'" 
319 C  "C5'" . DT  B 4 ? 0.14997 0.22123 0.29551 -0.01550 -0.02461 0.07817  4   DT  B "C5'" 
320 C  "C4'" . DT  B 4 ? 0.10361 0.22190 0.27321 -0.00768 -0.02875 0.08253  4   DT  B "C4'" 
321 O  "O4'" . DT  B 4 ? 0.09755 0.29156 0.23510 -0.01274 -0.04016 0.07255  4   DT  B "O4'" 
322 C  "C3'" . DT  B 4 ? 0.09669 0.23871 0.25013 -0.03120 -0.05202 0.05712  4   DT  B "C3'" 
323 O  "O3'" . DT  B 4 ? 0.11215 0.23168 0.24849 -0.04302 -0.03234 0.05808  4   DT  B "O3'" 
324 C  "C2'" . DT  B 4 ? 0.10208 0.27509 0.21769 -0.01707 -0.04954 0.07310  4   DT  B "C2'" 
325 C  "C1'" . DT  B 4 ? 0.14304 0.29791 0.23941 -0.01314 -0.04325 0.07837  4   DT  B "C1'" 
326 N  N1    . DT  B 4 ? 0.13738 0.37189 0.23515 0.04645  -0.01998 0.10447  4   DT  B N1    
327 C  C2    . DT  B 4 ? 0.25907 0.37437 0.30056 0.10860  -0.00447 0.11777  4   DT  B C2    
328 O  O2    . DT  B 4 ? 0.20976 0.35226 0.40870 0.04949  0.04962  0.13788  4   DT  B O2    
329 N  N3    . DT  B 4 ? 0.26350 0.37672 0.29580 0.14957  0.01076  0.12145  4   DT  B N3    
330 C  C4    . DT  B 4 ? 0.30512 0.41778 0.29297 0.15956  -0.01871 0.08809  4   DT  B C4    
331 O  O4    . DT  B 4 ? 0.38119 0.46880 0.31125 0.17826  -0.01004 0.07482  4   DT  B O4    
332 C  C5    . DT  B 4 ? 0.19409 0.40424 0.29152 0.08865  -0.05001 0.06962  4   DT  B C5    
333 C  C7    . DT  B 4 ? 0.30074 0.40164 0.33844 0.09606  -0.02895 0.04469  4   DT  B C7    
334 C  C6    . DT  B 4 ? 0.20431 0.38506 0.28789 0.06485  -0.05048 0.07215  4   DT  B C6    
347 P  P     . DG  B 5 ? 0.10766 0.23787 0.22536 -0.02250 -0.04296 0.07638  5   DG  B P     
348 O  OP1   . DG  B 5 ? 0.15947 0.22071 0.25823 -0.02439 -0.04426 0.05548  5   DG  B OP1   
349 O  OP2   . DG  B 5 ? 0.13449 0.27267 0.23739 -0.02083 -0.07451 0.09047  5   DG  B OP2   
350 O  "O5'" . DG  B 5 ? 0.13379 0.21826 0.18258 -0.03187 -0.03029 0.07954  5   DG  B "O5'" 
351 C  "C5'" . DG  B 5 ? 0.12549 0.21550 0.17117 -0.02277 -0.03168 0.08795  5   DG  B "C5'" 
352 C  "C4'" . DG  B 5 ? 0.15751 0.17090 0.17993 -0.04006 -0.02370 0.05905  5   DG  B "C4'" 
353 O  "O4'" . DG  B 5 ? 0.13885 0.16723 0.18724 -0.01329 -0.01878 0.04624  5   DG  B "O4'" 
354 C  "C3'" . DG  B 5 ? 0.14546 0.17773 0.17316 -0.01195 -0.03793 0.05887  5   DG  B "C3'" 
355 O  "O3'" . DG  B 5 ? 0.14076 0.17755 0.16367 -0.01022 -0.03995 0.03640  5   DG  B "O3'" 
356 C  "C2'" . DG  B 5 ? 0.17110 0.20865 0.17540 -0.05965 -0.04662 0.04774  5   DG  B "C2'" 
357 C  "C1'" . DG  B 5 ? 0.10885 0.17405 0.14769 -0.02202 -0.03583 0.06593  5   DG  B "C1'" 
358 N  N9    . DG  B 5 ? 0.10700 0.18015 0.17633 -0.02921 -0.03116 0.03976  5   DG  B N9    
359 C  C8    . DG  B 5 ? 0.11555 0.17221 0.20741 -0.01180 -0.06453 0.05316  5   DG  B C8    
360 N  N7    . DG  B 5 ? 0.11535 0.20121 0.18379 -0.01452 -0.03184 0.03324  5   DG  B N7    
361 C  C5    . DG  B 5 ? 0.10023 0.20617 0.14456 -0.03996 -0.04138 0.04004  5   DG  B C5    
362 C  C6    . DG  B 5 ? 0.09681 0.18672 0.17483 -0.01408 -0.04279 0.05978  5   DG  B C6    
363 O  O6    . DG  B 5 ? 0.11724 0.20401 0.19357 -0.02912 -0.04249 0.06194  5   DG  B O6    
364 N  N1    . DG  B 5 ? 0.10996 0.19819 0.16189 -0.02134 -0.02578 0.04895  5   DG  B N1    
365 C  C2    . DG  B 5 ? 0.10824 0.19598 0.13028 -0.00047 -0.04525 0.04953  5   DG  B C2    
366 N  N2    . DG  B 5 ? 0.09867 0.17837 0.18110 -0.00542 -0.02277 0.05904  5   DG  B N2    
367 N  N3    . DG  B 5 ? 0.11529 0.16502 0.16934 0.00404  -0.04282 0.05436  5   DG  B N3    
368 C  C4    . DG  B 5 ? 0.10980 0.18682 0.13549 -0.01476 -0.04299 0.04436  5   DG  B C4    
380 P  P     . DC  B 6 ? 0.16664 0.16787 0.17727 -0.02203 -0.03078 0.04408  6   DC  B P     
381 O  OP1   . DC  B 6 ? 0.14465 0.19862 0.18834 -0.00420 -0.03373 0.04225  6   DC  B OP1   
382 O  OP2   . DC  B 6 ? 0.20475 0.21609 0.18959 -0.03221 -0.04734 0.03388  6   DC  B OP2   
383 O  "O5'" . DC  B 6 ? 0.15338 0.16912 0.20886 -0.01941 0.00421  0.03255  6   DC  B "O5'" 
384 C  "C5'" . DC  B 6 ? 0.17421 0.18417 0.29469 -0.07769 0.03513  0.00407  6   DC  B "C5'" 
385 C  "C4'" . DC  B 6 ? 0.25294 0.17833 0.40927 -0.01199 0.15040  0.02290  6   DC  B "C4'" 
386 O  "O4'" . DC  B 6 ? 0.31589 0.17886 0.44885 -0.00760 0.19283  0.04187  6   DC  B "O4'" 
387 C  "C3'" . DC  B 6 ? 0.31300 0.22967 0.43206 0.03514  0.18988  0.04500  6   DC  B "C3'" 
388 O  "O3'" . DC  B 6 ? 0.33246 0.31704 0.45549 -0.00074 0.15798  -0.03224 6   DC  B "O3'" 
389 C  "C2'" . DC  B 6 ? 0.48156 0.27976 0.41680 0.04538  0.21152  0.08982  6   DC  B "C2'" 
390 C  "C1'" . DC  B 6 ? 0.46108 0.24215 0.41626 0.01814  0.19846  0.07949  6   DC  B "C1'" 
391 N  N1    . DC  B 6 ? 0.46687 0.24228 0.34570 0.00961  0.16558  0.07613  6   DC  B N1    
392 C  C2    . DC  B 6 ? 0.46272 0.19790 0.28728 -0.01253 0.14192  0.06561  6   DC  B C2    
393 O  O2    . DC  B 6 ? 0.45614 0.22120 0.28693 0.04453  0.14954  0.09513  6   DC  B O2    
394 N  N3    . DC  B 6 ? 0.55996 0.20835 0.20694 -0.04660 0.10933  0.02746  6   DC  B N3    
395 C  C4    . DC  B 6 ? 0.55498 0.25025 0.19751 -0.04965 0.09991  0.02779  6   DC  B C4    
396 N  N4    . DC  B 6 ? 0.50762 0.21891 0.20755 -0.07885 0.05037  0.03644  6   DC  B N4    
397 C  C5    . DC  B 6 ? 0.52779 0.23200 0.18912 -0.03009 0.09893  0.04002  6   DC  B C5    
398 C  C6    . DC  B 6 ? 0.50190 0.19383 0.32777 0.00007  0.12277  0.05171  6   DC  B C6    
410 P  P     . DT  B 7 ? 0.33544 0.27279 0.47763 0.00362  0.18907  -0.02498 7   DT  B P     
411 O  OP1   . DT  B 7 ? 0.56495 0.23091 0.56390 0.01982  0.19978  -0.00301 7   DT  B OP1   
412 O  OP2   . DT  B 7 ? 0.43618 0.34421 0.48759 0.00352  0.07790  -0.04449 7   DT  B OP2   
413 O  "O5'" . DT  B 7 ? 0.33019 0.35613 0.39054 -0.03248 0.20098  -0.06089 7   DT  B "O5'" 
414 C  "C5'" . DT  B 7 ? 0.37789 0.39157 0.40486 0.02018  0.15625  -0.08028 7   DT  B "C5'" 
415 C  "C4'" . DT  B 7 ? 0.45367 0.40806 0.43089 0.02872  0.10253  -0.08280 7   DT  B "C4'" 
416 O  "O4'" . DT  B 7 ? 0.51320 0.39045 0.44214 0.02213  0.08704  -0.06698 7   DT  B "O4'" 
417 C  "C3'" . DT  B 7 ? 0.50512 0.45871 0.41185 0.04436  0.06320  -0.08757 7   DT  B "C3'" 
418 O  "O3'" . DT  B 7 ? 0.52756 0.52781 0.41021 0.06445  0.04433  -0.08104 7   DT  B "O3'" 
419 C  "C2'" . DT  B 7 ? 0.53412 0.42924 0.42558 0.03822  0.07484  -0.07206 7   DT  B "C2'" 
420 C  "C1'" . DT  B 7 ? 0.51554 0.39480 0.44956 0.03643  0.06883  -0.07201 7   DT  B "C1'" 
421 N  N1    . DT  B 7 ? 0.50403 0.36992 0.52645 0.00529  0.07553  -0.08192 7   DT  B N1    
422 C  C2    . DT  B 7 ? 0.52512 0.41598 0.56059 -0.01062 0.08793  -0.07535 7   DT  B C2    
423 O  O2    . DT  B 7 ? 0.56082 0.42983 0.59512 -0.00295 0.04235  -0.06996 7   DT  B O2    
424 N  N3    . DT  B 7 ? 0.49690 0.43666 0.53835 -0.02243 0.09865  -0.06525 7   DT  B N3    
425 C  C4    . DT  B 7 ? 0.45869 0.47212 0.49703 -0.00649 0.08003  -0.05107 7   DT  B C4    
426 O  O4    . DT  B 7 ? 0.55722 0.52828 0.45567 -0.03695 0.09099  -0.05060 7   DT  B O4    
427 C  C5    . DT  B 7 ? 0.43103 0.45058 0.52451 -0.01740 0.09181  -0.05091 7   DT  B C5    
428 C  C7    . DT  B 7 ? 0.52181 0.47499 0.51818 -0.04471 0.08386  -0.04697 7   DT  B C7    
429 C  C6    . DT  B 7 ? 0.39149 0.36648 0.56512 0.00306  0.09545  -0.07289 7   DT  B C6    
443 CO CO    . NCO C . ? 0.09768 0.15111 0.16780 -0.00681 -0.01625 0.05158  101 NCO A CO    
444 N  N1    . NCO C . ? 0.11656 0.18432 0.18140 0.02314  -0.00339 0.04355  101 NCO A N1    
445 N  N2    . NCO C . ? 0.11503 0.18287 0.17383 0.02248  -0.01505 0.06849  101 NCO A N2    
446 N  N3    . NCO C . ? 0.08995 0.16326 0.22898 -0.00383 -0.00015 0.02927  101 NCO A N3    
447 N  N4    . NCO C . ? 0.14632 0.15520 0.20479 -0.02976 -0.02363 0.04444  101 NCO A N4    
448 N  N5    . NCO C . ? 0.09885 0.16403 0.17753 -0.00853 -0.01848 0.05696  101 NCO A N5    
449 N  N6    . NCO C . ? 0.14612 0.18188 0.20255 -0.04059 -0.04227 0.03466  101 NCO A N6    
468 CO CO    A NCO D . ? 0.10136 0.16633 0.16573 -0.04387 -0.05482 0.08412  102 NCO A CO    
469 CO CO    B NCO D . ? 0.37995 0.75602 0.40409 -0.27875 -0.05730 0.08283  102 NCO A CO    
470 N  N1    A NCO D . ? 0.23837 0.20012 0.21509 -0.04677 -0.03183 0.05632  102 NCO A N1    
471 N  N1    B NCO D . ? 0.36438 0.71021 0.38065 -0.26685 -0.02825 0.08431  102 NCO A N1    
472 N  N2    A NCO D . ? 0.18113 0.22379 0.19324 -0.04892 0.00034  0.07205  102 NCO A N2    
473 N  N2    B NCO D . ? 0.40002 0.76375 0.43523 -0.28969 -0.01215 0.08833  102 NCO A N2    
474 N  N3    A NCO D . ? 0.13514 0.16413 0.17844 -0.03168 -0.07054 0.08106  102 NCO A N3    
475 N  N3    B NCO D . ? 0.42854 0.76613 0.40963 -0.26339 -0.04117 0.09677  102 NCO A N3    
476 N  N4    A NCO D . ? 0.18668 0.19716 0.15568 -0.01364 -0.05938 0.08738  102 NCO A N4    
477 N  N4    B NCO D . ? 0.37935 0.76356 0.42346 -0.27952 -0.04090 0.08667  102 NCO A N4    
478 N  N5    A NCO D . ? 0.17815 0.18965 0.13667 -0.03630 -0.01898 0.09035  102 NCO A N5    
479 N  N5    B NCO D . ? 0.37467 0.76857 0.43233 -0.27579 -0.02436 0.08322  102 NCO A N5    
480 N  N6    A NCO D . ? 0.14199 0.16585 0.16802 -0.00114 -0.05937 0.07663  102 NCO A N6    
481 N  N6    B NCO D . ? 0.35068 0.73499 0.41956 -0.25688 -0.05546 0.08345  102 NCO A N6    
518 CO CO    . NCO E . ? 1.06826 0.47072 0.66502 -0.25294 0.18513  0.03635  103 NCO A CO    
519 N  N1    . NCO E . ? 0.98827 0.47306 0.67558 -0.28333 0.19384  0.02197  103 NCO A N1    
520 N  N2    . NCO E . ? 0.98189 0.45548 0.69389 -0.28963 0.20266  0.03114  103 NCO A N2    
521 N  N3    . NCO E . ? 1.07626 0.49991 0.65207 -0.19949 0.15772  0.03415  103 NCO A N3    
522 N  N4    . NCO E . ? 1.01082 0.48906 0.65079 -0.25803 0.19558  0.05864  103 NCO A N4    
523 N  N5    . NCO E . ? 1.01018 0.50730 0.69172 -0.29615 0.22474  0.00749  103 NCO A N5    
524 N  N6    . NCO E . ? 1.08705 0.43944 0.62920 -0.22396 0.14803  0.05511  103 NCO A N6    
543 CO CO    . NCO F . ? 0.44158 0.30266 0.46251 0.02370  -0.05749 -0.00984 104 NCO A CO    
544 N  N1    . NCO F . ? 0.45313 0.27766 0.42802 0.03494  -0.10701 0.00212  104 NCO A N1    
545 N  N2    . NCO F . ? 0.41320 0.29645 0.46176 0.02007  -0.04637 -0.01942 104 NCO A N2    
546 N  N3    . NCO F . ? 0.43441 0.31456 0.42931 0.01598  -0.03934 -0.00648 104 NCO A N3    
547 N  N4    . NCO F . ? 0.44173 0.32203 0.47442 0.05225  -0.05028 -0.00181 104 NCO A N4    
548 N  N5    . NCO F . ? 0.43249 0.34218 0.45163 0.03311  -0.03404 -0.02009 104 NCO A N5    
549 N  N6    . NCO F . ? 0.42113 0.28982 0.46927 0.03390  -0.06927 -0.00022 104 NCO A N6    
568 CU CU    . CU  G . ? 0.33895 0.36784 0.39623 0.08135  0.01200  0.07663  105 CU  A CU    
569 CU CU    . CU  H . ? 0.26820 0.30555 0.42930 -0.07336 -0.05216 0.11575  101 CU  B CU    
570 O  O     . HOH I . ? 0.15000 0.17231 0.21624 -0.00742 -0.00709 0.05207  201 HOH A O     
571 O  O     . HOH I . ? 0.47995 0.76281 0.46402 0.31012  0.12789  0.04483  202 HOH A O     
572 O  O     . HOH I . ? 0.09965 0.15807 0.20099 -0.01047 -0.03445 0.04252  203 HOH A O     
573 O  O     . HOH I . ? 0.34824 0.18057 0.32663 0.03507  0.11009  0.10842  204 HOH A O     
574 O  O     . HOH I . ? 0.26805 0.31393 0.22053 -0.05103 -0.02616 0.02836  205 HOH A O     
575 O  O     . HOH I . ? 0.13017 0.26508 0.33779 0.01213  -0.06635 0.06165  206 HOH A O     
576 O  O     . HOH I . ? 0.17325 0.18603 0.17982 -0.04432 -0.02502 0.03530  207 HOH A O     
577 O  O     . HOH I . ? 0.81559 0.42409 0.58322 0.08240  -0.30643 -0.05288 208 HOH A O     
578 O  O     . HOH I . ? 0.14793 0.18412 0.22337 -0.02118 -0.01867 0.04987  209 HOH A O     
579 O  O     . HOH I . ? 0.22873 0.35023 0.61335 -0.06290 -0.14381 0.11522  210 HOH A O     
580 O  O     . HOH I . ? 0.17652 0.49284 0.57633 -0.09040 0.01955  0.01667  211 HOH A O     
581 O  O     . HOH I . ? 0.22303 0.29147 0.59189 -0.08487 -0.07034 0.12862  212 HOH A O     
582 O  O     . HOH I . ? 0.45096 0.58473 0.39979 0.23484  0.05396  0.20941  213 HOH A O     
583 O  O     . HOH I . ? 0.20671 0.21012 0.21968 0.02613  -0.04163 0.06338  214 HOH A O     
584 O  O     . HOH I . ? 0.11171 0.32196 0.19314 0.00988  -0.00926 0.08061  215 HOH A O     
585 O  O     . HOH I . ? 0.24672 0.54908 0.57506 -0.10526 0.08123  -0.26383 216 HOH A O     
586 O  O     . HOH I . ? 0.61895 0.37590 0.51350 -0.22312 -0.16841 0.14005  217 HOH A O     
587 O  O     . HOH I . ? 0.56503 0.61533 0.43322 -0.25051 0.22593  -0.22953 218 HOH A O     
588 O  O     . HOH I . ? 0.28067 0.46382 0.49126 0.11933  -0.11357 0.12011  219 HOH A O     
589 O  O     . HOH I . ? 0.43594 0.59084 0.57227 -0.12505 -0.19645 0.07039  220 HOH A O     
590 O  O     . HOH I . ? 0.34852 0.38831 0.56868 0.01690  -0.22622 -0.02910 221 HOH A O     
591 O  O     . HOH I . ? 0.35433 0.54891 0.74484 -0.07721 0.23393  -0.04480 222 HOH A O     
592 O  O     . HOH I . ? 0.28915 0.34561 0.87179 -0.06422 -0.06931 -0.03255 223 HOH A O     
593 O  O     . HOH I . ? 0.13748 0.28770 0.41092 -0.03382 -0.02306 0.15313  224 HOH A O     
594 O  O     . HOH J . ? 0.09961 0.26662 0.24502 0.02755  -0.04789 0.04812  201 HOH B O     
595 O  O     . HOH J . ? 0.55745 0.32273 0.37918 -0.07739 0.09240  -0.00830 202 HOH B O     
596 O  O     . HOH J . ? 0.08111 0.17116 0.16600 -0.01065 -0.01401 0.03106  203 HOH B O     
597 O  O     . HOH J . ? 0.66067 0.24691 0.23045 -0.07274 -0.11997 0.05559  204 HOH B O     
598 O  O     . HOH J . ? 0.20028 0.40656 0.26040 0.09922  -0.08792 0.00335  205 HOH B O     
599 O  O     . HOH J . ? 0.18517 0.28373 0.23876 -0.00323 -0.03237 0.02253  206 HOH B O     
600 O  O     . HOH J . ? 0.46057 0.51482 0.48284 -0.04323 -0.00708 0.08434  207 HOH B O     
601 O  O     . HOH J . ? 0.20825 0.27879 0.26580 -0.00129 -0.07087 0.05139  208 HOH B O     
602 O  O     . HOH J . ? 0.14672 0.17022 0.21118 -0.02603 -0.04493 0.04798  209 HOH B O     
603 O  O     . HOH J . ? 0.26182 0.29363 0.25092 -0.15417 0.02219  0.01546  210 HOH B O     
604 O  O     . HOH J . ? 0.12660 0.26174 0.29451 -0.01709 -0.03939 0.04971  211 HOH B O     
605 O  O     . HOH J . ? 0.13773 0.16394 0.21421 0.00866  -0.01532 0.07502  212 HOH B O     
606 O  O     . HOH J . ? 0.59567 0.35859 0.38806 -0.21675 -0.07196 0.08646  213 HOH B O     
607 O  O     . HOH J . ? 0.44101 0.28561 0.30458 -0.09248 0.06692  -0.07404 214 HOH B O     
608 O  O     . HOH J . ? 0.24078 0.56744 0.76692 0.10736  0.08425  0.05785  215 HOH B O     
609 O  O     . HOH J . ? 0.42413 0.36850 0.54454 -0.06376 0.13216  -0.00110 216 HOH B O     
610 O  O     . HOH J . ? 0.33722 0.79479 0.29304 -0.11118 -0.05682 -0.10602 217 HOH B O     
611 O  O     . HOH J . ? 0.39855 0.46427 0.25885 -0.24571 -0.05819 0.01869  218 HOH B O     
612 O  O     . HOH J . ? 0.93220 0.46424 0.54181 -0.14455 0.25234  -0.08847 219 HOH B O     
613 O  O     . HOH J . ? 0.64290 0.39349 0.54622 0.14149  0.07590  0.00669  220 HOH B O     
614 O  O     . HOH J . ? 0.22082 0.42275 0.43395 -0.09397 -0.01837 0.20244  221 HOH B O     
615 O  O     . HOH J . ? 0.24331 0.37076 0.50834 -0.08391 0.15951  -0.12530 222 HOH B O     
616 O  O     . HOH J . ? 0.10737 0.35745 0.25032 0.04429  -0.03725 -0.00195 223 HOH B O     
617 O  O     . HOH J . ? 0.21310 0.39189 0.27506 -0.05539 0.00660  -0.06143 224 HOH B O     
618 O  O     . HOH J . ? 0.10470 0.19352 0.28079 -0.02373 -0.05017 0.10652  225 HOH B O     
619 O  O     . HOH J . ? 0.12452 0.21123 0.27189 0.00031  -0.05753 0.10250  226 HOH B O     
620 O  O     . HOH J . ? 0.41414 0.37112 0.67740 -0.05564 0.29386  -0.03592 227 HOH B O     
# 
loop_
_pdbx_poly_seq_scheme.asym_id 
_pdbx_poly_seq_scheme.entity_id 
_pdbx_poly_seq_scheme.seq_id 
_pdbx_poly_seq_scheme.mon_id 
_pdbx_poly_seq_scheme.ndb_seq_num 
_pdbx_poly_seq_scheme.pdb_seq_num 
_pdbx_poly_seq_scheme.auth_seq_num 
_pdbx_poly_seq_scheme.pdb_mon_id 
_pdbx_poly_seq_scheme.auth_mon_id 
_pdbx_poly_seq_scheme.pdb_strand_id 
_pdbx_poly_seq_scheme.pdb_ins_code 
_pdbx_poly_seq_scheme.hetero 
A 1 1 8OG 1 1 1 8OG 8OG A . n 
A 1 2 DC  2 2 2 DC  DC  A . n 
A 1 3 DA  3 3 3 DA  DA  A . n 
A 1 4 DT  4 4 4 DT  DT  A . n 
A 1 5 DG  5 5 5 DG  DG  A . n 
A 1 6 DC  6 6 6 DC  DC  A . n 
A 1 7 DT  7 7 7 DT  DT  A . n 
B 1 1 8OG 1 1 1 8OG 8OG B . n 
B 1 2 DC  2 2 2 DC  DC  B . n 
B 1 3 DA  3 3 3 DA  DA  B . n 
B 1 4 DT  4 4 4 DT  DT  B . n 
B 1 5 DG  5 5 5 DG  DG  B . n 
B 1 6 DC  6 6 6 DC  DC  B . n 
B 1 7 DT  7 7 7 DT  DT  B . n 
# 
_pdbx_contact_author.id                 2 
_pdbx_contact_author.email              james.hall@reading.ac.uk 
_pdbx_contact_author.name_first         James 
_pdbx_contact_author.name_last          Hall 
_pdbx_contact_author.name_mi            ? 
_pdbx_contact_author.role               'principal investigator/group leader' 
_pdbx_contact_author.identifier_ORCID   0000-0003-3716-4378 
# 
loop_
_pdbx_nonpoly_scheme.asym_id 
_pdbx_nonpoly_scheme.entity_id 
_pdbx_nonpoly_scheme.mon_id 
_pdbx_nonpoly_scheme.ndb_seq_num 
_pdbx_nonpoly_scheme.pdb_seq_num 
_pdbx_nonpoly_scheme.auth_seq_num 
_pdbx_nonpoly_scheme.pdb_mon_id 
_pdbx_nonpoly_scheme.auth_mon_id 
_pdbx_nonpoly_scheme.pdb_strand_id 
_pdbx_nonpoly_scheme.pdb_ins_code 
C 2 NCO 1  101 101 NCO NCO A . 
D 2 NCO 1  102 102 NCO NCO A . 
E 2 NCO 1  103 103 NCO NCO A . 
F 2 NCO 1  104 104 NCO NCO A . 
G 3 CU  1  105 1   CU  CU  A . 
H 3 CU  1  101 2   CU  CU  B . 
I 4 HOH 1  201 14  HOH HOH A . 
I 4 HOH 2  202 42  HOH HOH A . 
I 4 HOH 3  203 4   HOH HOH A . 
I 4 HOH 4  204 53  HOH HOH A . 
I 4 HOH 5  205 9   HOH HOH A . 
I 4 HOH 6  206 12  HOH HOH A . 
I 4 HOH 7  207 13  HOH HOH A . 
I 4 HOH 8  208 41  HOH HOH A . 
I 4 HOH 9  209 10  HOH HOH A . 
I 4 HOH 10 210 38  HOH HOH A . 
I 4 HOH 11 211 43  HOH HOH A . 
I 4 HOH 12 212 32  HOH HOH A . 
I 4 HOH 13 213 20  HOH HOH A . 
I 4 HOH 14 214 29  HOH HOH A . 
I 4 HOH 15 215 26  HOH HOH A . 
I 4 HOH 16 216 27  HOH HOH A . 
I 4 HOH 17 217 40  HOH HOH A . 
I 4 HOH 18 218 48  HOH HOH A . 
I 4 HOH 19 219 31  HOH HOH A . 
I 4 HOH 20 220 54  HOH HOH A . 
I 4 HOH 21 221 34  HOH HOH A . 
I 4 HOH 22 222 52  HOH HOH A . 
I 4 HOH 23 223 46  HOH HOH A . 
I 4 HOH 24 224 44  HOH HOH A . 
J 4 HOH 1  201 28  HOH HOH B . 
J 4 HOH 2  202 35  HOH HOH B . 
J 4 HOH 3  203 5   HOH HOH B . 
J 4 HOH 4  204 18  HOH HOH B . 
J 4 HOH 5  205 1   HOH HOH B . 
J 4 HOH 6  206 8   HOH HOH B . 
J 4 HOH 7  207 50  HOH HOH B . 
J 4 HOH 8  208 11  HOH HOH B . 
J 4 HOH 9  209 2   HOH HOH B . 
J 4 HOH 10 210 19  HOH HOH B . 
J 4 HOH 11 211 3   HOH HOH B . 
J 4 HOH 12 212 6   HOH HOH B . 
J 4 HOH 13 213 39  HOH HOH B . 
J 4 HOH 14 214 22  HOH HOH B . 
J 4 HOH 15 215 17  HOH HOH B . 
J 4 HOH 16 216 45  HOH HOH B . 
J 4 HOH 17 217 7   HOH HOH B . 
J 4 HOH 18 218 30  HOH HOH B . 
J 4 HOH 19 219 37  HOH HOH B . 
J 4 HOH 20 220 51  HOH HOH B . 
J 4 HOH 21 221 33  HOH HOH B . 
J 4 HOH 22 222 24  HOH HOH B . 
J 4 HOH 23 223 49  HOH HOH B . 
J 4 HOH 24 224 15  HOH HOH B . 
J 4 HOH 25 225 16  HOH HOH B . 
J 4 HOH 26 226 25  HOH HOH B . 
J 4 HOH 27 227 47  HOH HOH B . 
# 
loop_
_pdbx_struct_assembly.id 
_pdbx_struct_assembly.details 
_pdbx_struct_assembly.method_details 
_pdbx_struct_assembly.oligomeric_details 
_pdbx_struct_assembly.oligomeric_count 
1 author_defined_assembly ? dimeric 2 
2 author_defined_assembly ? dimeric 2 
# 
loop_
_pdbx_struct_assembly_gen.assembly_id 
_pdbx_struct_assembly_gen.oper_expression 
_pdbx_struct_assembly_gen.asym_id_list 
1 1 A,C,D,E,F,G,I 
1 2 A,C,D,E,F,G,I 
2 1 B,H,J         
2 2 B,H,J         
# 
loop_
_pdbx_struct_oper_list.id 
_pdbx_struct_oper_list.type 
_pdbx_struct_oper_list.name 
_pdbx_struct_oper_list.symmetry_operation 
_pdbx_struct_oper_list.matrix[1][1] 
_pdbx_struct_oper_list.matrix[1][2] 
_pdbx_struct_oper_list.matrix[1][3] 
_pdbx_struct_oper_list.vector[1] 
_pdbx_struct_oper_list.matrix[2][1] 
_pdbx_struct_oper_list.matrix[2][2] 
_pdbx_struct_oper_list.matrix[2][3] 
_pdbx_struct_oper_list.vector[2] 
_pdbx_struct_oper_list.matrix[3][1] 
_pdbx_struct_oper_list.matrix[3][2] 
_pdbx_struct_oper_list.matrix[3][3] 
_pdbx_struct_oper_list.vector[3] 
1 'identity operation'         1_555 x,y,z       1.0000000000  0.0000000000  0.0000000000  0.0000000000  0.0000000000  1.0000000000  0.0000000000 0.0000000000 0.0000000000  0.0000000000 1.0000000000 0.0000000000  
2 'crystal symmetry operation' 3_555 -x,y,-z+1/2 -0.9453329649 -0.2204526198 -0.2403044483 -2.1478092009 -0.2204526198 -0.1109933527 0.9690619784 2.3685288849 -0.2403044483 0.9690619784 0.0563263176 -2.6614686630 
# 
loop_
_pdbx_struct_special_symmetry.id 
_pdbx_struct_special_symmetry.PDB_model_num 
_pdbx_struct_special_symmetry.auth_asym_id 
_pdbx_struct_special_symmetry.auth_comp_id 
_pdbx_struct_special_symmetry.auth_seq_id 
_pdbx_struct_special_symmetry.PDB_ins_code 
_pdbx_struct_special_symmetry.label_asym_id 
_pdbx_struct_special_symmetry.label_comp_id 
_pdbx_struct_special_symmetry.label_seq_id 
1 1 A NCO 102 ? D NCO . 
2 1 B HOH 219 ? J HOH . 
3 1 B HOH 225 ? J HOH . 
# 
_pdbx_struct_conn_angle.id                    1 
_pdbx_struct_conn_angle.ptnr1_label_atom_id   N7 
_pdbx_struct_conn_angle.ptnr1_label_alt_id    ? 
_pdbx_struct_conn_angle.ptnr1_label_asym_id   A 
_pdbx_struct_conn_angle.ptnr1_label_comp_id   DG 
_pdbx_struct_conn_angle.ptnr1_label_seq_id    5 
_pdbx_struct_conn_angle.ptnr1_auth_atom_id    ? 
_pdbx_struct_conn_angle.ptnr1_auth_asym_id    A 
_pdbx_struct_conn_angle.ptnr1_auth_comp_id    DG 
_pdbx_struct_conn_angle.ptnr1_auth_seq_id     5 
_pdbx_struct_conn_angle.ptnr1_PDB_ins_code    ? 
_pdbx_struct_conn_angle.ptnr1_symmetry        1_555 
_pdbx_struct_conn_angle.ptnr2_label_atom_id   CU 
_pdbx_struct_conn_angle.ptnr2_label_alt_id    ? 
_pdbx_struct_conn_angle.ptnr2_label_asym_id   G 
_pdbx_struct_conn_angle.ptnr2_label_comp_id   CU 
_pdbx_struct_conn_angle.ptnr2_label_seq_id    . 
_pdbx_struct_conn_angle.ptnr2_auth_atom_id    ? 
_pdbx_struct_conn_angle.ptnr2_auth_asym_id    A 
_pdbx_struct_conn_angle.ptnr2_auth_comp_id    CU 
_pdbx_struct_conn_angle.ptnr2_auth_seq_id     105 
_pdbx_struct_conn_angle.ptnr2_PDB_ins_code    ? 
_pdbx_struct_conn_angle.ptnr2_symmetry        1_555 
_pdbx_struct_conn_angle.ptnr3_label_atom_id   O 
_pdbx_struct_conn_angle.ptnr3_label_alt_id    ? 
_pdbx_struct_conn_angle.ptnr3_label_asym_id   I 
_pdbx_struct_conn_angle.ptnr3_label_comp_id   HOH 
_pdbx_struct_conn_angle.ptnr3_label_seq_id    . 
_pdbx_struct_conn_angle.ptnr3_auth_atom_id    ? 
_pdbx_struct_conn_angle.ptnr3_auth_asym_id    A 
_pdbx_struct_conn_angle.ptnr3_auth_comp_id    HOH 
_pdbx_struct_conn_angle.ptnr3_auth_seq_id     202 
_pdbx_struct_conn_angle.ptnr3_PDB_ins_code    ? 
_pdbx_struct_conn_angle.ptnr3_symmetry        1_555 
_pdbx_struct_conn_angle.value                 111.5 
_pdbx_struct_conn_angle.value_esd             ? 
# 
_pdbx_audit_revision_history.ordinal             1 
_pdbx_audit_revision_history.data_content_type   'Structure model' 
_pdbx_audit_revision_history.major_revision      1 
_pdbx_audit_revision_history.minor_revision      0 
_pdbx_audit_revision_history.revision_date       2023-10-25 
# 
_pdbx_audit_revision_details.ordinal             1 
_pdbx_audit_revision_details.revision_ordinal    1 
_pdbx_audit_revision_details.data_content_type   'Structure model' 
_pdbx_audit_revision_details.provider            repository 
_pdbx_audit_revision_details.type                'Initial release' 
_pdbx_audit_revision_details.description         ? 
_pdbx_audit_revision_details.details             ? 
# 
loop_
_space_group_symop.id 
_space_group_symop.operation_xyz 
1 x,y,z               
2 x,-y,-z             
3 -x,y,-z+1/2         
4 -x,-y,z+1/2         
5 x+1/2,y+1/2,z       
6 x+1/2,-y+1/2,-z     
7 -x+1/2,y+1/2,-z+1/2 
8 -x+1/2,-y+1/2,z+1/2 
# 
loop_
_software.citation_id 
_software.classification 
_software.compiler_name 
_software.compiler_version 
_software.contact_author 
_software.contact_author_email 
_software.date 
_software.description 
_software.dependencies 
_software.hardware 
_software.language 
_software.location 
_software.mods 
_software.name 
_software.os 
_software.os_version 
_software.type 
_software.version 
_software.pdbx_ordinal 
? 'data scaling'   ? ? ? ? ? ? ? ? ? ? ? xia2   ? ? ? .           1 
? 'data reduction' ? ? ? ? ? ? ? ? ? ? ? XDS    ? ? ? .           2 
? phasing          ? ? ? ? ? ? ? ? ? ? ? PHASER ? ? ? .           3 
? 'model building' ? ? ? ? ? ? ? ? ? ? ? Coot   ? ? ? .           4 
? refinement       ? ? ? ? ? ? ? ? ? ? ? PHENIX ? ? ? 1.20.1_4487 5 
# 
_pdbx_entry_details.entry_id                 8BAG 
_pdbx_entry_details.has_ligand_of_interest   Y 
_pdbx_entry_details.compound_details         ? 
_pdbx_entry_details.source_details           ? 
_pdbx_entry_details.nonpolymer_details       ? 
_pdbx_entry_details.sequence_details         ? 
# 
_pdbx_distant_solvent_atoms.id                                1 
_pdbx_distant_solvent_atoms.PDB_model_num                     1 
_pdbx_distant_solvent_atoms.auth_atom_id                      O 
_pdbx_distant_solvent_atoms.label_alt_id                      ? 
_pdbx_distant_solvent_atoms.auth_asym_id                      A 
_pdbx_distant_solvent_atoms.auth_comp_id                      HOH 
_pdbx_distant_solvent_atoms.auth_seq_id                       224 
_pdbx_distant_solvent_atoms.PDB_ins_code                      ? 
_pdbx_distant_solvent_atoms.neighbor_macromolecule_distance   7.39 
_pdbx_distant_solvent_atoms.neighbor_ligand_distance          . 
# 
loop_
_chem_comp_atom.comp_id 
_chem_comp_atom.atom_id 
_chem_comp_atom.type_symbol 
_chem_comp_atom.pdbx_aromatic_flag 
_chem_comp_atom.pdbx_stereo_config 
_chem_comp_atom.pdbx_ordinal 
8OG OP3    O  N N 1   
8OG P      P  N N 2   
8OG OP1    O  N N 3   
8OG OP2    O  N N 4   
8OG "O5'"  O  N N 5   
8OG "C5'"  C  N N 6   
8OG "C4'"  C  N R 7   
8OG "O4'"  O  N N 8   
8OG "C3'"  C  N S 9   
8OG "O3'"  O  N N 10  
8OG "C2'"  C  N N 11  
8OG "C1'"  C  N R 12  
8OG N9     N  N N 13  
8OG C8     C  N N 14  
8OG N7     N  N N 15  
8OG C5     C  N N 16  
8OG C6     C  N N 17  
8OG O6     O  N N 18  
8OG N1     N  N N 19  
8OG C2     C  N N 20  
8OG N2     N  N N 21  
8OG N3     N  N N 22  
8OG C4     C  N N 23  
8OG O8     O  N N 24  
8OG HOP3   H  N N 25  
8OG HOP2   H  N N 26  
8OG "H5'"  H  N N 27  
8OG "H5''" H  N N 28  
8OG "H4'"  H  N N 29  
8OG "H3'"  H  N N 30  
8OG "HO3'" H  N N 31  
8OG "H2'"  H  N N 32  
8OG "H2''" H  N N 33  
8OG "H1'"  H  N N 34  
8OG H7     H  N N 35  
8OG H1     H  N N 36  
8OG H21    H  N N 37  
8OG H22    H  N N 38  
CU  CU     CU N N 39  
DA  OP3    O  N N 40  
DA  P      P  N N 41  
DA  OP1    O  N N 42  
DA  OP2    O  N N 43  
DA  "O5'"  O  N N 44  
DA  "C5'"  C  N N 45  
DA  "C4'"  C  N R 46  
DA  "O4'"  O  N N 47  
DA  "C3'"  C  N S 48  
DA  "O3'"  O  N N 49  
DA  "C2'"  C  N N 50  
DA  "C1'"  C  N R 51  
DA  N9     N  Y N 52  
DA  C8     C  Y N 53  
DA  N7     N  Y N 54  
DA  C5     C  Y N 55  
DA  C6     C  Y N 56  
DA  N6     N  N N 57  
DA  N1     N  Y N 58  
DA  C2     C  Y N 59  
DA  N3     N  Y N 60  
DA  C4     C  Y N 61  
DA  HOP3   H  N N 62  
DA  HOP2   H  N N 63  
DA  "H5'"  H  N N 64  
DA  "H5''" H  N N 65  
DA  "H4'"  H  N N 66  
DA  "H3'"  H  N N 67  
DA  "HO3'" H  N N 68  
DA  "H2'"  H  N N 69  
DA  "H2''" H  N N 70  
DA  "H1'"  H  N N 71  
DA  H8     H  N N 72  
DA  H61    H  N N 73  
DA  H62    H  N N 74  
DA  H2     H  N N 75  
DC  OP3    O  N N 76  
DC  P      P  N N 77  
DC  OP1    O  N N 78  
DC  OP2    O  N N 79  
DC  "O5'"  O  N N 80  
DC  "C5'"  C  N N 81  
DC  "C4'"  C  N R 82  
DC  "O4'"  O  N N 83  
DC  "C3'"  C  N S 84  
DC  "O3'"  O  N N 85  
DC  "C2'"  C  N N 86  
DC  "C1'"  C  N R 87  
DC  N1     N  N N 88  
DC  C2     C  N N 89  
DC  O2     O  N N 90  
DC  N3     N  N N 91  
DC  C4     C  N N 92  
DC  N4     N  N N 93  
DC  C5     C  N N 94  
DC  C6     C  N N 95  
DC  HOP3   H  N N 96  
DC  HOP2   H  N N 97  
DC  "H5'"  H  N N 98  
DC  "H5''" H  N N 99  
DC  "H4'"  H  N N 100 
DC  "H3'"  H  N N 101 
DC  "HO3'" H  N N 102 
DC  "H2'"  H  N N 103 
DC  "H2''" H  N N 104 
DC  "H1'"  H  N N 105 
DC  H41    H  N N 106 
DC  H42    H  N N 107 
DC  H5     H  N N 108 
DC  H6     H  N N 109 
DG  OP3    O  N N 110 
DG  P      P  N N 111 
DG  OP1    O  N N 112 
DG  OP2    O  N N 113 
DG  "O5'"  O  N N 114 
DG  "C5'"  C  N N 115 
DG  "C4'"  C  N R 116 
DG  "O4'"  O  N N 117 
DG  "C3'"  C  N S 118 
DG  "O3'"  O  N N 119 
DG  "C2'"  C  N N 120 
DG  "C1'"  C  N R 121 
DG  N9     N  Y N 122 
DG  C8     C  Y N 123 
DG  N7     N  Y N 124 
DG  C5     C  Y N 125 
DG  C6     C  N N 126 
DG  O6     O  N N 127 
DG  N1     N  N N 128 
DG  C2     C  N N 129 
DG  N2     N  N N 130 
DG  N3     N  N N 131 
DG  C4     C  Y N 132 
DG  HOP3   H  N N 133 
DG  HOP2   H  N N 134 
DG  "H5'"  H  N N 135 
DG  "H5''" H  N N 136 
DG  "H4'"  H  N N 137 
DG  "H3'"  H  N N 138 
DG  "HO3'" H  N N 139 
DG  "H2'"  H  N N 140 
DG  "H2''" H  N N 141 
DG  "H1'"  H  N N 142 
DG  H8     H  N N 143 
DG  H1     H  N N 144 
DG  H21    H  N N 145 
DG  H22    H  N N 146 
DT  OP3    O  N N 147 
DT  P      P  N N 148 
DT  OP1    O  N N 149 
DT  OP2    O  N N 150 
DT  "O5'"  O  N N 151 
DT  "C5'"  C  N N 152 
DT  "C4'"  C  N R 153 
DT  "O4'"  O  N N 154 
DT  "C3'"  C  N S 155 
DT  "O3'"  O  N N 156 
DT  "C2'"  C  N N 157 
DT  "C1'"  C  N R 158 
DT  N1     N  N N 159 
DT  C2     C  N N 160 
DT  O2     O  N N 161 
DT  N3     N  N N 162 
DT  C4     C  N N 163 
DT  O4     O  N N 164 
DT  C5     C  N N 165 
DT  C7     C  N N 166 
DT  C6     C  N N 167 
DT  HOP3   H  N N 168 
DT  HOP2   H  N N 169 
DT  "H5'"  H  N N 170 
DT  "H5''" H  N N 171 
DT  "H4'"  H  N N 172 
DT  "H3'"  H  N N 173 
DT  "HO3'" H  N N 174 
DT  "H2'"  H  N N 175 
DT  "H2''" H  N N 176 
DT  "H1'"  H  N N 177 
DT  H3     H  N N 178 
DT  H71    H  N N 179 
DT  H72    H  N N 180 
DT  H73    H  N N 181 
DT  H6     H  N N 182 
HOH O      O  N N 183 
HOH H1     H  N N 184 
HOH H2     H  N N 185 
NCO CO     CO N N 186 
NCO N1     N  N N 187 
NCO N2     N  N N 188 
NCO N3     N  N N 189 
NCO N4     N  N N 190 
NCO N5     N  N N 191 
NCO N6     N  N N 192 
NCO HN11   H  N N 193 
NCO HN12   H  N N 194 
NCO HN13   H  N N 195 
NCO HN21   H  N N 196 
NCO HN22   H  N N 197 
NCO HN23   H  N N 198 
NCO HN31   H  N N 199 
NCO HN32   H  N N 200 
NCO HN33   H  N N 201 
NCO HN41   H  N N 202 
NCO HN42   H  N N 203 
NCO HN43   H  N N 204 
NCO HN51   H  N N 205 
NCO HN52   H  N N 206 
NCO HN53   H  N N 207 
NCO HN61   H  N N 208 
NCO HN62   H  N N 209 
NCO HN63   H  N N 210 
# 
loop_
_chem_comp_bond.comp_id 
_chem_comp_bond.atom_id_1 
_chem_comp_bond.atom_id_2 
_chem_comp_bond.value_order 
_chem_comp_bond.pdbx_aromatic_flag 
_chem_comp_bond.pdbx_stereo_config 
_chem_comp_bond.pdbx_ordinal 
8OG OP3   P      sing N N 1   
8OG OP3   HOP3   sing N N 2   
8OG P     OP1    doub N N 3   
8OG P     OP2    sing N N 4   
8OG P     "O5'"  sing N N 5   
8OG OP2   HOP2   sing N N 6   
8OG "O5'" "C5'"  sing N N 7   
8OG "C5'" "C4'"  sing N N 8   
8OG "C5'" "H5'"  sing N N 9   
8OG "C5'" "H5''" sing N N 10  
8OG "C4'" "O4'"  sing N N 11  
8OG "C4'" "C3'"  sing N N 12  
8OG "C4'" "H4'"  sing N N 13  
8OG "O4'" "C1'"  sing N N 14  
8OG "C3'" "O3'"  sing N N 15  
8OG "C3'" "C2'"  sing N N 16  
8OG "C3'" "H3'"  sing N N 17  
8OG "O3'" "HO3'" sing N N 18  
8OG "C2'" "C1'"  sing N N 19  
8OG "C2'" "H2'"  sing N N 20  
8OG "C2'" "H2''" sing N N 21  
8OG "C1'" N9     sing N N 22  
8OG "C1'" "H1'"  sing N N 23  
8OG N9    C8     sing N N 24  
8OG N9    C4     sing N N 25  
8OG C8    N7     sing N N 26  
8OG C8    O8     doub N N 27  
8OG N7    C5     sing N N 28  
8OG N7    H7     sing N N 29  
8OG C5    C6     sing N N 30  
8OG C5    C4     doub N N 31  
8OG C6    O6     doub N N 32  
8OG C6    N1     sing N N 33  
8OG N1    C2     sing N N 34  
8OG N1    H1     sing N N 35  
8OG C2    N2     sing N N 36  
8OG C2    N3     doub N N 37  
8OG N2    H21    sing N N 38  
8OG N2    H22    sing N N 39  
8OG N3    C4     sing N N 40  
DA  OP3   P      sing N N 41  
DA  OP3   HOP3   sing N N 42  
DA  P     OP1    doub N N 43  
DA  P     OP2    sing N N 44  
DA  P     "O5'"  sing N N 45  
DA  OP2   HOP2   sing N N 46  
DA  "O5'" "C5'"  sing N N 47  
DA  "C5'" "C4'"  sing N N 48  
DA  "C5'" "H5'"  sing N N 49  
DA  "C5'" "H5''" sing N N 50  
DA  "C4'" "O4'"  sing N N 51  
DA  "C4'" "C3'"  sing N N 52  
DA  "C4'" "H4'"  sing N N 53  
DA  "O4'" "C1'"  sing N N 54  
DA  "C3'" "O3'"  sing N N 55  
DA  "C3'" "C2'"  sing N N 56  
DA  "C3'" "H3'"  sing N N 57  
DA  "O3'" "HO3'" sing N N 58  
DA  "C2'" "C1'"  sing N N 59  
DA  "C2'" "H2'"  sing N N 60  
DA  "C2'" "H2''" sing N N 61  
DA  "C1'" N9     sing N N 62  
DA  "C1'" "H1'"  sing N N 63  
DA  N9    C8     sing Y N 64  
DA  N9    C4     sing Y N 65  
DA  C8    N7     doub Y N 66  
DA  C8    H8     sing N N 67  
DA  N7    C5     sing Y N 68  
DA  C5    C6     sing Y N 69  
DA  C5    C4     doub Y N 70  
DA  C6    N6     sing N N 71  
DA  C6    N1     doub Y N 72  
DA  N6    H61    sing N N 73  
DA  N6    H62    sing N N 74  
DA  N1    C2     sing Y N 75  
DA  C2    N3     doub Y N 76  
DA  C2    H2     sing N N 77  
DA  N3    C4     sing Y N 78  
DC  OP3   P      sing N N 79  
DC  OP3   HOP3   sing N N 80  
DC  P     OP1    doub N N 81  
DC  P     OP2    sing N N 82  
DC  P     "O5'"  sing N N 83  
DC  OP2   HOP2   sing N N 84  
DC  "O5'" "C5'"  sing N N 85  
DC  "C5'" "C4'"  sing N N 86  
DC  "C5'" "H5'"  sing N N 87  
DC  "C5'" "H5''" sing N N 88  
DC  "C4'" "O4'"  sing N N 89  
DC  "C4'" "C3'"  sing N N 90  
DC  "C4'" "H4'"  sing N N 91  
DC  "O4'" "C1'"  sing N N 92  
DC  "C3'" "O3'"  sing N N 93  
DC  "C3'" "C2'"  sing N N 94  
DC  "C3'" "H3'"  sing N N 95  
DC  "O3'" "HO3'" sing N N 96  
DC  "C2'" "C1'"  sing N N 97  
DC  "C2'" "H2'"  sing N N 98  
DC  "C2'" "H2''" sing N N 99  
DC  "C1'" N1     sing N N 100 
DC  "C1'" "H1'"  sing N N 101 
DC  N1    C2     sing N N 102 
DC  N1    C6     sing N N 103 
DC  C2    O2     doub N N 104 
DC  C2    N3     sing N N 105 
DC  N3    C4     doub N N 106 
DC  C4    N4     sing N N 107 
DC  C4    C5     sing N N 108 
DC  N4    H41    sing N N 109 
DC  N4    H42    sing N N 110 
DC  C5    C6     doub N N 111 
DC  C5    H5     sing N N 112 
DC  C6    H6     sing N N 113 
DG  OP3   P      sing N N 114 
DG  OP3   HOP3   sing N N 115 
DG  P     OP1    doub N N 116 
DG  P     OP2    sing N N 117 
DG  P     "O5'"  sing N N 118 
DG  OP2   HOP2   sing N N 119 
DG  "O5'" "C5'"  sing N N 120 
DG  "C5'" "C4'"  sing N N 121 
DG  "C5'" "H5'"  sing N N 122 
DG  "C5'" "H5''" sing N N 123 
DG  "C4'" "O4'"  sing N N 124 
DG  "C4'" "C3'"  sing N N 125 
DG  "C4'" "H4'"  sing N N 126 
DG  "O4'" "C1'"  sing N N 127 
DG  "C3'" "O3'"  sing N N 128 
DG  "C3'" "C2'"  sing N N 129 
DG  "C3'" "H3'"  sing N N 130 
DG  "O3'" "HO3'" sing N N 131 
DG  "C2'" "C1'"  sing N N 132 
DG  "C2'" "H2'"  sing N N 133 
DG  "C2'" "H2''" sing N N 134 
DG  "C1'" N9     sing N N 135 
DG  "C1'" "H1'"  sing N N 136 
DG  N9    C8     sing Y N 137 
DG  N9    C4     sing Y N 138 
DG  C8    N7     doub Y N 139 
DG  C8    H8     sing N N 140 
DG  N7    C5     sing Y N 141 
DG  C5    C6     sing N N 142 
DG  C5    C4     doub Y N 143 
DG  C6    O6     doub N N 144 
DG  C6    N1     sing N N 145 
DG  N1    C2     sing N N 146 
DG  N1    H1     sing N N 147 
DG  C2    N2     sing N N 148 
DG  C2    N3     doub N N 149 
DG  N2    H21    sing N N 150 
DG  N2    H22    sing N N 151 
DG  N3    C4     sing N N 152 
DT  OP3   P      sing N N 153 
DT  OP3   HOP3   sing N N 154 
DT  P     OP1    doub N N 155 
DT  P     OP2    sing N N 156 
DT  P     "O5'"  sing N N 157 
DT  OP2   HOP2   sing N N 158 
DT  "O5'" "C5'"  sing N N 159 
DT  "C5'" "C4'"  sing N N 160 
DT  "C5'" "H5'"  sing N N 161 
DT  "C5'" "H5''" sing N N 162 
DT  "C4'" "O4'"  sing N N 163 
DT  "C4'" "C3'"  sing N N 164 
DT  "C4'" "H4'"  sing N N 165 
DT  "O4'" "C1'"  sing N N 166 
DT  "C3'" "O3'"  sing N N 167 
DT  "C3'" "C2'"  sing N N 168 
DT  "C3'" "H3'"  sing N N 169 
DT  "O3'" "HO3'" sing N N 170 
DT  "C2'" "C1'"  sing N N 171 
DT  "C2'" "H2'"  sing N N 172 
DT  "C2'" "H2''" sing N N 173 
DT  "C1'" N1     sing N N 174 
DT  "C1'" "H1'"  sing N N 175 
DT  N1    C2     sing N N 176 
DT  N1    C6     sing N N 177 
DT  C2    O2     doub N N 178 
DT  C2    N3     sing N N 179 
DT  N3    C4     sing N N 180 
DT  N3    H3     sing N N 181 
DT  C4    O4     doub N N 182 
DT  C4    C5     sing N N 183 
DT  C5    C7     sing N N 184 
DT  C5    C6     doub N N 185 
DT  C7    H71    sing N N 186 
DT  C7    H72    sing N N 187 
DT  C7    H73    sing N N 188 
DT  C6    H6     sing N N 189 
HOH O     H1     sing N N 190 
HOH O     H2     sing N N 191 
NCO CO    N1     sing N N 192 
NCO CO    N2     sing N N 193 
NCO CO    N3     sing N N 194 
NCO CO    N4     sing N N 195 
NCO CO    N5     sing N N 196 
NCO CO    N6     sing N N 197 
NCO N1    HN11   sing N N 198 
NCO N1    HN12   sing N N 199 
NCO N1    HN13   sing N N 200 
NCO N2    HN21   sing N N 201 
NCO N2    HN22   sing N N 202 
NCO N2    HN23   sing N N 203 
NCO N3    HN31   sing N N 204 
NCO N3    HN32   sing N N 205 
NCO N3    HN33   sing N N 206 
NCO N4    HN41   sing N N 207 
NCO N4    HN42   sing N N 208 
NCO N4    HN43   sing N N 209 
NCO N5    HN51   sing N N 210 
NCO N5    HN52   sing N N 211 
NCO N5    HN53   sing N N 212 
NCO N6    HN61   sing N N 213 
NCO N6    HN62   sing N N 214 
NCO N6    HN63   sing N N 215 
# 
loop_
_ndb_struct_conf_na.entry_id 
_ndb_struct_conf_na.feature 
8BAG 'double helix' 
8BAG 'hairpin loop' 
# 
loop_
_ndb_struct_na_base_pair.model_number 
_ndb_struct_na_base_pair.i_label_asym_id 
_ndb_struct_na_base_pair.i_label_comp_id 
_ndb_struct_na_base_pair.i_label_seq_id 
_ndb_struct_na_base_pair.i_symmetry 
_ndb_struct_na_base_pair.j_label_asym_id 
_ndb_struct_na_base_pair.j_label_comp_id 
_ndb_struct_na_base_pair.j_label_seq_id 
_ndb_struct_na_base_pair.j_symmetry 
_ndb_struct_na_base_pair.shear 
_ndb_struct_na_base_pair.stretch 
_ndb_struct_na_base_pair.stagger 
_ndb_struct_na_base_pair.buckle 
_ndb_struct_na_base_pair.propeller 
_ndb_struct_na_base_pair.opening 
_ndb_struct_na_base_pair.pair_number 
_ndb_struct_na_base_pair.pair_name 
_ndb_struct_na_base_pair.i_auth_asym_id 
_ndb_struct_na_base_pair.i_auth_seq_id 
_ndb_struct_na_base_pair.i_PDB_ins_code 
_ndb_struct_na_base_pair.j_auth_asym_id 
_ndb_struct_na_base_pair.j_auth_seq_id 
_ndb_struct_na_base_pair.j_PDB_ins_code 
_ndb_struct_na_base_pair.hbond_type_28 
_ndb_struct_na_base_pair.hbond_type_12 
1 A 8OG 1 1_555 A DC 6 1_555 -3.255 8.273 -0.534 -9.148  36.346 173.583 1 A_8OG1:DC6_A A 1 ? A 6 ? ? ? 
1 A DC  2 1_555 A DG 5 1_555 3.275  8.407 -0.345 8.376   37.491 176.044 2 A_DC2:DG5_A  A 2 ? A 5 ? ? ? 
1 B 8OG 1 1_555 B DC 6 1_555 -3.127 8.060 -0.605 -18.317 28.170 177.419 3 B_8OG1:DC6_B B 1 ? B 6 ? ? ? 
1 B DC  2 1_555 B DG 5 1_555 3.818  8.223 -0.164 7.530   37.131 177.055 4 B_DC2:DG5_B  B 2 ? B 5 ? ? ? 
# 
loop_
_ndb_struct_na_base_pair_step.model_number 
_ndb_struct_na_base_pair_step.i_label_asym_id_1 
_ndb_struct_na_base_pair_step.i_label_comp_id_1 
_ndb_struct_na_base_pair_step.i_label_seq_id_1 
_ndb_struct_na_base_pair_step.i_symmetry_1 
_ndb_struct_na_base_pair_step.j_label_asym_id_1 
_ndb_struct_na_base_pair_step.j_label_comp_id_1 
_ndb_struct_na_base_pair_step.j_label_seq_id_1 
_ndb_struct_na_base_pair_step.j_symmetry_1 
_ndb_struct_na_base_pair_step.i_label_asym_id_2 
_ndb_struct_na_base_pair_step.i_label_comp_id_2 
_ndb_struct_na_base_pair_step.i_label_seq_id_2 
_ndb_struct_na_base_pair_step.i_symmetry_2 
_ndb_struct_na_base_pair_step.j_label_asym_id_2 
_ndb_struct_na_base_pair_step.j_label_comp_id_2 
_ndb_struct_na_base_pair_step.j_label_seq_id_2 
_ndb_struct_na_base_pair_step.j_symmetry_2 
_ndb_struct_na_base_pair_step.shift 
_ndb_struct_na_base_pair_step.slide 
_ndb_struct_na_base_pair_step.rise 
_ndb_struct_na_base_pair_step.tilt 
_ndb_struct_na_base_pair_step.roll 
_ndb_struct_na_base_pair_step.twist 
_ndb_struct_na_base_pair_step.x_displacement 
_ndb_struct_na_base_pair_step.y_displacement 
_ndb_struct_na_base_pair_step.helical_rise 
_ndb_struct_na_base_pair_step.inclination 
_ndb_struct_na_base_pair_step.tip 
_ndb_struct_na_base_pair_step.helical_twist 
_ndb_struct_na_base_pair_step.step_number 
_ndb_struct_na_base_pair_step.step_name 
_ndb_struct_na_base_pair_step.i_auth_asym_id_1 
_ndb_struct_na_base_pair_step.i_auth_seq_id_1 
_ndb_struct_na_base_pair_step.i_PDB_ins_code_1 
_ndb_struct_na_base_pair_step.j_auth_asym_id_1 
_ndb_struct_na_base_pair_step.j_auth_seq_id_1 
_ndb_struct_na_base_pair_step.j_PDB_ins_code_1 
_ndb_struct_na_base_pair_step.i_auth_asym_id_2 
_ndb_struct_na_base_pair_step.i_auth_seq_id_2 
_ndb_struct_na_base_pair_step.i_PDB_ins_code_2 
_ndb_struct_na_base_pair_step.j_auth_asym_id_2 
_ndb_struct_na_base_pair_step.j_auth_seq_id_2 
_ndb_struct_na_base_pair_step.j_PDB_ins_code_2 
1 A 8OG 1 1_555 A DC 6 1_555 A DC 2 1_555 A DG 5 1_555 0.266 0.769 2.955 -1.914 6.694 32.396 0.306 -0.766 3.028 11.828 3.382 
33.116 1 AA_8OG1DC2:DG5DC6_AA A 1 ? A 6 ? A 2 ? A 5 ? 
1 B 8OG 1 1_555 B DC 6 1_555 B DC 2 1_555 B DG 5 1_555 0.127 0.533 3.086 -4.796 4.761 36.214 0.229 -0.821 3.088 7.578  7.633 
36.819 2 BB_8OG1DC2:DG5DC6_BB B 1 ? B 6 ? B 2 ? B 5 ? 
# 
_pdbx_audit_support.funding_organization   'Engineering and Physical Sciences Research Council' 
_pdbx_audit_support.country                'United Kingdom' 
_pdbx_audit_support.grant_number           ? 
_pdbx_audit_support.ordinal                1 
# 
_pdbx_entity_instance_feature.ordinal        1 
_pdbx_entity_instance_feature.comp_id        CU 
_pdbx_entity_instance_feature.asym_id        ? 
_pdbx_entity_instance_feature.seq_num        ? 
_pdbx_entity_instance_feature.auth_comp_id   CU 
_pdbx_entity_instance_feature.auth_asym_id   ? 
_pdbx_entity_instance_feature.auth_seq_num   ? 
_pdbx_entity_instance_feature.feature_type   'SUBJECT OF INVESTIGATION' 
_pdbx_entity_instance_feature.details        ? 
# 
loop_
_pdbx_entity_nonpoly.entity_id 
_pdbx_entity_nonpoly.name 
_pdbx_entity_nonpoly.comp_id 
2 'COBALT HEXAMMINE(III)' NCO 
3 'COPPER (II) ION'       CU  
4 water                   HOH 
# 
_pdbx_struct_assembly_auth_evidence.id                     1 
_pdbx_struct_assembly_auth_evidence.assembly_id            1 
_pdbx_struct_assembly_auth_evidence.experimental_support   none 
_pdbx_struct_assembly_auth_evidence.details                ? 
# 
_space_group.name_H-M_alt     'C 2 2 21' 
_space_group.name_Hall        'C 2c 2' 
_space_group.IT_number        20 
_space_group.crystal_system   orthorhombic 
_space_group.id               1 
# 
